data_3F5D
# 
_entry.id   3F5D 
# 
_audit_conform.dict_name       mmcif_pdbx.dic 
_audit_conform.dict_version    5.397 
_audit_conform.dict_location   http://mmcif.pdb.org/dictionaries/ascii/mmcif_pdbx.dic 
# 
loop_
_database_2.database_id 
_database_2.database_code 
_database_2.pdbx_database_accession 
_database_2.pdbx_DOI 
PDB   3F5D         pdb_00003f5d 10.2210/pdb3f5d/pdb 
RCSB  RCSB050166   ?            ?                   
WWPDB D_1000050166 ?            ?                   
# 
loop_
_pdbx_audit_revision_history.ordinal 
_pdbx_audit_revision_history.data_content_type 
_pdbx_audit_revision_history.major_revision 
_pdbx_audit_revision_history.minor_revision 
_pdbx_audit_revision_history.revision_date 
1 'Structure model' 1 0 2008-11-25 
2 'Structure model' 1 1 2011-07-13 
3 'Structure model' 1 2 2017-10-25 
4 'Structure model' 1 3 2021-02-10 
5 'Structure model' 1 4 2023-12-27 
6 'Structure model' 1 5 2024-10-30 
# 
_pdbx_audit_revision_details.ordinal             1 
_pdbx_audit_revision_details.revision_ordinal    1 
_pdbx_audit_revision_details.data_content_type   'Structure model' 
_pdbx_audit_revision_details.provider            repository 
_pdbx_audit_revision_details.type                'Initial release' 
_pdbx_audit_revision_details.description         ? 
_pdbx_audit_revision_details.details             ? 
# 
loop_
_pdbx_audit_revision_group.ordinal 
_pdbx_audit_revision_group.revision_ordinal 
_pdbx_audit_revision_group.data_content_type 
_pdbx_audit_revision_group.group 
1 2 'Structure model' 'Version format compliance' 
2 3 'Structure model' 'Refinement description'    
3 4 'Structure model' 'Database references'       
4 4 'Structure model' 'Derived calculations'      
5 4 'Structure model' 'Structure summary'         
6 5 'Structure model' 'Data collection'           
7 5 'Structure model' 'Database references'       
8 6 'Structure model' 'Structure summary'         
# 
loop_
_pdbx_audit_revision_category.ordinal 
_pdbx_audit_revision_category.revision_ordinal 
_pdbx_audit_revision_category.data_content_type 
_pdbx_audit_revision_category.category 
1 3 'Structure model' software                  
2 4 'Structure model' audit_author              
3 4 'Structure model' citation_author           
4 4 'Structure model' struct_conn               
5 5 'Structure model' chem_comp_atom            
6 5 'Structure model' chem_comp_bond            
7 5 'Structure model' database_2                
8 6 'Structure model' pdbx_entry_details        
9 6 'Structure model' pdbx_modification_feature 
# 
loop_
_pdbx_audit_revision_item.ordinal 
_pdbx_audit_revision_item.revision_ordinal 
_pdbx_audit_revision_item.data_content_type 
_pdbx_audit_revision_item.item 
1 4 'Structure model' '_audit_author.identifier_ORCID'      
2 4 'Structure model' '_citation_author.identifier_ORCID'   
3 4 'Structure model' '_struct_conn.pdbx_leaving_atom_flag' 
4 5 'Structure model' '_database_2.pdbx_DOI'                
5 5 'Structure model' '_database_2.pdbx_database_accession' 
# 
_pdbx_database_status.status_code                     REL 
_pdbx_database_status.entry_id                        3F5D 
_pdbx_database_status.recvd_initial_deposition_date   2008-11-03 
_pdbx_database_status.deposit_site                    RCSB 
_pdbx_database_status.process_site                    RCSB 
_pdbx_database_status.status_code_sf                  REL 
_pdbx_database_status.status_code_mr                  ? 
_pdbx_database_status.SG_entry                        Y 
_pdbx_database_status.pdb_format_compatible           Y 
_pdbx_database_status.status_code_cs                  ? 
_pdbx_database_status.methods_development_category    ? 
_pdbx_database_status.status_code_nmr_data            ? 
# 
_pdbx_database_related.db_name        TargetDB 
_pdbx_database_related.db_id          NYSGXRC-11172g 
_pdbx_database_related.details        . 
_pdbx_database_related.content_type   unspecified 
# 
loop_
_audit_author.name 
_audit_author.pdbx_ordinal 
_audit_author.identifier_ORCID 
'Sugadev, R.'                                                    1 ?                   
'Burley, S.K.'                                                   2 0000-0002-2487-9713 
'Swaminathan, S.'                                                3 ?                   
'New York SGX Research Center for Structural Genomics (NYSGXRC)' 4 ?                   
# 
_citation.id                        primary 
_citation.title                     'Crystal Structure of a  protein of unknown function from Bacillus subtilis' 
_citation.journal_abbrev            'To be Published' 
_citation.journal_volume            ? 
_citation.page_first                ? 
_citation.page_last                 ? 
_citation.year                      ? 
_citation.journal_id_ASTM           ? 
_citation.country                   ? 
_citation.journal_id_ISSN           ? 
_citation.journal_id_CSD            0353 
_citation.book_publisher            ? 
_citation.pdbx_database_id_PubMed   ? 
_citation.pdbx_database_id_DOI      ? 
# 
loop_
_citation_author.citation_id 
_citation_author.name 
_citation_author.ordinal 
_citation_author.identifier_ORCID 
primary 'Sugadev, R.'     1 ?                   
primary 'Burley, S.K.'    2 0000-0002-2487-9713 
primary 'Swaminathan, S.' 3 ?                   
# 
loop_
_entity.id 
_entity.type 
_entity.src_method 
_entity.pdbx_description 
_entity.formula_weight 
_entity.pdbx_number_of_molecules 
_entity.pdbx_ec 
_entity.pdbx_mutation 
_entity.pdbx_fragment 
_entity.details 
1 polymer man 'protein YdeA' 23858.211 1   ? ? ? ? 
2 water   nat water          18.015    127 ? ? ? ? 
# 
_entity_poly.entity_id                      1 
_entity_poly.type                           'polypeptide(L)' 
_entity_poly.nstd_linkage                   no 
_entity_poly.nstd_monomer                   yes 
_entity_poly.pdbx_seq_one_letter_code       
;(MSE)SLKKALFLILDQYADWEGVYLASALNQREDWSVHTVSLDPIVSSIGGFKTSVDYIIGLEPANFNLLV(MSE)IGG
DSWSNDNKKLLHFVKTAFQKNIPIAAICGAVDFLAKNGLLNNHSHTGNFVYLWKDYKQYKPISSFVEKQAVRDKNLVTAN
GTAPIEFTNLILE(MSE)IDFDTPENIEK(MSE)(MSE)Y(MSE)NRYGFYHFCDKYGNPFVEGHHHHHH
;
_entity_poly.pdbx_seq_one_letter_code_can   
;MSLKKALFLILDQYADWEGVYLASALNQREDWSVHTVSLDPIVSSIGGFKTSVDYIIGLEPANFNLLVMIGGDSWSNDNK
KLLHFVKTAFQKNIPIAAICGAVDFLAKNGLLNNHSHTGNFVYLWKDYKQYKPISSFVEKQAVRDKNLVTANGTAPIEFT
NLILEMIDFDTPENIEKMMYMNRYGFYHFCDKYGNPFVEGHHHHHH
;
_entity_poly.pdbx_strand_id                 A 
_entity_poly.pdbx_target_identifier         NYSGXRC-11172g 
# 
_pdbx_entity_nonpoly.entity_id   2 
_pdbx_entity_nonpoly.name        water 
_pdbx_entity_nonpoly.comp_id     HOH 
# 
loop_
_entity_poly_seq.entity_id 
_entity_poly_seq.num 
_entity_poly_seq.mon_id 
_entity_poly_seq.hetero 
1 1   MSE n 
1 2   SER n 
1 3   LEU n 
1 4   LYS n 
1 5   LYS n 
1 6   ALA n 
1 7   LEU n 
1 8   PHE n 
1 9   LEU n 
1 10  ILE n 
1 11  LEU n 
1 12  ASP n 
1 13  GLN n 
1 14  TYR n 
1 15  ALA n 
1 16  ASP n 
1 17  TRP n 
1 18  GLU n 
1 19  GLY n 
1 20  VAL n 
1 21  TYR n 
1 22  LEU n 
1 23  ALA n 
1 24  SER n 
1 25  ALA n 
1 26  LEU n 
1 27  ASN n 
1 28  GLN n 
1 29  ARG n 
1 30  GLU n 
1 31  ASP n 
1 32  TRP n 
1 33  SER n 
1 34  VAL n 
1 35  HIS n 
1 36  THR n 
1 37  VAL n 
1 38  SER n 
1 39  LEU n 
1 40  ASP n 
1 41  PRO n 
1 42  ILE n 
1 43  VAL n 
1 44  SER n 
1 45  SER n 
1 46  ILE n 
1 47  GLY n 
1 48  GLY n 
1 49  PHE n 
1 50  LYS n 
1 51  THR n 
1 52  SER n 
1 53  VAL n 
1 54  ASP n 
1 55  TYR n 
1 56  ILE n 
1 57  ILE n 
1 58  GLY n 
1 59  LEU n 
1 60  GLU n 
1 61  PRO n 
1 62  ALA n 
1 63  ASN n 
1 64  PHE n 
1 65  ASN n 
1 66  LEU n 
1 67  LEU n 
1 68  VAL n 
1 69  MSE n 
1 70  ILE n 
1 71  GLY n 
1 72  GLY n 
1 73  ASP n 
1 74  SER n 
1 75  TRP n 
1 76  SER n 
1 77  ASN n 
1 78  ASP n 
1 79  ASN n 
1 80  LYS n 
1 81  LYS n 
1 82  LEU n 
1 83  LEU n 
1 84  HIS n 
1 85  PHE n 
1 86  VAL n 
1 87  LYS n 
1 88  THR n 
1 89  ALA n 
1 90  PHE n 
1 91  GLN n 
1 92  LYS n 
1 93  ASN n 
1 94  ILE n 
1 95  PRO n 
1 96  ILE n 
1 97  ALA n 
1 98  ALA n 
1 99  ILE n 
1 100 CYS n 
1 101 GLY n 
1 102 ALA n 
1 103 VAL n 
1 104 ASP n 
1 105 PHE n 
1 106 LEU n 
1 107 ALA n 
1 108 LYS n 
1 109 ASN n 
1 110 GLY n 
1 111 LEU n 
1 112 LEU n 
1 113 ASN n 
1 114 ASN n 
1 115 HIS n 
1 116 SER n 
1 117 HIS n 
1 118 THR n 
1 119 GLY n 
1 120 ASN n 
1 121 PHE n 
1 122 VAL n 
1 123 TYR n 
1 124 LEU n 
1 125 TRP n 
1 126 LYS n 
1 127 ASP n 
1 128 TYR n 
1 129 LYS n 
1 130 GLN n 
1 131 TYR n 
1 132 LYS n 
1 133 PRO n 
1 134 ILE n 
1 135 SER n 
1 136 SER n 
1 137 PHE n 
1 138 VAL n 
1 139 GLU n 
1 140 LYS n 
1 141 GLN n 
1 142 ALA n 
1 143 VAL n 
1 144 ARG n 
1 145 ASP n 
1 146 LYS n 
1 147 ASN n 
1 148 LEU n 
1 149 VAL n 
1 150 THR n 
1 151 ALA n 
1 152 ASN n 
1 153 GLY n 
1 154 THR n 
1 155 ALA n 
1 156 PRO n 
1 157 ILE n 
1 158 GLU n 
1 159 PHE n 
1 160 THR n 
1 161 ASN n 
1 162 LEU n 
1 163 ILE n 
1 164 LEU n 
1 165 GLU n 
1 166 MSE n 
1 167 ILE n 
1 168 ASP n 
1 169 PHE n 
1 170 ASP n 
1 171 THR n 
1 172 PRO n 
1 173 GLU n 
1 174 ASN n 
1 175 ILE n 
1 176 GLU n 
1 177 LYS n 
1 178 MSE n 
1 179 MSE n 
1 180 TYR n 
1 181 MSE n 
1 182 ASN n 
1 183 ARG n 
1 184 TYR n 
1 185 GLY n 
1 186 PHE n 
1 187 TYR n 
1 188 HIS n 
1 189 PHE n 
1 190 CYS n 
1 191 ASP n 
1 192 LYS n 
1 193 TYR n 
1 194 GLY n 
1 195 ASN n 
1 196 PRO n 
1 197 PHE n 
1 198 VAL n 
1 199 GLU n 
1 200 GLY n 
1 201 HIS n 
1 202 HIS n 
1 203 HIS n 
1 204 HIS n 
1 205 HIS n 
1 206 HIS n 
# 
_entity_src_gen.entity_id                          1 
_entity_src_gen.pdbx_src_id                        1 
_entity_src_gen.pdbx_alt_source_flag               sample 
_entity_src_gen.pdbx_seq_type                      ? 
_entity_src_gen.pdbx_beg_seq_num                   ? 
_entity_src_gen.pdbx_end_seq_num                   ? 
_entity_src_gen.gene_src_common_name               ? 
_entity_src_gen.gene_src_genus                     ? 
_entity_src_gen.pdbx_gene_src_gene                 'ydeA, BSU05110' 
_entity_src_gen.gene_src_species                   ? 
_entity_src_gen.gene_src_strain                    'BL21(DE3)' 
_entity_src_gen.gene_src_tissue                    ? 
_entity_src_gen.gene_src_tissue_fraction           ? 
_entity_src_gen.gene_src_details                   ? 
_entity_src_gen.pdbx_gene_src_fragment             ? 
_entity_src_gen.pdbx_gene_src_scientific_name      'Bacillus subtilis' 
_entity_src_gen.pdbx_gene_src_ncbi_taxonomy_id     1423 
_entity_src_gen.pdbx_gene_src_variant              ? 
_entity_src_gen.pdbx_gene_src_cell_line            ? 
_entity_src_gen.pdbx_gene_src_atcc                 ? 
_entity_src_gen.pdbx_gene_src_organ                ? 
_entity_src_gen.pdbx_gene_src_organelle            ? 
_entity_src_gen.pdbx_gene_src_cell                 ? 
_entity_src_gen.pdbx_gene_src_cellular_location    ? 
_entity_src_gen.host_org_common_name               ? 
_entity_src_gen.pdbx_host_org_scientific_name      'Escherichia coli' 
_entity_src_gen.pdbx_host_org_ncbi_taxonomy_id     562 
_entity_src_gen.host_org_genus                     ? 
_entity_src_gen.pdbx_host_org_gene                 ? 
_entity_src_gen.pdbx_host_org_organ                ? 
_entity_src_gen.host_org_species                   ? 
_entity_src_gen.pdbx_host_org_tissue               ? 
_entity_src_gen.pdbx_host_org_tissue_fraction      ? 
_entity_src_gen.pdbx_host_org_strain               ? 
_entity_src_gen.pdbx_host_org_variant              ? 
_entity_src_gen.pdbx_host_org_cell_line            ? 
_entity_src_gen.pdbx_host_org_atcc                 ? 
_entity_src_gen.pdbx_host_org_culture_collection   ? 
_entity_src_gen.pdbx_host_org_cell                 ? 
_entity_src_gen.pdbx_host_org_organelle            ? 
_entity_src_gen.pdbx_host_org_cellular_location    ? 
_entity_src_gen.pdbx_host_org_vector_type          plasmid 
_entity_src_gen.pdbx_host_org_vector               ? 
_entity_src_gen.host_org_details                   ? 
_entity_src_gen.expression_system_id               ? 
_entity_src_gen.plasmid_name                       'pSGX3(BC)' 
_entity_src_gen.plasmid_details                    ? 
_entity_src_gen.pdbx_description                   ? 
# 
loop_
_chem_comp.id 
_chem_comp.type 
_chem_comp.mon_nstd_flag 
_chem_comp.name 
_chem_comp.pdbx_synonyms 
_chem_comp.formula 
_chem_comp.formula_weight 
ALA 'L-peptide linking' y ALANINE          ? 'C3 H7 N O2'     89.093  
ARG 'L-peptide linking' y ARGININE         ? 'C6 H15 N4 O2 1' 175.209 
ASN 'L-peptide linking' y ASPARAGINE       ? 'C4 H8 N2 O3'    132.118 
ASP 'L-peptide linking' y 'ASPARTIC ACID'  ? 'C4 H7 N O4'     133.103 
CYS 'L-peptide linking' y CYSTEINE         ? 'C3 H7 N O2 S'   121.158 
GLN 'L-peptide linking' y GLUTAMINE        ? 'C5 H10 N2 O3'   146.144 
GLU 'L-peptide linking' y 'GLUTAMIC ACID'  ? 'C5 H9 N O4'     147.129 
GLY 'peptide linking'   y GLYCINE          ? 'C2 H5 N O2'     75.067  
HIS 'L-peptide linking' y HISTIDINE        ? 'C6 H10 N3 O2 1' 156.162 
HOH non-polymer         . WATER            ? 'H2 O'           18.015  
ILE 'L-peptide linking' y ISOLEUCINE       ? 'C6 H13 N O2'    131.173 
LEU 'L-peptide linking' y LEUCINE          ? 'C6 H13 N O2'    131.173 
LYS 'L-peptide linking' y LYSINE           ? 'C6 H15 N2 O2 1' 147.195 
MSE 'L-peptide linking' n SELENOMETHIONINE ? 'C5 H11 N O2 Se' 196.106 
PHE 'L-peptide linking' y PHENYLALANINE    ? 'C9 H11 N O2'    165.189 
PRO 'L-peptide linking' y PROLINE          ? 'C5 H9 N O2'     115.130 
SER 'L-peptide linking' y SERINE           ? 'C3 H7 N O3'     105.093 
THR 'L-peptide linking' y THREONINE        ? 'C4 H9 N O3'     119.119 
TRP 'L-peptide linking' y TRYPTOPHAN       ? 'C11 H12 N2 O2'  204.225 
TYR 'L-peptide linking' y TYROSINE         ? 'C9 H11 N O3'    181.189 
VAL 'L-peptide linking' y VALINE           ? 'C5 H11 N O2'    117.146 
# 
loop_
_pdbx_poly_seq_scheme.asym_id 
_pdbx_poly_seq_scheme.entity_id 
_pdbx_poly_seq_scheme.seq_id 
_pdbx_poly_seq_scheme.mon_id 
_pdbx_poly_seq_scheme.ndb_seq_num 
_pdbx_poly_seq_scheme.pdb_seq_num 
_pdbx_poly_seq_scheme.auth_seq_num 
_pdbx_poly_seq_scheme.pdb_mon_id 
_pdbx_poly_seq_scheme.auth_mon_id 
_pdbx_poly_seq_scheme.pdb_strand_id 
_pdbx_poly_seq_scheme.pdb_ins_code 
_pdbx_poly_seq_scheme.hetero 
A 1 1   MSE 1   1   ?   ?   ?   A . n 
A 1 2   SER 2   2   ?   ?   ?   A . n 
A 1 3   LEU 3   3   3   LEU LEU A . n 
A 1 4   LYS 4   4   4   LYS LYS A . n 
A 1 5   LYS 5   5   5   LYS LYS A . n 
A 1 6   ALA 6   6   6   ALA ALA A . n 
A 1 7   LEU 7   7   7   LEU LEU A . n 
A 1 8   PHE 8   8   8   PHE PHE A . n 
A 1 9   LEU 9   9   9   LEU LEU A . n 
A 1 10  ILE 10  10  10  ILE ILE A . n 
A 1 11  LEU 11  11  11  LEU LEU A . n 
A 1 12  ASP 12  12  12  ASP ASP A . n 
A 1 13  GLN 13  13  13  GLN GLN A . n 
A 1 14  TYR 14  14  14  TYR TYR A . n 
A 1 15  ALA 15  15  15  ALA ALA A . n 
A 1 16  ASP 16  16  16  ASP ASP A . n 
A 1 17  TRP 17  17  17  TRP TRP A . n 
A 1 18  GLU 18  18  18  GLU GLU A . n 
A 1 19  GLY 19  19  19  GLY GLY A . n 
A 1 20  VAL 20  20  20  VAL VAL A . n 
A 1 21  TYR 21  21  21  TYR TYR A . n 
A 1 22  LEU 22  22  22  LEU LEU A . n 
A 1 23  ALA 23  23  23  ALA ALA A . n 
A 1 24  SER 24  24  24  SER SER A . n 
A 1 25  ALA 25  25  25  ALA ALA A . n 
A 1 26  LEU 26  26  26  LEU LEU A . n 
A 1 27  ASN 27  27  27  ASN ASN A . n 
A 1 28  GLN 28  28  28  GLN GLN A . n 
A 1 29  ARG 29  29  29  ARG ARG A . n 
A 1 30  GLU 30  30  30  GLU GLU A . n 
A 1 31  ASP 31  31  31  ASP ASP A . n 
A 1 32  TRP 32  32  32  TRP TRP A . n 
A 1 33  SER 33  33  33  SER SER A . n 
A 1 34  VAL 34  34  34  VAL VAL A . n 
A 1 35  HIS 35  35  35  HIS HIS A . n 
A 1 36  THR 36  36  36  THR THR A . n 
A 1 37  VAL 37  37  37  VAL VAL A . n 
A 1 38  SER 38  38  38  SER SER A . n 
A 1 39  LEU 39  39  39  LEU LEU A . n 
A 1 40  ASP 40  40  40  ASP ASP A . n 
A 1 41  PRO 41  41  41  PRO PRO A . n 
A 1 42  ILE 42  42  42  ILE ILE A . n 
A 1 43  VAL 43  43  43  VAL VAL A . n 
A 1 44  SER 44  44  44  SER SER A . n 
A 1 45  SER 45  45  45  SER SER A . n 
A 1 46  ILE 46  46  46  ILE ILE A . n 
A 1 47  GLY 47  47  47  GLY GLY A . n 
A 1 48  GLY 48  48  48  GLY GLY A . n 
A 1 49  PHE 49  49  49  PHE PHE A . n 
A 1 50  LYS 50  50  50  LYS LYS A . n 
A 1 51  THR 51  51  51  THR THR A . n 
A 1 52  SER 52  52  52  SER SER A . n 
A 1 53  VAL 53  53  53  VAL VAL A . n 
A 1 54  ASP 54  54  54  ASP ASP A . n 
A 1 55  TYR 55  55  55  TYR TYR A . n 
A 1 56  ILE 56  56  56  ILE ILE A . n 
A 1 57  ILE 57  57  57  ILE ILE A . n 
A 1 58  GLY 58  58  58  GLY GLY A . n 
A 1 59  LEU 59  59  59  LEU LEU A . n 
A 1 60  GLU 60  60  60  GLU GLU A . n 
A 1 61  PRO 61  61  61  PRO PRO A . n 
A 1 62  ALA 62  62  62  ALA ALA A . n 
A 1 63  ASN 63  63  63  ASN ASN A . n 
A 1 64  PHE 64  64  64  PHE PHE A . n 
A 1 65  ASN 65  65  65  ASN ASN A . n 
A 1 66  LEU 66  66  66  LEU LEU A . n 
A 1 67  LEU 67  67  67  LEU LEU A . n 
A 1 68  VAL 68  68  68  VAL VAL A . n 
A 1 69  MSE 69  69  69  MSE MSE A . n 
A 1 70  ILE 70  70  70  ILE ILE A . n 
A 1 71  GLY 71  71  71  GLY GLY A . n 
A 1 72  GLY 72  72  72  GLY GLY A . n 
A 1 73  ASP 73  73  73  ASP ASP A . n 
A 1 74  SER 74  74  74  SER SER A . n 
A 1 75  TRP 75  75  75  TRP TRP A . n 
A 1 76  SER 76  76  76  SER SER A . n 
A 1 77  ASN 77  77  77  ASN ASN A . n 
A 1 78  ASP 78  78  78  ASP ASP A . n 
A 1 79  ASN 79  79  79  ASN ASN A . n 
A 1 80  LYS 80  80  80  LYS LYS A . n 
A 1 81  LYS 81  81  81  LYS LYS A . n 
A 1 82  LEU 82  82  82  LEU LEU A . n 
A 1 83  LEU 83  83  83  LEU LEU A . n 
A 1 84  HIS 84  84  84  HIS HIS A . n 
A 1 85  PHE 85  85  85  PHE PHE A . n 
A 1 86  VAL 86  86  86  VAL VAL A . n 
A 1 87  LYS 87  87  87  LYS LYS A . n 
A 1 88  THR 88  88  88  THR THR A . n 
A 1 89  ALA 89  89  89  ALA ALA A . n 
A 1 90  PHE 90  90  90  PHE PHE A . n 
A 1 91  GLN 91  91  91  GLN GLN A . n 
A 1 92  LYS 92  92  92  LYS LYS A . n 
A 1 93  ASN 93  93  93  ASN ASN A . n 
A 1 94  ILE 94  94  94  ILE ILE A . n 
A 1 95  PRO 95  95  95  PRO PRO A . n 
A 1 96  ILE 96  96  96  ILE ILE A . n 
A 1 97  ALA 97  97  97  ALA ALA A . n 
A 1 98  ALA 98  98  98  ALA ALA A . n 
A 1 99  ILE 99  99  99  ILE ILE A . n 
A 1 100 CYS 100 100 100 CYS CYS A . n 
A 1 101 GLY 101 101 101 GLY GLY A . n 
A 1 102 ALA 102 102 102 ALA ALA A . n 
A 1 103 VAL 103 103 103 VAL VAL A . n 
A 1 104 ASP 104 104 104 ASP ASP A . n 
A 1 105 PHE 105 105 105 PHE PHE A . n 
A 1 106 LEU 106 106 106 LEU LEU A . n 
A 1 107 ALA 107 107 107 ALA ALA A . n 
A 1 108 LYS 108 108 108 LYS LYS A . n 
A 1 109 ASN 109 109 109 ASN ASN A . n 
A 1 110 GLY 110 110 110 GLY GLY A . n 
A 1 111 LEU 111 111 111 LEU LEU A . n 
A 1 112 LEU 112 112 112 LEU LEU A . n 
A 1 113 ASN 113 113 113 ASN ASN A . n 
A 1 114 ASN 114 114 114 ASN ASN A . n 
A 1 115 HIS 115 115 115 HIS HIS A . n 
A 1 116 SER 116 116 116 SER SER A . n 
A 1 117 HIS 117 117 117 HIS HIS A . n 
A 1 118 THR 118 118 118 THR THR A . n 
A 1 119 GLY 119 119 119 GLY GLY A . n 
A 1 120 ASN 120 120 120 ASN ASN A . n 
A 1 121 PHE 121 121 121 PHE PHE A . n 
A 1 122 VAL 122 122 122 VAL VAL A . n 
A 1 123 TYR 123 123 123 TYR TYR A . n 
A 1 124 LEU 124 124 124 LEU LEU A . n 
A 1 125 TRP 125 125 125 TRP TRP A . n 
A 1 126 LYS 126 126 126 LYS LYS A . n 
A 1 127 ASP 127 127 127 ASP ASP A . n 
A 1 128 TYR 128 128 128 TYR TYR A . n 
A 1 129 LYS 129 129 129 LYS LYS A . n 
A 1 130 GLN 130 130 130 GLN GLN A . n 
A 1 131 TYR 131 131 131 TYR TYR A . n 
A 1 132 LYS 132 132 132 LYS LYS A . n 
A 1 133 PRO 133 133 133 PRO PRO A . n 
A 1 134 ILE 134 134 134 ILE ILE A . n 
A 1 135 SER 135 135 135 SER SER A . n 
A 1 136 SER 136 136 136 SER SER A . n 
A 1 137 PHE 137 137 137 PHE PHE A . n 
A 1 138 VAL 138 138 138 VAL VAL A . n 
A 1 139 GLU 139 139 139 GLU GLU A . n 
A 1 140 LYS 140 140 140 LYS LYS A . n 
A 1 141 GLN 141 141 141 GLN GLN A . n 
A 1 142 ALA 142 142 142 ALA ALA A . n 
A 1 143 VAL 143 143 143 VAL VAL A . n 
A 1 144 ARG 144 144 144 ARG ARG A . n 
A 1 145 ASP 145 145 145 ASP ASP A . n 
A 1 146 LYS 146 146 146 LYS LYS A . n 
A 1 147 ASN 147 147 147 ASN ASN A . n 
A 1 148 LEU 148 148 148 LEU LEU A . n 
A 1 149 VAL 149 149 149 VAL VAL A . n 
A 1 150 THR 150 150 150 THR THR A . n 
A 1 151 ALA 151 151 151 ALA ALA A . n 
A 1 152 ASN 152 152 152 ASN ASN A . n 
A 1 153 GLY 153 153 153 GLY GLY A . n 
A 1 154 THR 154 154 154 THR THR A . n 
A 1 155 ALA 155 155 155 ALA ALA A . n 
A 1 156 PRO 156 156 156 PRO PRO A . n 
A 1 157 ILE 157 157 157 ILE ILE A . n 
A 1 158 GLU 158 158 158 GLU GLU A . n 
A 1 159 PHE 159 159 159 PHE PHE A . n 
A 1 160 THR 160 160 160 THR THR A . n 
A 1 161 ASN 161 161 161 ASN ASN A . n 
A 1 162 LEU 162 162 162 LEU LEU A . n 
A 1 163 ILE 163 163 163 ILE ILE A . n 
A 1 164 LEU 164 164 164 LEU LEU A . n 
A 1 165 GLU 165 165 165 GLU GLU A . n 
A 1 166 MSE 166 166 166 MSE MSE A . n 
A 1 167 ILE 167 167 167 ILE ILE A . n 
A 1 168 ASP 168 168 168 ASP ASP A . n 
A 1 169 PHE 169 169 169 PHE PHE A . n 
A 1 170 ASP 170 170 170 ASP ASP A . n 
A 1 171 THR 171 171 171 THR THR A . n 
A 1 172 PRO 172 172 172 PRO PRO A . n 
A 1 173 GLU 173 173 173 GLU GLU A . n 
A 1 174 ASN 174 174 174 ASN ASN A . n 
A 1 175 ILE 175 175 175 ILE ILE A . n 
A 1 176 GLU 176 176 176 GLU GLU A . n 
A 1 177 LYS 177 177 177 LYS LYS A . n 
A 1 178 MSE 178 178 178 MSE MSE A . n 
A 1 179 MSE 179 179 179 MSE MSE A . n 
A 1 180 TYR 180 180 180 TYR TYR A . n 
A 1 181 MSE 181 181 181 MSE MSE A . n 
A 1 182 ASN 182 182 182 ASN ASN A . n 
A 1 183 ARG 183 183 183 ARG ARG A . n 
A 1 184 TYR 184 184 184 TYR TYR A . n 
A 1 185 GLY 185 185 185 GLY GLY A . n 
A 1 186 PHE 186 186 186 PHE PHE A . n 
A 1 187 TYR 187 187 187 TYR TYR A . n 
A 1 188 HIS 188 188 188 HIS HIS A . n 
A 1 189 PHE 189 189 189 PHE PHE A . n 
A 1 190 CYS 190 190 190 CYS CYS A . n 
A 1 191 ASP 191 191 191 ASP ASP A . n 
A 1 192 LYS 192 192 192 LYS LYS A . n 
A 1 193 TYR 193 193 193 TYR TYR A . n 
A 1 194 GLY 194 194 194 GLY GLY A . n 
A 1 195 ASN 195 195 195 ASN ASN A . n 
A 1 196 PRO 196 196 ?   ?   ?   A . n 
A 1 197 PHE 197 197 ?   ?   ?   A . n 
A 1 198 VAL 198 198 ?   ?   ?   A . n 
A 1 199 GLU 199 199 ?   ?   ?   A . n 
A 1 200 GLY 200 200 ?   ?   ?   A . n 
A 1 201 HIS 201 201 ?   ?   ?   A . n 
A 1 202 HIS 202 202 ?   ?   ?   A . n 
A 1 203 HIS 203 203 ?   ?   ?   A . n 
A 1 204 HIS 204 204 ?   ?   ?   A . n 
A 1 205 HIS 205 205 ?   ?   ?   A . n 
A 1 206 HIS 206 206 ?   ?   ?   A . n 
# 
loop_
_pdbx_nonpoly_scheme.asym_id 
_pdbx_nonpoly_scheme.entity_id 
_pdbx_nonpoly_scheme.mon_id 
_pdbx_nonpoly_scheme.ndb_seq_num 
_pdbx_nonpoly_scheme.pdb_seq_num 
_pdbx_nonpoly_scheme.auth_seq_num 
_pdbx_nonpoly_scheme.pdb_mon_id 
_pdbx_nonpoly_scheme.auth_mon_id 
_pdbx_nonpoly_scheme.pdb_strand_id 
_pdbx_nonpoly_scheme.pdb_ins_code 
B 2 HOH 1   207 1   HOH TIP A . 
B 2 HOH 2   208 2   HOH TIP A . 
B 2 HOH 3   209 3   HOH TIP A . 
B 2 HOH 4   210 4   HOH TIP A . 
B 2 HOH 5   211 5   HOH TIP A . 
B 2 HOH 6   212 6   HOH TIP A . 
B 2 HOH 7   213 7   HOH TIP A . 
B 2 HOH 8   214 8   HOH TIP A . 
B 2 HOH 9   215 9   HOH TIP A . 
B 2 HOH 10  216 10  HOH TIP A . 
B 2 HOH 11  217 11  HOH TIP A . 
B 2 HOH 12  218 12  HOH TIP A . 
B 2 HOH 13  219 13  HOH TIP A . 
B 2 HOH 14  220 14  HOH TIP A . 
B 2 HOH 15  221 15  HOH TIP A . 
B 2 HOH 16  222 16  HOH TIP A . 
B 2 HOH 17  223 17  HOH TIP A . 
B 2 HOH 18  224 18  HOH TIP A . 
B 2 HOH 19  225 19  HOH TIP A . 
B 2 HOH 20  226 20  HOH TIP A . 
B 2 HOH 21  227 21  HOH TIP A . 
B 2 HOH 22  228 22  HOH TIP A . 
B 2 HOH 23  229 23  HOH TIP A . 
B 2 HOH 24  230 24  HOH TIP A . 
B 2 HOH 25  231 25  HOH TIP A . 
B 2 HOH 26  232 26  HOH TIP A . 
B 2 HOH 27  233 27  HOH TIP A . 
B 2 HOH 28  234 28  HOH TIP A . 
B 2 HOH 29  235 29  HOH TIP A . 
B 2 HOH 30  236 30  HOH TIP A . 
B 2 HOH 31  237 31  HOH TIP A . 
B 2 HOH 32  238 32  HOH TIP A . 
B 2 HOH 33  239 33  HOH TIP A . 
B 2 HOH 34  240 34  HOH TIP A . 
B 2 HOH 35  241 35  HOH TIP A . 
B 2 HOH 36  242 36  HOH TIP A . 
B 2 HOH 37  243 37  HOH TIP A . 
B 2 HOH 38  244 38  HOH TIP A . 
B 2 HOH 39  245 39  HOH TIP A . 
B 2 HOH 40  246 40  HOH TIP A . 
B 2 HOH 41  247 41  HOH TIP A . 
B 2 HOH 42  248 42  HOH TIP A . 
B 2 HOH 43  249 43  HOH TIP A . 
B 2 HOH 44  250 44  HOH TIP A . 
B 2 HOH 45  251 45  HOH TIP A . 
B 2 HOH 46  252 46  HOH TIP A . 
B 2 HOH 47  253 47  HOH TIP A . 
B 2 HOH 48  254 48  HOH TIP A . 
B 2 HOH 49  255 49  HOH TIP A . 
B 2 HOH 50  256 50  HOH TIP A . 
B 2 HOH 51  257 51  HOH TIP A . 
B 2 HOH 52  258 52  HOH TIP A . 
B 2 HOH 53  259 53  HOH TIP A . 
B 2 HOH 54  260 54  HOH TIP A . 
B 2 HOH 55  261 55  HOH TIP A . 
B 2 HOH 56  262 56  HOH TIP A . 
B 2 HOH 57  263 57  HOH TIP A . 
B 2 HOH 58  264 58  HOH TIP A . 
B 2 HOH 59  265 59  HOH TIP A . 
B 2 HOH 60  266 60  HOH TIP A . 
B 2 HOH 61  267 61  HOH TIP A . 
B 2 HOH 62  268 62  HOH TIP A . 
B 2 HOH 63  269 63  HOH TIP A . 
B 2 HOH 64  270 64  HOH TIP A . 
B 2 HOH 65  271 65  HOH TIP A . 
B 2 HOH 66  272 66  HOH TIP A . 
B 2 HOH 67  273 67  HOH TIP A . 
B 2 HOH 68  274 68  HOH TIP A . 
B 2 HOH 69  275 69  HOH TIP A . 
B 2 HOH 70  276 70  HOH TIP A . 
B 2 HOH 71  277 71  HOH TIP A . 
B 2 HOH 72  278 72  HOH TIP A . 
B 2 HOH 73  279 73  HOH TIP A . 
B 2 HOH 74  280 74  HOH TIP A . 
B 2 HOH 75  281 75  HOH TIP A . 
B 2 HOH 76  282 76  HOH TIP A . 
B 2 HOH 77  283 77  HOH TIP A . 
B 2 HOH 78  284 78  HOH TIP A . 
B 2 HOH 79  285 79  HOH TIP A . 
B 2 HOH 80  286 80  HOH TIP A . 
B 2 HOH 81  287 81  HOH TIP A . 
B 2 HOH 82  288 82  HOH TIP A . 
B 2 HOH 83  289 83  HOH TIP A . 
B 2 HOH 84  290 84  HOH TIP A . 
B 2 HOH 85  291 85  HOH TIP A . 
B 2 HOH 86  292 86  HOH TIP A . 
B 2 HOH 87  293 87  HOH TIP A . 
B 2 HOH 88  294 88  HOH TIP A . 
B 2 HOH 89  295 89  HOH TIP A . 
B 2 HOH 90  296 90  HOH TIP A . 
B 2 HOH 91  297 91  HOH TIP A . 
B 2 HOH 92  298 92  HOH TIP A . 
B 2 HOH 93  299 93  HOH TIP A . 
B 2 HOH 94  300 94  HOH TIP A . 
B 2 HOH 95  301 95  HOH TIP A . 
B 2 HOH 96  302 96  HOH TIP A . 
B 2 HOH 97  303 97  HOH TIP A . 
B 2 HOH 98  304 98  HOH TIP A . 
B 2 HOH 99  305 99  HOH TIP A . 
B 2 HOH 100 306 100 HOH TIP A . 
B 2 HOH 101 307 101 HOH TIP A . 
B 2 HOH 102 308 102 HOH TIP A . 
B 2 HOH 103 309 103 HOH TIP A . 
B 2 HOH 104 310 104 HOH TIP A . 
B 2 HOH 105 311 105 HOH TIP A . 
B 2 HOH 106 312 106 HOH TIP A . 
B 2 HOH 107 313 107 HOH TIP A . 
B 2 HOH 108 314 108 HOH TIP A . 
B 2 HOH 109 315 109 HOH TIP A . 
B 2 HOH 110 316 110 HOH TIP A . 
B 2 HOH 111 317 111 HOH TIP A . 
B 2 HOH 112 318 112 HOH TIP A . 
B 2 HOH 113 319 113 HOH TIP A . 
B 2 HOH 114 320 114 HOH TIP A . 
B 2 HOH 115 321 115 HOH TIP A . 
B 2 HOH 116 322 116 HOH TIP A . 
B 2 HOH 117 323 117 HOH TIP A . 
B 2 HOH 118 324 118 HOH TIP A . 
B 2 HOH 119 325 119 HOH TIP A . 
B 2 HOH 120 326 120 HOH TIP A . 
B 2 HOH 121 327 121 HOH TIP A . 
B 2 HOH 122 328 122 HOH TIP A . 
B 2 HOH 123 329 123 HOH TIP A . 
B 2 HOH 124 330 124 HOH TIP A . 
B 2 HOH 125 331 125 HOH TIP A . 
B 2 HOH 126 332 126 HOH TIP A . 
B 2 HOH 127 333 127 HOH TIP A . 
# 
loop_
_software.name 
_software.classification 
_software.version 
_software.citation_id 
_software.pdbx_ordinal 
CBASS    'data collection' .   ? 1 
SHELX    'model building'  .   ? 2 
SHARP    phasing           .   ? 3 
ARP      'model building'  .   ? 4 
WARP     'model building'  .   ? 5 
CNS      refinement        1.1 ? 6 
HKL-2000 'data reduction'  .   ? 7 
HKL-2000 'data scaling'    .   ? 8 
SHELX    phasing           .   ? 9 
# 
_cell.entry_id           3F5D 
_cell.length_a           75.597 
_cell.length_b           72.500 
_cell.length_c           47.560 
_cell.angle_alpha        90.00 
_cell.angle_beta         124.41 
_cell.angle_gamma        90.00 
_cell.Z_PDB              4 
_cell.pdbx_unique_axis   ? 
_cell.length_a_esd       ? 
_cell.length_b_esd       ? 
_cell.length_c_esd       ? 
_cell.angle_alpha_esd    ? 
_cell.angle_beta_esd     ? 
_cell.angle_gamma_esd    ? 
# 
_symmetry.entry_id                         3F5D 
_symmetry.space_group_name_H-M             'C 1 2 1' 
_symmetry.pdbx_full_space_group_name_H-M   ? 
_symmetry.cell_setting                     ? 
_symmetry.Int_Tables_number                5 
_symmetry.space_group_name_Hall            ? 
# 
_exptl.entry_id          3F5D 
_exptl.method            'X-RAY DIFFRACTION' 
_exptl.crystals_number   1 
# 
_exptl_crystal.id                    1 
_exptl_crystal.density_meas          ? 
_exptl_crystal.density_Matthews      2.25 
_exptl_crystal.density_percent_sol   45.42 
_exptl_crystal.description           ? 
_exptl_crystal.F_000                 ? 
_exptl_crystal.preparation           ? 
# 
_exptl_crystal_grow.crystal_id      1 
_exptl_crystal_grow.method          'VAPOR DIFFUSION, SITTING DROP' 
_exptl_crystal_grow.temp            298 
_exptl_crystal_grow.temp_details    ? 
_exptl_crystal_grow.pH              7.5 
_exptl_crystal_grow.pdbx_details    '0.1M HEPES 7.5, 20%PEG4000, 25% Iso-propanol, VAPOR DIFFUSION, SITTING DROP, temperature 298K' 
_exptl_crystal_grow.pdbx_pH_range   ? 
# 
_diffrn.id                     1 
_diffrn.ambient_temp           100 
_diffrn.ambient_temp_details   ? 
_diffrn.crystal_id             1 
# 
_diffrn_detector.diffrn_id              1 
_diffrn_detector.detector               CCD 
_diffrn_detector.type                   'ADSC QUANTUM 210' 
_diffrn_detector.pdbx_collection_date   2008-10-29 
_diffrn_detector.details                Mirror 
# 
_diffrn_radiation.diffrn_id                        1 
_diffrn_radiation.wavelength_id                    1 
_diffrn_radiation.pdbx_monochromatic_or_laue_m_l   M 
_diffrn_radiation.monochromator                    'Si(111)channel' 
_diffrn_radiation.pdbx_diffrn_protocol             'SINGLE WAVELENGTH' 
_diffrn_radiation.pdbx_scattering_type             x-ray 
# 
_diffrn_radiation_wavelength.id           1 
_diffrn_radiation_wavelength.wavelength   0.9795 
_diffrn_radiation_wavelength.wt           1.0 
# 
_diffrn_source.diffrn_id                   1 
_diffrn_source.source                      SYNCHROTRON 
_diffrn_source.type                        'NSLS BEAMLINE X12C' 
_diffrn_source.pdbx_synchrotron_site       NSLS 
_diffrn_source.pdbx_synchrotron_beamline   X12C 
_diffrn_source.pdbx_wavelength             ? 
_diffrn_source.pdbx_wavelength_list        0.9795 
# 
_reflns.entry_id                     3F5D 
_reflns.observed_criterion_sigma_I   0.0 
_reflns.observed_criterion_sigma_F   0.0 
_reflns.d_resolution_low             50 
_reflns.d_resolution_high            2.06 
_reflns.number_obs                   12920 
_reflns.number_all                   12920 
_reflns.percent_possible_obs         96.5 
_reflns.pdbx_Rmerge_I_obs            0.063 
_reflns.pdbx_Rsym_value              ? 
_reflns.pdbx_netI_over_sigmaI        28.8 
_reflns.B_iso_Wilson_estimate        34.4 
_reflns.pdbx_redundancy              4.2 
_reflns.R_free_details               ? 
_reflns.limit_h_max                  ? 
_reflns.limit_h_min                  ? 
_reflns.limit_k_max                  ? 
_reflns.limit_k_min                  ? 
_reflns.limit_l_max                  ? 
_reflns.limit_l_min                  ? 
_reflns.observed_criterion_F_max     ? 
_reflns.observed_criterion_F_min     ? 
_reflns.pdbx_chi_squared             ? 
_reflns.pdbx_scaling_rejects         ? 
_reflns.pdbx_diffrn_id               1 
_reflns.pdbx_ordinal                 1 
# 
_reflns_shell.d_res_high             2.06 
_reflns_shell.d_res_low              2.13 
_reflns_shell.percent_possible_all   83.9 
_reflns_shell.Rmerge_I_obs           0.267 
_reflns_shell.pdbx_Rsym_value        ? 
_reflns_shell.meanI_over_sigI_obs    2.0 
_reflns_shell.pdbx_redundancy        3.3 
_reflns_shell.percent_possible_obs   ? 
_reflns_shell.number_unique_all      1120 
_reflns_shell.number_measured_all    ? 
_reflns_shell.number_measured_obs    ? 
_reflns_shell.number_unique_obs      ? 
_reflns_shell.pdbx_chi_squared       ? 
_reflns_shell.pdbx_diffrn_id         ? 
_reflns_shell.pdbx_ordinal           1 
# 
_refine.entry_id                                 3F5D 
_refine.ls_number_reflns_obs                     12412 
_refine.ls_number_reflns_all                     12920 
_refine.pdbx_ls_sigma_I                          ? 
_refine.pdbx_ls_sigma_F                          0.0 
_refine.pdbx_data_cutoff_high_absF               224649.32 
_refine.pdbx_data_cutoff_low_absF                0.000000 
_refine.pdbx_data_cutoff_high_rms_absF           ? 
_refine.ls_d_res_low                             36.25 
_refine.ls_d_res_high                            2.06 
_refine.ls_percent_reflns_obs                    94.2 
_refine.ls_R_factor_obs                          0.213 
_refine.ls_R_factor_all                          0.239 
_refine.ls_R_factor_R_work                       0.213 
_refine.ls_R_factor_R_free                       0.257 
_refine.ls_R_factor_R_free_error                 0.011 
_refine.ls_R_factor_R_free_error_details         ? 
_refine.ls_percent_reflns_R_free                 4.2 
_refine.ls_number_reflns_R_free                  517 
_refine.ls_number_parameters                     ? 
_refine.ls_number_restraints                     ? 
_refine.occupancy_min                            ? 
_refine.occupancy_max                            ? 
_refine.correlation_coeff_Fo_to_Fc               ? 
_refine.correlation_coeff_Fo_to_Fc_free          ? 
_refine.B_iso_mean                               30.4 
_refine.aniso_B[1][1]                            0.15 
_refine.aniso_B[2][2]                            -1.58 
_refine.aniso_B[3][3]                            1.43 
_refine.aniso_B[1][2]                            0.00 
_refine.aniso_B[1][3]                            5.19 
_refine.aniso_B[2][3]                            0.00 
_refine.solvent_model_details                    'FLAT MODEL' 
_refine.solvent_model_param_ksol                 0.341256 
_refine.solvent_model_param_bsol                 41.3499 
_refine.pdbx_solvent_vdw_probe_radii             ? 
_refine.pdbx_solvent_ion_probe_radii             ? 
_refine.pdbx_solvent_shrinkage_radii             ? 
_refine.pdbx_ls_cross_valid_method               THROUGHOUT 
_refine.details                                  ? 
_refine.pdbx_starting_model                      ? 
_refine.pdbx_method_to_determine_struct          SAD 
_refine.pdbx_isotropic_thermal_model             RESTRAINED 
_refine.pdbx_stereochemistry_target_values       'Engh & Huber' 
_refine.pdbx_stereochem_target_val_spec_case     ? 
_refine.pdbx_R_Free_selection_details            RANDOM 
_refine.pdbx_overall_ESU_R                       ? 
_refine.pdbx_overall_ESU_R_Free                  ? 
_refine.overall_SU_ML                            ? 
_refine.overall_SU_B                             ? 
_refine.ls_redundancy_reflns_obs                 ? 
_refine.B_iso_min                                ? 
_refine.B_iso_max                                ? 
_refine.overall_SU_R_Cruickshank_DPI             ? 
_refine.overall_SU_R_free                        ? 
_refine.ls_wR_factor_R_free                      ? 
_refine.ls_wR_factor_R_work                      ? 
_refine.overall_FOM_free_R_set                   ? 
_refine.overall_FOM_work_R_set                   ? 
_refine.pdbx_overall_phase_error                 ? 
_refine.pdbx_refine_id                           'X-RAY DIFFRACTION' 
_refine.pdbx_diffrn_id                           1 
_refine.pdbx_TLS_residual_ADP_flag               ? 
_refine.pdbx_overall_SU_R_free_Cruickshank_DPI   ? 
_refine.pdbx_overall_SU_R_Blow_DPI               ? 
_refine.pdbx_overall_SU_R_free_Blow_DPI          ? 
# 
_refine_analyze.entry_id                        3F5D 
_refine_analyze.Luzzati_coordinate_error_obs    0.26 
_refine_analyze.Luzzati_sigma_a_obs             0.21 
_refine_analyze.Luzzati_d_res_low_obs           5.00 
_refine_analyze.Luzzati_coordinate_error_free   0.32 
_refine_analyze.Luzzati_sigma_a_free            0.29 
_refine_analyze.Luzzati_d_res_low_free          ? 
_refine_analyze.number_disordered_residues      ? 
_refine_analyze.occupancy_sum_hydrogen          ? 
_refine_analyze.occupancy_sum_non_hydrogen      ? 
_refine_analyze.pdbx_Luzzati_d_res_high_obs     ? 
_refine_analyze.pdbx_refine_id                  'X-RAY DIFFRACTION' 
# 
_refine_hist.pdbx_refine_id                   'X-RAY DIFFRACTION' 
_refine_hist.cycle_id                         LAST 
_refine_hist.pdbx_number_atoms_protein        1552 
_refine_hist.pdbx_number_atoms_nucleic_acid   0 
_refine_hist.pdbx_number_atoms_ligand         0 
_refine_hist.number_atoms_solvent             127 
_refine_hist.number_atoms_total               1679 
_refine_hist.d_res_high                       2.06 
_refine_hist.d_res_low                        36.25 
# 
loop_
_refine_ls_restr.type 
_refine_ls_restr.dev_ideal 
_refine_ls_restr.dev_ideal_target 
_refine_ls_restr.weight 
_refine_ls_restr.number 
_refine_ls_restr.pdbx_refine_id 
_refine_ls_restr.pdbx_restraint_function 
c_bond_d           0.007 ?    ? ? 'X-RAY DIFFRACTION' ? 
c_angle_deg        1.4   ?    ? ? 'X-RAY DIFFRACTION' ? 
c_dihedral_angle_d 23.3  ?    ? ? 'X-RAY DIFFRACTION' ? 
c_improper_angle_d 0.75  ?    ? ? 'X-RAY DIFFRACTION' ? 
c_mcbond_it        1.29  1.50 ? ? 'X-RAY DIFFRACTION' ? 
c_mcangle_it       2.03  2.00 ? ? 'X-RAY DIFFRACTION' ? 
c_scbond_it        2.06  2.00 ? ? 'X-RAY DIFFRACTION' ? 
c_scangle_it       2.86  2.50 ? ? 'X-RAY DIFFRACTION' ? 
# 
_refine_ls_shell.pdbx_total_number_of_bins_used   6 
_refine_ls_shell.d_res_high                       2.06 
_refine_ls_shell.d_res_low                        2.19 
_refine_ls_shell.number_reflns_R_work             1863 
_refine_ls_shell.R_factor_R_work                  0.260 
_refine_ls_shell.percent_reflns_obs               88.0 
_refine_ls_shell.R_factor_R_free                  0.287 
_refine_ls_shell.R_factor_R_free_error            0.036 
_refine_ls_shell.percent_reflns_R_free            3.4 
_refine_ls_shell.number_reflns_R_free             65 
_refine_ls_shell.number_reflns_all                ? 
_refine_ls_shell.R_factor_all                     ? 
_refine_ls_shell.number_reflns_obs                ? 
_refine_ls_shell.redundancy_reflns_obs            ? 
_refine_ls_shell.pdbx_refine_id                   'X-RAY DIFFRACTION' 
# 
loop_
_pdbx_xplor_file.serial_no 
_pdbx_xplor_file.param_file 
_pdbx_xplor_file.topol_file 
_pdbx_xplor_file.pdbx_refine_id 
1 protein_rep.param protein.top 'X-RAY DIFFRACTION' 
2 dna-rna_rep.param dna-rna.top 'X-RAY DIFFRACTION' 
3 water_rep.param   water.top   'X-RAY DIFFRACTION' 
4 ion.param         ion.top     'X-RAY DIFFRACTION' 
# 
_struct.entry_id                  3F5D 
_struct.title                     'Crystal Structure of a protein of unknown function from Bacillus subtilis' 
_struct.pdbx_model_details        ? 
_struct.pdbx_CASP_flag            ? 
_struct.pdbx_model_type_details   ? 
# 
_struct_keywords.entry_id        3F5D 
_struct_keywords.pdbx_keywords   'structural genomics, unknown function' 
_struct_keywords.text            
;Unknow protein, Bacillus subtilis, PSI-II, NYSGRC, Structural Genomics, Protein Structure Initiative, New York SGX Research Center for Structural Genomics, NYSGXRC, unknown function
;
# 
loop_
_struct_asym.id 
_struct_asym.pdbx_blank_PDB_chainid_flag 
_struct_asym.pdbx_modified 
_struct_asym.entity_id 
_struct_asym.details 
A N N 1 ? 
B N N 2 ? 
# 
_struct_ref.id                         1 
_struct_ref.db_name                    UNP 
_struct_ref.db_code                    P96658_BACSU 
_struct_ref.pdbx_db_accession          P96658 
_struct_ref.entity_id                  1 
_struct_ref.pdbx_seq_one_letter_code   
;KKALFLILDQYADWEGVYLASALNQREDWSVHTVSLDPIVSSIGGFKTSVDYIIGLEPANFNLLVMIGGDSWSNDNKKLL
HFVKTAFQKNIPIAAICGAVDFLAKNGLLNNHSHTGNFVYLWKDYKQYKPISSFVEKQAVRDKNLVTANGTAPIEFTNLI
LEMIDFDTPENIEKMMYMNRYGFYHFCDKYGNPFV
;
_struct_ref.pdbx_align_begin           2 
_struct_ref.pdbx_db_isoform            ? 
# 
_struct_ref_seq.align_id                      1 
_struct_ref_seq.ref_id                        1 
_struct_ref_seq.pdbx_PDB_id_code              3F5D 
_struct_ref_seq.pdbx_strand_id                A 
_struct_ref_seq.seq_align_beg                 4 
_struct_ref_seq.pdbx_seq_align_beg_ins_code   ? 
_struct_ref_seq.seq_align_end                 198 
_struct_ref_seq.pdbx_seq_align_end_ins_code   ? 
_struct_ref_seq.pdbx_db_accession             P96658 
_struct_ref_seq.db_align_beg                  2 
_struct_ref_seq.pdbx_db_align_beg_ins_code    ? 
_struct_ref_seq.db_align_end                  196 
_struct_ref_seq.pdbx_db_align_end_ins_code    ? 
_struct_ref_seq.pdbx_auth_seq_align_beg       4 
_struct_ref_seq.pdbx_auth_seq_align_end       198 
# 
loop_
_struct_ref_seq_dif.align_id 
_struct_ref_seq_dif.pdbx_pdb_id_code 
_struct_ref_seq_dif.mon_id 
_struct_ref_seq_dif.pdbx_pdb_strand_id 
_struct_ref_seq_dif.seq_num 
_struct_ref_seq_dif.pdbx_pdb_ins_code 
_struct_ref_seq_dif.pdbx_seq_db_name 
_struct_ref_seq_dif.pdbx_seq_db_accession_code 
_struct_ref_seq_dif.db_mon_id 
_struct_ref_seq_dif.pdbx_seq_db_seq_num 
_struct_ref_seq_dif.details 
_struct_ref_seq_dif.pdbx_auth_seq_num 
_struct_ref_seq_dif.pdbx_ordinal 
1 3F5D MSE A 1   ? UNP P96658 ? ? 'expression tag' 1   1  
1 3F5D SER A 2   ? UNP P96658 ? ? 'expression tag' 2   2  
1 3F5D LEU A 3   ? UNP P96658 ? ? 'expression tag' 3   3  
1 3F5D GLU A 199 ? UNP P96658 ? ? 'expression tag' 199 4  
1 3F5D GLY A 200 ? UNP P96658 ? ? 'expression tag' 200 5  
1 3F5D HIS A 201 ? UNP P96658 ? ? 'expression tag' 201 6  
1 3F5D HIS A 202 ? UNP P96658 ? ? 'expression tag' 202 7  
1 3F5D HIS A 203 ? UNP P96658 ? ? 'expression tag' 203 8  
1 3F5D HIS A 204 ? UNP P96658 ? ? 'expression tag' 204 9  
1 3F5D HIS A 205 ? UNP P96658 ? ? 'expression tag' 205 10 
1 3F5D HIS A 206 ? UNP P96658 ? ? 'expression tag' 206 11 
# 
loop_
_pdbx_struct_assembly.id 
_pdbx_struct_assembly.details 
_pdbx_struct_assembly.method_details 
_pdbx_struct_assembly.oligomeric_details 
_pdbx_struct_assembly.oligomeric_count 
1 software_defined_assembly PISA dimeric   2 
2 author_defined_assembly   ?    monomeric 1 
# 
loop_
_pdbx_struct_assembly_prop.biol_id 
_pdbx_struct_assembly_prop.type 
_pdbx_struct_assembly_prop.value 
_pdbx_struct_assembly_prop.details 
1 'ABSA (A^2)' 3050  ? 
1 MORE         -20   ? 
1 'SSA (A^2)'  16650 ? 
# 
loop_
_pdbx_struct_assembly_gen.assembly_id 
_pdbx_struct_assembly_gen.oper_expression 
_pdbx_struct_assembly_gen.asym_id_list 
1 1,2 A,B 
2 1   A,B 
# 
loop_
_pdbx_struct_oper_list.id 
_pdbx_struct_oper_list.type 
_pdbx_struct_oper_list.name 
_pdbx_struct_oper_list.symmetry_operation 
_pdbx_struct_oper_list.matrix[1][1] 
_pdbx_struct_oper_list.matrix[1][2] 
_pdbx_struct_oper_list.matrix[1][3] 
_pdbx_struct_oper_list.vector[1] 
_pdbx_struct_oper_list.matrix[2][1] 
_pdbx_struct_oper_list.matrix[2][2] 
_pdbx_struct_oper_list.matrix[2][3] 
_pdbx_struct_oper_list.vector[2] 
_pdbx_struct_oper_list.matrix[3][1] 
_pdbx_struct_oper_list.matrix[3][2] 
_pdbx_struct_oper_list.matrix[3][3] 
_pdbx_struct_oper_list.vector[3] 
1 'identity operation'         1_555 x,y,z   1.0000000000  0.0000000000 0.0000000000  0.0000000000   0.0000000000 1.0000000000  0.0000000000  0.0000000000  0.0000000000  0.0000000000  1.0000000000  0.0000000000   
2 'crystal symmetry operation' 2_555 -x,y,-z -0.0574646739 0.6179947033 -0.7840793059 -13.1560697135 0.6179947033 -0.5947977304 -0.5140994132 -7.2091720602 -0.7840793059 -0.5140994132 -0.3477375957 -21.4969206292 
# 
loop_
_struct_conf.conf_type_id 
_struct_conf.id 
_struct_conf.pdbx_PDB_helix_id 
_struct_conf.beg_label_comp_id 
_struct_conf.beg_label_asym_id 
_struct_conf.beg_label_seq_id 
_struct_conf.pdbx_beg_PDB_ins_code 
_struct_conf.end_label_comp_id 
_struct_conf.end_label_asym_id 
_struct_conf.end_label_seq_id 
_struct_conf.pdbx_end_PDB_ins_code 
_struct_conf.beg_auth_comp_id 
_struct_conf.beg_auth_asym_id 
_struct_conf.beg_auth_seq_id 
_struct_conf.end_auth_comp_id 
_struct_conf.end_auth_asym_id 
_struct_conf.end_auth_seq_id 
_struct_conf.pdbx_PDB_helix_class 
_struct_conf.details 
_struct_conf.pdbx_PDB_helix_length 
HELX_P HELX_P1 1 GLY A 19  ? GLN A 28  ? GLY A 19  GLN A 28  1 ? 10 
HELX_P HELX_P2 2 ASN A 79  ? LYS A 92  ? ASN A 79  LYS A 92  1 ? 14 
HELX_P HELX_P3 3 CYS A 100 ? ASN A 109 ? CYS A 100 ASN A 109 1 ? 10 
HELX_P HELX_P4 4 PHE A 121 ? LYS A 126 ? PHE A 121 LYS A 126 5 ? 6  
HELX_P HELX_P5 5 ALA A 155 ? ILE A 167 ? ALA A 155 ILE A 167 1 ? 13 
HELX_P HELX_P6 6 THR A 171 ? GLY A 185 ? THR A 171 GLY A 185 1 ? 15 
HELX_P HELX_P7 7 GLY A 185 ? GLY A 194 ? GLY A 185 GLY A 194 1 ? 10 
# 
_struct_conf_type.id          HELX_P 
_struct_conf_type.criteria    ? 
_struct_conf_type.reference   ? 
# 
loop_
_struct_conn.id 
_struct_conn.conn_type_id 
_struct_conn.pdbx_leaving_atom_flag 
_struct_conn.pdbx_PDB_id 
_struct_conn.ptnr1_label_asym_id 
_struct_conn.ptnr1_label_comp_id 
_struct_conn.ptnr1_label_seq_id 
_struct_conn.ptnr1_label_atom_id 
_struct_conn.pdbx_ptnr1_label_alt_id 
_struct_conn.pdbx_ptnr1_PDB_ins_code 
_struct_conn.pdbx_ptnr1_standard_comp_id 
_struct_conn.ptnr1_symmetry 
_struct_conn.ptnr2_label_asym_id 
_struct_conn.ptnr2_label_comp_id 
_struct_conn.ptnr2_label_seq_id 
_struct_conn.ptnr2_label_atom_id 
_struct_conn.pdbx_ptnr2_label_alt_id 
_struct_conn.pdbx_ptnr2_PDB_ins_code 
_struct_conn.ptnr1_auth_asym_id 
_struct_conn.ptnr1_auth_comp_id 
_struct_conn.ptnr1_auth_seq_id 
_struct_conn.ptnr2_auth_asym_id 
_struct_conn.ptnr2_auth_comp_id 
_struct_conn.ptnr2_auth_seq_id 
_struct_conn.ptnr2_symmetry 
_struct_conn.pdbx_ptnr3_label_atom_id 
_struct_conn.pdbx_ptnr3_label_seq_id 
_struct_conn.pdbx_ptnr3_label_comp_id 
_struct_conn.pdbx_ptnr3_label_asym_id 
_struct_conn.pdbx_ptnr3_label_alt_id 
_struct_conn.pdbx_ptnr3_PDB_ins_code 
_struct_conn.details 
_struct_conn.pdbx_dist_value 
_struct_conn.pdbx_value_order 
_struct_conn.pdbx_role 
covale1 covale both ? A VAL 68  C ? ? ? 1_555 A MSE 69  N ? ? A VAL 68  A MSE 69  1_555 ? ? ? ? ? ? ? 1.324 ? ? 
covale2 covale both ? A MSE 69  C ? ? ? 1_555 A ILE 70  N ? ? A MSE 69  A ILE 70  1_555 ? ? ? ? ? ? ? 1.323 ? ? 
covale3 covale both ? A GLU 165 C ? ? ? 1_555 A MSE 166 N ? ? A GLU 165 A MSE 166 1_555 ? ? ? ? ? ? ? 1.330 ? ? 
covale4 covale both ? A MSE 166 C ? ? ? 1_555 A ILE 167 N ? ? A MSE 166 A ILE 167 1_555 ? ? ? ? ? ? ? 1.327 ? ? 
covale5 covale both ? A LYS 177 C ? ? ? 1_555 A MSE 178 N ? ? A LYS 177 A MSE 178 1_555 ? ? ? ? ? ? ? 1.330 ? ? 
covale6 covale both ? A MSE 178 C ? ? ? 1_555 A MSE 179 N ? ? A MSE 178 A MSE 179 1_555 ? ? ? ? ? ? ? 1.325 ? ? 
covale7 covale both ? A MSE 179 C ? ? ? 1_555 A TYR 180 N ? ? A MSE 179 A TYR 180 1_555 ? ? ? ? ? ? ? 1.335 ? ? 
covale8 covale both ? A TYR 180 C ? ? ? 1_555 A MSE 181 N ? ? A TYR 180 A MSE 181 1_555 ? ? ? ? ? ? ? 1.326 ? ? 
covale9 covale both ? A MSE 181 C ? ? ? 1_555 A ASN 182 N ? ? A MSE 181 A ASN 182 1_555 ? ? ? ? ? ? ? 1.331 ? ? 
# 
_struct_conn_type.id          covale 
_struct_conn_type.criteria    ? 
_struct_conn_type.reference   ? 
# 
loop_
_pdbx_modification_feature.ordinal 
_pdbx_modification_feature.label_comp_id 
_pdbx_modification_feature.label_asym_id 
_pdbx_modification_feature.label_seq_id 
_pdbx_modification_feature.label_alt_id 
_pdbx_modification_feature.modified_residue_label_comp_id 
_pdbx_modification_feature.modified_residue_label_asym_id 
_pdbx_modification_feature.modified_residue_label_seq_id 
_pdbx_modification_feature.modified_residue_label_alt_id 
_pdbx_modification_feature.auth_comp_id 
_pdbx_modification_feature.auth_asym_id 
_pdbx_modification_feature.auth_seq_id 
_pdbx_modification_feature.PDB_ins_code 
_pdbx_modification_feature.symmetry 
_pdbx_modification_feature.modified_residue_auth_comp_id 
_pdbx_modification_feature.modified_residue_auth_asym_id 
_pdbx_modification_feature.modified_residue_auth_seq_id 
_pdbx_modification_feature.modified_residue_PDB_ins_code 
_pdbx_modification_feature.modified_residue_symmetry 
_pdbx_modification_feature.comp_id_linking_atom 
_pdbx_modification_feature.modified_residue_id_linking_atom 
_pdbx_modification_feature.modified_residue_id 
_pdbx_modification_feature.ref_pcm_id 
_pdbx_modification_feature.ref_comp_id 
_pdbx_modification_feature.type 
_pdbx_modification_feature.category 
1 MSE A 69  ? . . . . MSE A 69  ? 1_555 . . . . . . . MET 1 MSE Selenomethionine 'Named protein modification' 
2 MSE A 166 ? . . . . MSE A 166 ? 1_555 . . . . . . . MET 1 MSE Selenomethionine 'Named protein modification' 
3 MSE A 178 ? . . . . MSE A 178 ? 1_555 . . . . . . . MET 1 MSE Selenomethionine 'Named protein modification' 
4 MSE A 179 ? . . . . MSE A 179 ? 1_555 . . . . . . . MET 1 MSE Selenomethionine 'Named protein modification' 
5 MSE A 181 ? . . . . MSE A 181 ? 1_555 . . . . . . . MET 1 MSE Selenomethionine 'Named protein modification' 
# 
loop_
_struct_sheet.id 
_struct_sheet.type 
_struct_sheet.number_strands 
_struct_sheet.details 
A ? 7 ? 
B ? 2 ? 
# 
loop_
_struct_sheet_order.sheet_id 
_struct_sheet_order.range_id_1 
_struct_sheet_order.range_id_2 
_struct_sheet_order.offset 
_struct_sheet_order.sense 
A 1 2 ? parallel      
A 2 3 ? parallel      
A 3 4 ? parallel      
A 4 5 ? parallel      
A 5 6 ? parallel      
A 6 7 ? anti-parallel 
B 1 2 ? anti-parallel 
# 
loop_
_struct_sheet_range.sheet_id 
_struct_sheet_range.id 
_struct_sheet_range.beg_label_comp_id 
_struct_sheet_range.beg_label_asym_id 
_struct_sheet_range.beg_label_seq_id 
_struct_sheet_range.pdbx_beg_PDB_ins_code 
_struct_sheet_range.end_label_comp_id 
_struct_sheet_range.end_label_asym_id 
_struct_sheet_range.end_label_seq_id 
_struct_sheet_range.pdbx_end_PDB_ins_code 
_struct_sheet_range.beg_auth_comp_id 
_struct_sheet_range.beg_auth_asym_id 
_struct_sheet_range.beg_auth_seq_id 
_struct_sheet_range.end_auth_comp_id 
_struct_sheet_range.end_auth_asym_id 
_struct_sheet_range.end_auth_seq_id 
A 1 TYR A 55  ? ILE A 56  ? TYR A 55  ILE A 56  
A 2 TRP A 32  ? SER A 38  ? TRP A 32  SER A 38  
A 3 LYS A 4   ? LEU A 9   ? LYS A 4   LEU A 9   
A 4 LEU A 66  ? MSE A 69  ? LEU A 66  MSE A 69  
A 5 ILE A 96  ? ILE A 99  ? ILE A 96  ILE A 99  
A 6 LEU A 148 ? ALA A 151 ? LEU A 148 ALA A 151 
A 7 ALA A 142 ? ASP A 145 ? ALA A 142 ASP A 145 
B 1 ILE A 42  ? SER A 44  ? ILE A 42  SER A 44  
B 2 LYS A 50  ? SER A 52  ? LYS A 50  SER A 52  
# 
loop_
_pdbx_struct_sheet_hbond.sheet_id 
_pdbx_struct_sheet_hbond.range_id_1 
_pdbx_struct_sheet_hbond.range_id_2 
_pdbx_struct_sheet_hbond.range_1_label_atom_id 
_pdbx_struct_sheet_hbond.range_1_label_comp_id 
_pdbx_struct_sheet_hbond.range_1_label_asym_id 
_pdbx_struct_sheet_hbond.range_1_label_seq_id 
_pdbx_struct_sheet_hbond.range_1_PDB_ins_code 
_pdbx_struct_sheet_hbond.range_1_auth_atom_id 
_pdbx_struct_sheet_hbond.range_1_auth_comp_id 
_pdbx_struct_sheet_hbond.range_1_auth_asym_id 
_pdbx_struct_sheet_hbond.range_1_auth_seq_id 
_pdbx_struct_sheet_hbond.range_2_label_atom_id 
_pdbx_struct_sheet_hbond.range_2_label_comp_id 
_pdbx_struct_sheet_hbond.range_2_label_asym_id 
_pdbx_struct_sheet_hbond.range_2_label_seq_id 
_pdbx_struct_sheet_hbond.range_2_PDB_ins_code 
_pdbx_struct_sheet_hbond.range_2_auth_atom_id 
_pdbx_struct_sheet_hbond.range_2_auth_comp_id 
_pdbx_struct_sheet_hbond.range_2_auth_asym_id 
_pdbx_struct_sheet_hbond.range_2_auth_seq_id 
A 1 2 O TYR A 55  ? O TYR A 55  N THR A 36  ? N THR A 36  
A 2 3 O SER A 33  ? O SER A 33  N ALA A 6   ? N ALA A 6   
A 3 4 N LEU A 9   ? N LEU A 9   O VAL A 68  ? O VAL A 68  
A 4 5 N MSE A 69  ? N MSE A 69  O ALA A 97  ? O ALA A 97  
A 5 6 N ALA A 98  ? N ALA A 98  O VAL A 149 ? O VAL A 149 
A 6 7 O THR A 150 ? O THR A 150 N VAL A 143 ? N VAL A 143 
B 1 2 N VAL A 43  ? N VAL A 43  O THR A 51  ? O THR A 51  
# 
_pdbx_entry_details.entry_id                   3F5D 
_pdbx_entry_details.compound_details           ? 
_pdbx_entry_details.source_details             ? 
_pdbx_entry_details.nonpolymer_details         ? 
_pdbx_entry_details.sequence_details           ? 
_pdbx_entry_details.has_ligand_of_interest     ? 
_pdbx_entry_details.has_protein_modification   Y 
# 
loop_
_pdbx_validate_torsion.id 
_pdbx_validate_torsion.PDB_model_num 
_pdbx_validate_torsion.auth_comp_id 
_pdbx_validate_torsion.auth_asym_id 
_pdbx_validate_torsion.auth_seq_id 
_pdbx_validate_torsion.PDB_ins_code 
_pdbx_validate_torsion.label_alt_id 
_pdbx_validate_torsion.phi 
_pdbx_validate_torsion.psi 
1 1 CYS A 100 ? ? 54.83   -127.81 
2 1 LYS A 146 ? ? 59.46   -121.28 
3 1 GLU A 173 ? ? -83.79  48.24   
4 1 ASN A 174 ? ? -157.75 -44.38  
5 1 TYR A 193 ? ? -146.93 -22.18  
# 
_pdbx_SG_project.id                    1 
_pdbx_SG_project.project_name          'PSI, Protein Structure Initiative' 
_pdbx_SG_project.full_name_of_center   'New York SGX Research Center for Structural Genomics' 
_pdbx_SG_project.initial_of_center     NYSGXRC 
# 
loop_
_pdbx_struct_mod_residue.id 
_pdbx_struct_mod_residue.label_asym_id 
_pdbx_struct_mod_residue.label_comp_id 
_pdbx_struct_mod_residue.label_seq_id 
_pdbx_struct_mod_residue.auth_asym_id 
_pdbx_struct_mod_residue.auth_comp_id 
_pdbx_struct_mod_residue.auth_seq_id 
_pdbx_struct_mod_residue.PDB_ins_code 
_pdbx_struct_mod_residue.parent_comp_id 
_pdbx_struct_mod_residue.details 
1 A MSE 69  A MSE 69  ? MET SELENOMETHIONINE 
2 A MSE 166 A MSE 166 ? MET SELENOMETHIONINE 
3 A MSE 178 A MSE 178 ? MET SELENOMETHIONINE 
4 A MSE 179 A MSE 179 ? MET SELENOMETHIONINE 
5 A MSE 181 A MSE 181 ? MET SELENOMETHIONINE 
# 
loop_
_pdbx_unobs_or_zero_occ_residues.id 
_pdbx_unobs_or_zero_occ_residues.PDB_model_num 
_pdbx_unobs_or_zero_occ_residues.polymer_flag 
_pdbx_unobs_or_zero_occ_residues.occupancy_flag 
_pdbx_unobs_or_zero_occ_residues.auth_asym_id 
_pdbx_unobs_or_zero_occ_residues.auth_comp_id 
_pdbx_unobs_or_zero_occ_residues.auth_seq_id 
_pdbx_unobs_or_zero_occ_residues.PDB_ins_code 
_pdbx_unobs_or_zero_occ_residues.label_asym_id 
_pdbx_unobs_or_zero_occ_residues.label_comp_id 
_pdbx_unobs_or_zero_occ_residues.label_seq_id 
1  1 Y 1 A MSE 1   ? A MSE 1   
2  1 Y 1 A SER 2   ? A SER 2   
3  1 Y 1 A PRO 196 ? A PRO 196 
4  1 Y 1 A PHE 197 ? A PHE 197 
5  1 Y 1 A VAL 198 ? A VAL 198 
6  1 Y 1 A GLU 199 ? A GLU 199 
7  1 Y 1 A GLY 200 ? A GLY 200 
8  1 Y 1 A HIS 201 ? A HIS 201 
9  1 Y 1 A HIS 202 ? A HIS 202 
10 1 Y 1 A HIS 203 ? A HIS 203 
11 1 Y 1 A HIS 204 ? A HIS 204 
12 1 Y 1 A HIS 205 ? A HIS 205 
13 1 Y 1 A HIS 206 ? A HIS 206 
# 
loop_
_chem_comp_atom.comp_id 
_chem_comp_atom.atom_id 
_chem_comp_atom.type_symbol 
_chem_comp_atom.pdbx_aromatic_flag 
_chem_comp_atom.pdbx_stereo_config 
_chem_comp_atom.pdbx_ordinal 
ALA N    N  N N 1   
ALA CA   C  N S 2   
ALA C    C  N N 3   
ALA O    O  N N 4   
ALA CB   C  N N 5   
ALA OXT  O  N N 6   
ALA H    H  N N 7   
ALA H2   H  N N 8   
ALA HA   H  N N 9   
ALA HB1  H  N N 10  
ALA HB2  H  N N 11  
ALA HB3  H  N N 12  
ALA HXT  H  N N 13  
ARG N    N  N N 14  
ARG CA   C  N S 15  
ARG C    C  N N 16  
ARG O    O  N N 17  
ARG CB   C  N N 18  
ARG CG   C  N N 19  
ARG CD   C  N N 20  
ARG NE   N  N N 21  
ARG CZ   C  N N 22  
ARG NH1  N  N N 23  
ARG NH2  N  N N 24  
ARG OXT  O  N N 25  
ARG H    H  N N 26  
ARG H2   H  N N 27  
ARG HA   H  N N 28  
ARG HB2  H  N N 29  
ARG HB3  H  N N 30  
ARG HG2  H  N N 31  
ARG HG3  H  N N 32  
ARG HD2  H  N N 33  
ARG HD3  H  N N 34  
ARG HE   H  N N 35  
ARG HH11 H  N N 36  
ARG HH12 H  N N 37  
ARG HH21 H  N N 38  
ARG HH22 H  N N 39  
ARG HXT  H  N N 40  
ASN N    N  N N 41  
ASN CA   C  N S 42  
ASN C    C  N N 43  
ASN O    O  N N 44  
ASN CB   C  N N 45  
ASN CG   C  N N 46  
ASN OD1  O  N N 47  
ASN ND2  N  N N 48  
ASN OXT  O  N N 49  
ASN H    H  N N 50  
ASN H2   H  N N 51  
ASN HA   H  N N 52  
ASN HB2  H  N N 53  
ASN HB3  H  N N 54  
ASN HD21 H  N N 55  
ASN HD22 H  N N 56  
ASN HXT  H  N N 57  
ASP N    N  N N 58  
ASP CA   C  N S 59  
ASP C    C  N N 60  
ASP O    O  N N 61  
ASP CB   C  N N 62  
ASP CG   C  N N 63  
ASP OD1  O  N N 64  
ASP OD2  O  N N 65  
ASP OXT  O  N N 66  
ASP H    H  N N 67  
ASP H2   H  N N 68  
ASP HA   H  N N 69  
ASP HB2  H  N N 70  
ASP HB3  H  N N 71  
ASP HD2  H  N N 72  
ASP HXT  H  N N 73  
CYS N    N  N N 74  
CYS CA   C  N R 75  
CYS C    C  N N 76  
CYS O    O  N N 77  
CYS CB   C  N N 78  
CYS SG   S  N N 79  
CYS OXT  O  N N 80  
CYS H    H  N N 81  
CYS H2   H  N N 82  
CYS HA   H  N N 83  
CYS HB2  H  N N 84  
CYS HB3  H  N N 85  
CYS HG   H  N N 86  
CYS HXT  H  N N 87  
GLN N    N  N N 88  
GLN CA   C  N S 89  
GLN C    C  N N 90  
GLN O    O  N N 91  
GLN CB   C  N N 92  
GLN CG   C  N N 93  
GLN CD   C  N N 94  
GLN OE1  O  N N 95  
GLN NE2  N  N N 96  
GLN OXT  O  N N 97  
GLN H    H  N N 98  
GLN H2   H  N N 99  
GLN HA   H  N N 100 
GLN HB2  H  N N 101 
GLN HB3  H  N N 102 
GLN HG2  H  N N 103 
GLN HG3  H  N N 104 
GLN HE21 H  N N 105 
GLN HE22 H  N N 106 
GLN HXT  H  N N 107 
GLU N    N  N N 108 
GLU CA   C  N S 109 
GLU C    C  N N 110 
GLU O    O  N N 111 
GLU CB   C  N N 112 
GLU CG   C  N N 113 
GLU CD   C  N N 114 
GLU OE1  O  N N 115 
GLU OE2  O  N N 116 
GLU OXT  O  N N 117 
GLU H    H  N N 118 
GLU H2   H  N N 119 
GLU HA   H  N N 120 
GLU HB2  H  N N 121 
GLU HB3  H  N N 122 
GLU HG2  H  N N 123 
GLU HG3  H  N N 124 
GLU HE2  H  N N 125 
GLU HXT  H  N N 126 
GLY N    N  N N 127 
GLY CA   C  N N 128 
GLY C    C  N N 129 
GLY O    O  N N 130 
GLY OXT  O  N N 131 
GLY H    H  N N 132 
GLY H2   H  N N 133 
GLY HA2  H  N N 134 
GLY HA3  H  N N 135 
GLY HXT  H  N N 136 
HIS N    N  N N 137 
HIS CA   C  N S 138 
HIS C    C  N N 139 
HIS O    O  N N 140 
HIS CB   C  N N 141 
HIS CG   C  Y N 142 
HIS ND1  N  Y N 143 
HIS CD2  C  Y N 144 
HIS CE1  C  Y N 145 
HIS NE2  N  Y N 146 
HIS OXT  O  N N 147 
HIS H    H  N N 148 
HIS H2   H  N N 149 
HIS HA   H  N N 150 
HIS HB2  H  N N 151 
HIS HB3  H  N N 152 
HIS HD1  H  N N 153 
HIS HD2  H  N N 154 
HIS HE1  H  N N 155 
HIS HE2  H  N N 156 
HIS HXT  H  N N 157 
HOH O    O  N N 158 
HOH H1   H  N N 159 
HOH H2   H  N N 160 
ILE N    N  N N 161 
ILE CA   C  N S 162 
ILE C    C  N N 163 
ILE O    O  N N 164 
ILE CB   C  N S 165 
ILE CG1  C  N N 166 
ILE CG2  C  N N 167 
ILE CD1  C  N N 168 
ILE OXT  O  N N 169 
ILE H    H  N N 170 
ILE H2   H  N N 171 
ILE HA   H  N N 172 
ILE HB   H  N N 173 
ILE HG12 H  N N 174 
ILE HG13 H  N N 175 
ILE HG21 H  N N 176 
ILE HG22 H  N N 177 
ILE HG23 H  N N 178 
ILE HD11 H  N N 179 
ILE HD12 H  N N 180 
ILE HD13 H  N N 181 
ILE HXT  H  N N 182 
LEU N    N  N N 183 
LEU CA   C  N S 184 
LEU C    C  N N 185 
LEU O    O  N N 186 
LEU CB   C  N N 187 
LEU CG   C  N N 188 
LEU CD1  C  N N 189 
LEU CD2  C  N N 190 
LEU OXT  O  N N 191 
LEU H    H  N N 192 
LEU H2   H  N N 193 
LEU HA   H  N N 194 
LEU HB2  H  N N 195 
LEU HB3  H  N N 196 
LEU HG   H  N N 197 
LEU HD11 H  N N 198 
LEU HD12 H  N N 199 
LEU HD13 H  N N 200 
LEU HD21 H  N N 201 
LEU HD22 H  N N 202 
LEU HD23 H  N N 203 
LEU HXT  H  N N 204 
LYS N    N  N N 205 
LYS CA   C  N S 206 
LYS C    C  N N 207 
LYS O    O  N N 208 
LYS CB   C  N N 209 
LYS CG   C  N N 210 
LYS CD   C  N N 211 
LYS CE   C  N N 212 
LYS NZ   N  N N 213 
LYS OXT  O  N N 214 
LYS H    H  N N 215 
LYS H2   H  N N 216 
LYS HA   H  N N 217 
LYS HB2  H  N N 218 
LYS HB3  H  N N 219 
LYS HG2  H  N N 220 
LYS HG3  H  N N 221 
LYS HD2  H  N N 222 
LYS HD3  H  N N 223 
LYS HE2  H  N N 224 
LYS HE3  H  N N 225 
LYS HZ1  H  N N 226 
LYS HZ2  H  N N 227 
LYS HZ3  H  N N 228 
LYS HXT  H  N N 229 
MSE N    N  N N 230 
MSE CA   C  N S 231 
MSE C    C  N N 232 
MSE O    O  N N 233 
MSE OXT  O  N N 234 
MSE CB   C  N N 235 
MSE CG   C  N N 236 
MSE SE   SE N N 237 
MSE CE   C  N N 238 
MSE H    H  N N 239 
MSE H2   H  N N 240 
MSE HA   H  N N 241 
MSE HXT  H  N N 242 
MSE HB2  H  N N 243 
MSE HB3  H  N N 244 
MSE HG2  H  N N 245 
MSE HG3  H  N N 246 
MSE HE1  H  N N 247 
MSE HE2  H  N N 248 
MSE HE3  H  N N 249 
PHE N    N  N N 250 
PHE CA   C  N S 251 
PHE C    C  N N 252 
PHE O    O  N N 253 
PHE CB   C  N N 254 
PHE CG   C  Y N 255 
PHE CD1  C  Y N 256 
PHE CD2  C  Y N 257 
PHE CE1  C  Y N 258 
PHE CE2  C  Y N 259 
PHE CZ   C  Y N 260 
PHE OXT  O  N N 261 
PHE H    H  N N 262 
PHE H2   H  N N 263 
PHE HA   H  N N 264 
PHE HB2  H  N N 265 
PHE HB3  H  N N 266 
PHE HD1  H  N N 267 
PHE HD2  H  N N 268 
PHE HE1  H  N N 269 
PHE HE2  H  N N 270 
PHE HZ   H  N N 271 
PHE HXT  H  N N 272 
PRO N    N  N N 273 
PRO CA   C  N S 274 
PRO C    C  N N 275 
PRO O    O  N N 276 
PRO CB   C  N N 277 
PRO CG   C  N N 278 
PRO CD   C  N N 279 
PRO OXT  O  N N 280 
PRO H    H  N N 281 
PRO HA   H  N N 282 
PRO HB2  H  N N 283 
PRO HB3  H  N N 284 
PRO HG2  H  N N 285 
PRO HG3  H  N N 286 
PRO HD2  H  N N 287 
PRO HD3  H  N N 288 
PRO HXT  H  N N 289 
SER N    N  N N 290 
SER CA   C  N S 291 
SER C    C  N N 292 
SER O    O  N N 293 
SER CB   C  N N 294 
SER OG   O  N N 295 
SER OXT  O  N N 296 
SER H    H  N N 297 
SER H2   H  N N 298 
SER HA   H  N N 299 
SER HB2  H  N N 300 
SER HB3  H  N N 301 
SER HG   H  N N 302 
SER HXT  H  N N 303 
THR N    N  N N 304 
THR CA   C  N S 305 
THR C    C  N N 306 
THR O    O  N N 307 
THR CB   C  N R 308 
THR OG1  O  N N 309 
THR CG2  C  N N 310 
THR OXT  O  N N 311 
THR H    H  N N 312 
THR H2   H  N N 313 
THR HA   H  N N 314 
THR HB   H  N N 315 
THR HG1  H  N N 316 
THR HG21 H  N N 317 
THR HG22 H  N N 318 
THR HG23 H  N N 319 
THR HXT  H  N N 320 
TRP N    N  N N 321 
TRP CA   C  N S 322 
TRP C    C  N N 323 
TRP O    O  N N 324 
TRP CB   C  N N 325 
TRP CG   C  Y N 326 
TRP CD1  C  Y N 327 
TRP CD2  C  Y N 328 
TRP NE1  N  Y N 329 
TRP CE2  C  Y N 330 
TRP CE3  C  Y N 331 
TRP CZ2  C  Y N 332 
TRP CZ3  C  Y N 333 
TRP CH2  C  Y N 334 
TRP OXT  O  N N 335 
TRP H    H  N N 336 
TRP H2   H  N N 337 
TRP HA   H  N N 338 
TRP HB2  H  N N 339 
TRP HB3  H  N N 340 
TRP HD1  H  N N 341 
TRP HE1  H  N N 342 
TRP HE3  H  N N 343 
TRP HZ2  H  N N 344 
TRP HZ3  H  N N 345 
TRP HH2  H  N N 346 
TRP HXT  H  N N 347 
TYR N    N  N N 348 
TYR CA   C  N S 349 
TYR C    C  N N 350 
TYR O    O  N N 351 
TYR CB   C  N N 352 
TYR CG   C  Y N 353 
TYR CD1  C  Y N 354 
TYR CD2  C  Y N 355 
TYR CE1  C  Y N 356 
TYR CE2  C  Y N 357 
TYR CZ   C  Y N 358 
TYR OH   O  N N 359 
TYR OXT  O  N N 360 
TYR H    H  N N 361 
TYR H2   H  N N 362 
TYR HA   H  N N 363 
TYR HB2  H  N N 364 
TYR HB3  H  N N 365 
TYR HD1  H  N N 366 
TYR HD2  H  N N 367 
TYR HE1  H  N N 368 
TYR HE2  H  N N 369 
TYR HH   H  N N 370 
TYR HXT  H  N N 371 
VAL N    N  N N 372 
VAL CA   C  N S 373 
VAL C    C  N N 374 
VAL O    O  N N 375 
VAL CB   C  N N 376 
VAL CG1  C  N N 377 
VAL CG2  C  N N 378 
VAL OXT  O  N N 379 
VAL H    H  N N 380 
VAL H2   H  N N 381 
VAL HA   H  N N 382 
VAL HB   H  N N 383 
VAL HG11 H  N N 384 
VAL HG12 H  N N 385 
VAL HG13 H  N N 386 
VAL HG21 H  N N 387 
VAL HG22 H  N N 388 
VAL HG23 H  N N 389 
VAL HXT  H  N N 390 
# 
loop_
_chem_comp_bond.comp_id 
_chem_comp_bond.atom_id_1 
_chem_comp_bond.atom_id_2 
_chem_comp_bond.value_order 
_chem_comp_bond.pdbx_aromatic_flag 
_chem_comp_bond.pdbx_stereo_config 
_chem_comp_bond.pdbx_ordinal 
ALA N   CA   sing N N 1   
ALA N   H    sing N N 2   
ALA N   H2   sing N N 3   
ALA CA  C    sing N N 4   
ALA CA  CB   sing N N 5   
ALA CA  HA   sing N N 6   
ALA C   O    doub N N 7   
ALA C   OXT  sing N N 8   
ALA CB  HB1  sing N N 9   
ALA CB  HB2  sing N N 10  
ALA CB  HB3  sing N N 11  
ALA OXT HXT  sing N N 12  
ARG N   CA   sing N N 13  
ARG N   H    sing N N 14  
ARG N   H2   sing N N 15  
ARG CA  C    sing N N 16  
ARG CA  CB   sing N N 17  
ARG CA  HA   sing N N 18  
ARG C   O    doub N N 19  
ARG C   OXT  sing N N 20  
ARG CB  CG   sing N N 21  
ARG CB  HB2  sing N N 22  
ARG CB  HB3  sing N N 23  
ARG CG  CD   sing N N 24  
ARG CG  HG2  sing N N 25  
ARG CG  HG3  sing N N 26  
ARG CD  NE   sing N N 27  
ARG CD  HD2  sing N N 28  
ARG CD  HD3  sing N N 29  
ARG NE  CZ   sing N N 30  
ARG NE  HE   sing N N 31  
ARG CZ  NH1  sing N N 32  
ARG CZ  NH2  doub N N 33  
ARG NH1 HH11 sing N N 34  
ARG NH1 HH12 sing N N 35  
ARG NH2 HH21 sing N N 36  
ARG NH2 HH22 sing N N 37  
ARG OXT HXT  sing N N 38  
ASN N   CA   sing N N 39  
ASN N   H    sing N N 40  
ASN N   H2   sing N N 41  
ASN CA  C    sing N N 42  
ASN CA  CB   sing N N 43  
ASN CA  HA   sing N N 44  
ASN C   O    doub N N 45  
ASN C   OXT  sing N N 46  
ASN CB  CG   sing N N 47  
ASN CB  HB2  sing N N 48  
ASN CB  HB3  sing N N 49  
ASN CG  OD1  doub N N 50  
ASN CG  ND2  sing N N 51  
ASN ND2 HD21 sing N N 52  
ASN ND2 HD22 sing N N 53  
ASN OXT HXT  sing N N 54  
ASP N   CA   sing N N 55  
ASP N   H    sing N N 56  
ASP N   H2   sing N N 57  
ASP CA  C    sing N N 58  
ASP CA  CB   sing N N 59  
ASP CA  HA   sing N N 60  
ASP C   O    doub N N 61  
ASP C   OXT  sing N N 62  
ASP CB  CG   sing N N 63  
ASP CB  HB2  sing N N 64  
ASP CB  HB3  sing N N 65  
ASP CG  OD1  doub N N 66  
ASP CG  OD2  sing N N 67  
ASP OD2 HD2  sing N N 68  
ASP OXT HXT  sing N N 69  
CYS N   CA   sing N N 70  
CYS N   H    sing N N 71  
CYS N   H2   sing N N 72  
CYS CA  C    sing N N 73  
CYS CA  CB   sing N N 74  
CYS CA  HA   sing N N 75  
CYS C   O    doub N N 76  
CYS C   OXT  sing N N 77  
CYS CB  SG   sing N N 78  
CYS CB  HB2  sing N N 79  
CYS CB  HB3  sing N N 80  
CYS SG  HG   sing N N 81  
CYS OXT HXT  sing N N 82  
GLN N   CA   sing N N 83  
GLN N   H    sing N N 84  
GLN N   H2   sing N N 85  
GLN CA  C    sing N N 86  
GLN CA  CB   sing N N 87  
GLN CA  HA   sing N N 88  
GLN C   O    doub N N 89  
GLN C   OXT  sing N N 90  
GLN CB  CG   sing N N 91  
GLN CB  HB2  sing N N 92  
GLN CB  HB3  sing N N 93  
GLN CG  CD   sing N N 94  
GLN CG  HG2  sing N N 95  
GLN CG  HG3  sing N N 96  
GLN CD  OE1  doub N N 97  
GLN CD  NE2  sing N N 98  
GLN NE2 HE21 sing N N 99  
GLN NE2 HE22 sing N N 100 
GLN OXT HXT  sing N N 101 
GLU N   CA   sing N N 102 
GLU N   H    sing N N 103 
GLU N   H2   sing N N 104 
GLU CA  C    sing N N 105 
GLU CA  CB   sing N N 106 
GLU CA  HA   sing N N 107 
GLU C   O    doub N N 108 
GLU C   OXT  sing N N 109 
GLU CB  CG   sing N N 110 
GLU CB  HB2  sing N N 111 
GLU CB  HB3  sing N N 112 
GLU CG  CD   sing N N 113 
GLU CG  HG2  sing N N 114 
GLU CG  HG3  sing N N 115 
GLU CD  OE1  doub N N 116 
GLU CD  OE2  sing N N 117 
GLU OE2 HE2  sing N N 118 
GLU OXT HXT  sing N N 119 
GLY N   CA   sing N N 120 
GLY N   H    sing N N 121 
GLY N   H2   sing N N 122 
GLY CA  C    sing N N 123 
GLY CA  HA2  sing N N 124 
GLY CA  HA3  sing N N 125 
GLY C   O    doub N N 126 
GLY C   OXT  sing N N 127 
GLY OXT HXT  sing N N 128 
HIS N   CA   sing N N 129 
HIS N   H    sing N N 130 
HIS N   H2   sing N N 131 
HIS CA  C    sing N N 132 
HIS CA  CB   sing N N 133 
HIS CA  HA   sing N N 134 
HIS C   O    doub N N 135 
HIS C   OXT  sing N N 136 
HIS CB  CG   sing N N 137 
HIS CB  HB2  sing N N 138 
HIS CB  HB3  sing N N 139 
HIS CG  ND1  sing Y N 140 
HIS CG  CD2  doub Y N 141 
HIS ND1 CE1  doub Y N 142 
HIS ND1 HD1  sing N N 143 
HIS CD2 NE2  sing Y N 144 
HIS CD2 HD2  sing N N 145 
HIS CE1 NE2  sing Y N 146 
HIS CE1 HE1  sing N N 147 
HIS NE2 HE2  sing N N 148 
HIS OXT HXT  sing N N 149 
HOH O   H1   sing N N 150 
HOH O   H2   sing N N 151 
ILE N   CA   sing N N 152 
ILE N   H    sing N N 153 
ILE N   H2   sing N N 154 
ILE CA  C    sing N N 155 
ILE CA  CB   sing N N 156 
ILE CA  HA   sing N N 157 
ILE C   O    doub N N 158 
ILE C   OXT  sing N N 159 
ILE CB  CG1  sing N N 160 
ILE CB  CG2  sing N N 161 
ILE CB  HB   sing N N 162 
ILE CG1 CD1  sing N N 163 
ILE CG1 HG12 sing N N 164 
ILE CG1 HG13 sing N N 165 
ILE CG2 HG21 sing N N 166 
ILE CG2 HG22 sing N N 167 
ILE CG2 HG23 sing N N 168 
ILE CD1 HD11 sing N N 169 
ILE CD1 HD12 sing N N 170 
ILE CD1 HD13 sing N N 171 
ILE OXT HXT  sing N N 172 
LEU N   CA   sing N N 173 
LEU N   H    sing N N 174 
LEU N   H2   sing N N 175 
LEU CA  C    sing N N 176 
LEU CA  CB   sing N N 177 
LEU CA  HA   sing N N 178 
LEU C   O    doub N N 179 
LEU C   OXT  sing N N 180 
LEU CB  CG   sing N N 181 
LEU CB  HB2  sing N N 182 
LEU CB  HB3  sing N N 183 
LEU CG  CD1  sing N N 184 
LEU CG  CD2  sing N N 185 
LEU CG  HG   sing N N 186 
LEU CD1 HD11 sing N N 187 
LEU CD1 HD12 sing N N 188 
LEU CD1 HD13 sing N N 189 
LEU CD2 HD21 sing N N 190 
LEU CD2 HD22 sing N N 191 
LEU CD2 HD23 sing N N 192 
LEU OXT HXT  sing N N 193 
LYS N   CA   sing N N 194 
LYS N   H    sing N N 195 
LYS N   H2   sing N N 196 
LYS CA  C    sing N N 197 
LYS CA  CB   sing N N 198 
LYS CA  HA   sing N N 199 
LYS C   O    doub N N 200 
LYS C   OXT  sing N N 201 
LYS CB  CG   sing N N 202 
LYS CB  HB2  sing N N 203 
LYS CB  HB3  sing N N 204 
LYS CG  CD   sing N N 205 
LYS CG  HG2  sing N N 206 
LYS CG  HG3  sing N N 207 
LYS CD  CE   sing N N 208 
LYS CD  HD2  sing N N 209 
LYS CD  HD3  sing N N 210 
LYS CE  NZ   sing N N 211 
LYS CE  HE2  sing N N 212 
LYS CE  HE3  sing N N 213 
LYS NZ  HZ1  sing N N 214 
LYS NZ  HZ2  sing N N 215 
LYS NZ  HZ3  sing N N 216 
LYS OXT HXT  sing N N 217 
MSE N   CA   sing N N 218 
MSE N   H    sing N N 219 
MSE N   H2   sing N N 220 
MSE CA  C    sing N N 221 
MSE CA  CB   sing N N 222 
MSE CA  HA   sing N N 223 
MSE C   O    doub N N 224 
MSE C   OXT  sing N N 225 
MSE OXT HXT  sing N N 226 
MSE CB  CG   sing N N 227 
MSE CB  HB2  sing N N 228 
MSE CB  HB3  sing N N 229 
MSE CG  SE   sing N N 230 
MSE CG  HG2  sing N N 231 
MSE CG  HG3  sing N N 232 
MSE SE  CE   sing N N 233 
MSE CE  HE1  sing N N 234 
MSE CE  HE2  sing N N 235 
MSE CE  HE3  sing N N 236 
PHE N   CA   sing N N 237 
PHE N   H    sing N N 238 
PHE N   H2   sing N N 239 
PHE CA  C    sing N N 240 
PHE CA  CB   sing N N 241 
PHE CA  HA   sing N N 242 
PHE C   O    doub N N 243 
PHE C   OXT  sing N N 244 
PHE CB  CG   sing N N 245 
PHE CB  HB2  sing N N 246 
PHE CB  HB3  sing N N 247 
PHE CG  CD1  doub Y N 248 
PHE CG  CD2  sing Y N 249 
PHE CD1 CE1  sing Y N 250 
PHE CD1 HD1  sing N N 251 
PHE CD2 CE2  doub Y N 252 
PHE CD2 HD2  sing N N 253 
PHE CE1 CZ   doub Y N 254 
PHE CE1 HE1  sing N N 255 
PHE CE2 CZ   sing Y N 256 
PHE CE2 HE2  sing N N 257 
PHE CZ  HZ   sing N N 258 
PHE OXT HXT  sing N N 259 
PRO N   CA   sing N N 260 
PRO N   CD   sing N N 261 
PRO N   H    sing N N 262 
PRO CA  C    sing N N 263 
PRO CA  CB   sing N N 264 
PRO CA  HA   sing N N 265 
PRO C   O    doub N N 266 
PRO C   OXT  sing N N 267 
PRO CB  CG   sing N N 268 
PRO CB  HB2  sing N N 269 
PRO CB  HB3  sing N N 270 
PRO CG  CD   sing N N 271 
PRO CG  HG2  sing N N 272 
PRO CG  HG3  sing N N 273 
PRO CD  HD2  sing N N 274 
PRO CD  HD3  sing N N 275 
PRO OXT HXT  sing N N 276 
SER N   CA   sing N N 277 
SER N   H    sing N N 278 
SER N   H2   sing N N 279 
SER CA  C    sing N N 280 
SER CA  CB   sing N N 281 
SER CA  HA   sing N N 282 
SER C   O    doub N N 283 
SER C   OXT  sing N N 284 
SER CB  OG   sing N N 285 
SER CB  HB2  sing N N 286 
SER CB  HB3  sing N N 287 
SER OG  HG   sing N N 288 
SER OXT HXT  sing N N 289 
THR N   CA   sing N N 290 
THR N   H    sing N N 291 
THR N   H2   sing N N 292 
THR CA  C    sing N N 293 
THR CA  CB   sing N N 294 
THR CA  HA   sing N N 295 
THR C   O    doub N N 296 
THR C   OXT  sing N N 297 
THR CB  OG1  sing N N 298 
THR CB  CG2  sing N N 299 
THR CB  HB   sing N N 300 
THR OG1 HG1  sing N N 301 
THR CG2 HG21 sing N N 302 
THR CG2 HG22 sing N N 303 
THR CG2 HG23 sing N N 304 
THR OXT HXT  sing N N 305 
TRP N   CA   sing N N 306 
TRP N   H    sing N N 307 
TRP N   H2   sing N N 308 
TRP CA  C    sing N N 309 
TRP CA  CB   sing N N 310 
TRP CA  HA   sing N N 311 
TRP C   O    doub N N 312 
TRP C   OXT  sing N N 313 
TRP CB  CG   sing N N 314 
TRP CB  HB2  sing N N 315 
TRP CB  HB3  sing N N 316 
TRP CG  CD1  doub Y N 317 
TRP CG  CD2  sing Y N 318 
TRP CD1 NE1  sing Y N 319 
TRP CD1 HD1  sing N N 320 
TRP CD2 CE2  doub Y N 321 
TRP CD2 CE3  sing Y N 322 
TRP NE1 CE2  sing Y N 323 
TRP NE1 HE1  sing N N 324 
TRP CE2 CZ2  sing Y N 325 
TRP CE3 CZ3  doub Y N 326 
TRP CE3 HE3  sing N N 327 
TRP CZ2 CH2  doub Y N 328 
TRP CZ2 HZ2  sing N N 329 
TRP CZ3 CH2  sing Y N 330 
TRP CZ3 HZ3  sing N N 331 
TRP CH2 HH2  sing N N 332 
TRP OXT HXT  sing N N 333 
TYR N   CA   sing N N 334 
TYR N   H    sing N N 335 
TYR N   H2   sing N N 336 
TYR CA  C    sing N N 337 
TYR CA  CB   sing N N 338 
TYR CA  HA   sing N N 339 
TYR C   O    doub N N 340 
TYR C   OXT  sing N N 341 
TYR CB  CG   sing N N 342 
TYR CB  HB2  sing N N 343 
TYR CB  HB3  sing N N 344 
TYR CG  CD1  doub Y N 345 
TYR CG  CD2  sing Y N 346 
TYR CD1 CE1  sing Y N 347 
TYR CD1 HD1  sing N N 348 
TYR CD2 CE2  doub Y N 349 
TYR CD2 HD2  sing N N 350 
TYR CE1 CZ   doub Y N 351 
TYR CE1 HE1  sing N N 352 
TYR CE2 CZ   sing Y N 353 
TYR CE2 HE2  sing N N 354 
TYR CZ  OH   sing N N 355 
TYR OH  HH   sing N N 356 
TYR OXT HXT  sing N N 357 
VAL N   CA   sing N N 358 
VAL N   H    sing N N 359 
VAL N   H2   sing N N 360 
VAL CA  C    sing N N 361 
VAL CA  CB   sing N N 362 
VAL CA  HA   sing N N 363 
VAL C   O    doub N N 364 
VAL C   OXT  sing N N 365 
VAL CB  CG1  sing N N 366 
VAL CB  CG2  sing N N 367 
VAL CB  HB   sing N N 368 
VAL CG1 HG11 sing N N 369 
VAL CG1 HG12 sing N N 370 
VAL CG1 HG13 sing N N 371 
VAL CG2 HG21 sing N N 372 
VAL CG2 HG22 sing N N 373 
VAL CG2 HG23 sing N N 374 
VAL OXT HXT  sing N N 375 
# 
_atom_sites.entry_id                    3F5D 
_atom_sites.fract_transf_matrix[1][1]   0.00168713 
_atom_sites.fract_transf_matrix[1][2]   0.01147403 
_atom_sites.fract_transf_matrix[1][3]   0.01107167 
_atom_sites.fract_transf_matrix[2][1]   0.00946875 
_atom_sites.fract_transf_matrix[2][2]   0.00620840 
_atom_sites.fract_transf_matrix[2][3]   -0.00787689 
_atom_sites.fract_transf_matrix[3][1]   -0.01361255 
_atom_sites.fract_transf_matrix[3][2]   0.02153742 
_atom_sites.fract_transf_matrix[3][3]   0.00061181 
_atom_sites.fract_transf_vector[1]      0.171461 
_atom_sites.fract_transf_vector[2]      0.153976 
_atom_sites.fract_transf_vector[3]      -0.005334 
# 
loop_
_atom_type.symbol 
C  
N  
O  
S  
SE 
# 
loop_
_atom_site.group_PDB 
_atom_site.id 
_atom_site.type_symbol 
_atom_site.label_atom_id 
_atom_site.label_alt_id 
_atom_site.label_comp_id 
_atom_site.label_asym_id 
_atom_site.label_entity_id 
_atom_site.label_seq_id 
_atom_site.pdbx_PDB_ins_code 
_atom_site.Cartn_x 
_atom_site.Cartn_y 
_atom_site.Cartn_z 
_atom_site.occupancy 
_atom_site.B_iso_or_equiv 
_atom_site.pdbx_formal_charge 
_atom_site.auth_seq_id 
_atom_site.auth_comp_id 
_atom_site.auth_asym_id 
_atom_site.auth_atom_id 
_atom_site.pdbx_PDB_model_num 
ATOM   1    N  N   . LEU A 1 3   ? -4.298  20.470  -1.946  1.00 42.22 ? 3   LEU A N   1 
ATOM   2    C  CA  . LEU A 1 3   ? -4.004  19.254  -2.762  1.00 41.45 ? 3   LEU A CA  1 
ATOM   3    C  C   . LEU A 1 3   ? -3.053  18.346  -1.989  1.00 40.33 ? 3   LEU A C   1 
ATOM   4    O  O   . LEU A 1 3   ? -2.086  18.798  -1.374  1.00 41.01 ? 3   LEU A O   1 
ATOM   5    C  CB  . LEU A 1 3   ? -3.374  19.657  -4.106  1.00 43.14 ? 3   LEU A CB  1 
ATOM   6    C  CG  . LEU A 1 3   ? -3.150  18.586  -5.179  1.00 44.54 ? 3   LEU A CG  1 
ATOM   7    C  CD1 . LEU A 1 3   ? -4.473  18.078  -5.756  1.00 44.40 ? 3   LEU A CD1 1 
ATOM   8    C  CD2 . LEU A 1 3   ? -2.319  19.182  -6.304  1.00 44.66 ? 3   LEU A CD2 1 
ATOM   9    N  N   . LYS A 1 4   ? -3.350  17.057  -2.027  1.00 37.63 ? 4   LYS A N   1 
ATOM   10   C  CA  . LYS A 1 4   ? -2.556  16.070  -1.341  1.00 34.19 ? 4   LYS A CA  1 
ATOM   11   C  C   . LYS A 1 4   ? -2.004  15.069  -2.358  1.00 33.05 ? 4   LYS A C   1 
ATOM   12   O  O   . LYS A 1 4   ? -2.639  14.795  -3.380  1.00 31.36 ? 4   LYS A O   1 
ATOM   13   C  CB  . LYS A 1 4   ? -3.422  15.394  -0.276  1.00 34.98 ? 4   LYS A CB  1 
ATOM   14   C  CG  . LYS A 1 4   ? -3.968  16.406  0.739   1.00 33.71 ? 4   LYS A CG  1 
ATOM   15   C  CD  . LYS A 1 4   ? -4.748  15.754  1.869   1.00 34.27 ? 4   LYS A CD  1 
ATOM   16   C  CE  . LYS A 1 4   ? -6.108  15.275  1.402   1.00 36.45 ? 4   LYS A CE  1 
ATOM   17   N  NZ  . LYS A 1 4   ? -6.973  16.385  0.908   1.00 37.84 ? 4   LYS A NZ  1 
ATOM   18   N  N   . LYS A 1 5   ? -0.819  14.536  -2.085  1.00 31.36 ? 5   LYS A N   1 
ATOM   19   C  CA  . LYS A 1 5   ? -0.186  13.608  -3.010  1.00 31.32 ? 5   LYS A CA  1 
ATOM   20   C  C   . LYS A 1 5   ? 0.023   12.199  -2.488  1.00 29.90 ? 5   LYS A C   1 
ATOM   21   O  O   . LYS A 1 5   ? 0.503   12.000  -1.374  1.00 30.69 ? 5   LYS A O   1 
ATOM   22   C  CB  . LYS A 1 5   ? 1.175   14.141  -3.453  1.00 31.45 ? 5   LYS A CB  1 
ATOM   23   C  CG  . LYS A 1 5   ? 1.151   15.419  -4.255  1.00 35.03 ? 5   LYS A CG  1 
ATOM   24   C  CD  . LYS A 1 5   ? 2.144   15.303  -5.402  1.00 39.52 ? 5   LYS A CD  1 
ATOM   25   C  CE  . LYS A 1 5   ? 2.564   16.662  -5.930  1.00 42.64 ? 5   LYS A CE  1 
ATOM   26   N  NZ  . LYS A 1 5   ? 3.338   17.406  -4.894  1.00 43.77 ? 5   LYS A NZ  1 
ATOM   27   N  N   . ALA A 1 6   ? -0.325  11.221  -3.316  1.00 27.76 ? 6   ALA A N   1 
ATOM   28   C  CA  . ALA A 1 6   ? -0.135  9.829   -2.958  1.00 25.88 ? 6   ALA A CA  1 
ATOM   29   C  C   . ALA A 1 6   ? 0.857   9.242   -3.952  1.00 24.54 ? 6   ALA A C   1 
ATOM   30   O  O   . ALA A 1 6   ? 0.652   9.313   -5.163  1.00 25.40 ? 6   ALA A O   1 
ATOM   31   C  CB  . ALA A 1 6   ? -1.456  9.080   -3.020  1.00 24.55 ? 6   ALA A CB  1 
ATOM   32   N  N   . LEU A 1 7   ? 1.945   8.688   -3.437  1.00 24.35 ? 7   LEU A N   1 
ATOM   33   C  CA  . LEU A 1 7   ? 2.956   8.070   -4.283  1.00 23.98 ? 7   LEU A CA  1 
ATOM   34   C  C   . LEU A 1 7   ? 2.841   6.550   -4.199  1.00 23.22 ? 7   LEU A C   1 
ATOM   35   O  O   . LEU A 1 7   ? 2.914   5.981   -3.109  1.00 21.03 ? 7   LEU A O   1 
ATOM   36   C  CB  . LEU A 1 7   ? 4.362   8.494   -3.845  1.00 24.85 ? 7   LEU A CB  1 
ATOM   37   C  CG  . LEU A 1 7   ? 4.978   9.714   -4.529  1.00 28.41 ? 7   LEU A CG  1 
ATOM   38   C  CD1 . LEU A 1 7   ? 4.105   10.924  -4.289  1.00 29.06 ? 7   LEU A CD1 1 
ATOM   39   C  CD2 . LEU A 1 7   ? 6.395   9.945   -3.999  1.00 26.75 ? 7   LEU A CD2 1 
ATOM   40   N  N   . PHE A 1 8   ? 2.648   5.903   -5.350  1.00 22.59 ? 8   PHE A N   1 
ATOM   41   C  CA  . PHE A 1 8   ? 2.545   4.448   -5.401  1.00 21.55 ? 8   PHE A CA  1 
ATOM   42   C  C   . PHE A 1 8   ? 3.876   3.866   -5.845  1.00 20.91 ? 8   PHE A C   1 
ATOM   43   O  O   . PHE A 1 8   ? 4.297   4.028   -6.997  1.00 21.49 ? 8   PHE A O   1 
ATOM   44   C  CB  . PHE A 1 8   ? 1.449   3.998   -6.371  1.00 21.29 ? 8   PHE A CB  1 
ATOM   45   C  CG  . PHE A 1 8   ? 0.061   4.096   -5.816  1.00 21.11 ? 8   PHE A CG  1 
ATOM   46   C  CD1 . PHE A 1 8   ? -0.437  5.303   -5.351  1.00 21.20 ? 8   PHE A CD1 1 
ATOM   47   C  CD2 . PHE A 1 8   ? -0.763  2.972   -5.778  1.00 23.67 ? 8   PHE A CD2 1 
ATOM   48   C  CE1 . PHE A 1 8   ? -1.733  5.392   -4.858  1.00 21.84 ? 8   PHE A CE1 1 
ATOM   49   C  CE2 . PHE A 1 8   ? -2.063  3.052   -5.288  1.00 21.93 ? 8   PHE A CE2 1 
ATOM   50   C  CZ  . PHE A 1 8   ? -2.548  4.266   -4.826  1.00 24.19 ? 8   PHE A CZ  1 
ATOM   51   N  N   . LEU A 1 9   ? 4.540   3.193   -4.920  1.00 20.21 ? 9   LEU A N   1 
ATOM   52   C  CA  . LEU A 1 9   ? 5.827   2.586   -5.193  1.00 20.99 ? 9   LEU A CA  1 
ATOM   53   C  C   . LEU A 1 9   ? 5.604   1.215   -5.794  1.00 22.27 ? 9   LEU A C   1 
ATOM   54   O  O   . LEU A 1 9   ? 5.103   0.300   -5.140  1.00 21.15 ? 9   LEU A O   1 
ATOM   55   C  CB  . LEU A 1 9   ? 6.632   2.486   -3.896  1.00 24.09 ? 9   LEU A CB  1 
ATOM   56   C  CG  . LEU A 1 9   ? 7.978   1.757   -3.880  1.00 23.73 ? 9   LEU A CG  1 
ATOM   57   C  CD1 . LEU A 1 9   ? 8.900   2.251   -4.996  1.00 22.81 ? 9   LEU A CD1 1 
ATOM   58   C  CD2 . LEU A 1 9   ? 8.609   1.967   -2.517  1.00 24.03 ? 9   LEU A CD2 1 
ATOM   59   N  N   . ILE A 1 10  ? 5.950   1.097   -7.067  1.00 21.81 ? 10  ILE A N   1 
ATOM   60   C  CA  . ILE A 1 10  ? 5.815   -0.148  -7.800  1.00 20.22 ? 10  ILE A CA  1 
ATOM   61   C  C   . ILE A 1 10  ? 7.181   -0.545  -8.354  1.00 20.38 ? 10  ILE A C   1 
ATOM   62   O  O   . ILE A 1 10  ? 7.949   0.304   -8.808  1.00 21.47 ? 10  ILE A O   1 
ATOM   63   C  CB  . ILE A 1 10  ? 4.817   0.004   -8.961  1.00 19.61 ? 10  ILE A CB  1 
ATOM   64   C  CG1 . ILE A 1 10  ? 5.168   1.245   -9.786  1.00 21.47 ? 10  ILE A CG1 1 
ATOM   65   C  CG2 . ILE A 1 10  ? 3.397   0.118   -8.419  1.00 19.03 ? 10  ILE A CG2 1 
ATOM   66   C  CD1 . ILE A 1 10  ? 4.278   1.466   -10.988 1.00 17.29 ? 10  ILE A CD1 1 
ATOM   67   N  N   . LEU A 1 11  ? 7.485   -1.834  -8.267  1.00 20.12 ? 11  LEU A N   1 
ATOM   68   C  CA  . LEU A 1 11  ? 8.729   -2.383  -8.777  1.00 20.25 ? 11  LEU A CA  1 
ATOM   69   C  C   . LEU A 1 11  ? 8.338   -3.305  -9.919  1.00 20.61 ? 11  LEU A C   1 
ATOM   70   O  O   . LEU A 1 11  ? 7.154   -3.538  -10.144 1.00 20.55 ? 11  LEU A O   1 
ATOM   71   C  CB  . LEU A 1 11  ? 9.462   -3.173  -7.691  1.00 20.38 ? 11  LEU A CB  1 
ATOM   72   C  CG  . LEU A 1 11  ? 9.857   -2.352  -6.463  1.00 22.51 ? 11  LEU A CG  1 
ATOM   73   C  CD1 . LEU A 1 11  ? 10.591  -3.232  -5.470  1.00 21.80 ? 11  LEU A CD1 1 
ATOM   74   C  CD2 . LEU A 1 11  ? 10.724  -1.169  -6.894  1.00 24.11 ? 11  LEU A CD2 1 
ATOM   75   N  N   . ASP A 1 12  ? 9.320   -3.840  -10.633 1.00 21.22 ? 12  ASP A N   1 
ATOM   76   C  CA  . ASP A 1 12  ? 9.022   -4.716  -11.760 1.00 23.39 ? 12  ASP A CA  1 
ATOM   77   C  C   . ASP A 1 12  ? 8.227   -5.945  -11.310 1.00 21.37 ? 12  ASP A C   1 
ATOM   78   O  O   . ASP A 1 12  ? 8.442   -6.453  -10.219 1.00 21.96 ? 12  ASP A O   1 
ATOM   79   C  CB  . ASP A 1 12  ? 10.318  -5.149  -12.438 1.00 26.97 ? 12  ASP A CB  1 
ATOM   80   C  CG  . ASP A 1 12  ? 10.098  -5.595  -13.852 1.00 28.67 ? 12  ASP A CG  1 
ATOM   81   O  OD1 . ASP A 1 12  ? 9.605   -4.777  -14.658 1.00 31.45 ? 12  ASP A OD1 1 
ATOM   82   O  OD2 . ASP A 1 12  ? 10.418  -6.756  -14.159 1.00 31.98 ? 12  ASP A OD2 1 
ATOM   83   N  N   . GLN A 1 13  ? 7.318   -6.417  -12.157 1.00 21.66 ? 13  GLN A N   1 
ATOM   84   C  CA  . GLN A 1 13  ? 6.464   -7.576  -11.839 1.00 22.08 ? 13  GLN A CA  1 
ATOM   85   C  C   . GLN A 1 13  ? 5.609   -7.290  -10.596 1.00 22.00 ? 13  GLN A C   1 
ATOM   86   O  O   . GLN A 1 13  ? 5.579   -8.075  -9.655  1.00 22.46 ? 13  GLN A O   1 
ATOM   87   C  CB  . GLN A 1 13  ? 7.314   -8.837  -11.608 1.00 23.50 ? 13  GLN A CB  1 
ATOM   88   C  CG  . GLN A 1 13  ? 8.103   -9.287  -12.836 1.00 24.37 ? 13  GLN A CG  1 
ATOM   89   C  CD  . GLN A 1 13  ? 7.214   -9.522  -14.053 1.00 25.44 ? 13  GLN A CD  1 
ATOM   90   O  OE1 . GLN A 1 13  ? 7.378   -8.877  -15.093 1.00 30.07 ? 13  GLN A OE1 1 
ATOM   91   N  NE2 . GLN A 1 13  ? 6.269   -10.441 -13.926 1.00 23.82 ? 13  GLN A NE2 1 
ATOM   92   N  N   . TYR A 1 14  ? 4.912   -6.156  -10.608 1.00 22.32 ? 14  TYR A N   1 
ATOM   93   C  CA  . TYR A 1 14  ? 4.069   -5.757  -9.486  1.00 19.55 ? 14  TYR A CA  1 
ATOM   94   C  C   . TYR A 1 14  ? 2.660   -6.316  -9.661  1.00 20.14 ? 14  TYR A C   1 
ATOM   95   O  O   . TYR A 1 14  ? 2.214   -6.551  -10.785 1.00 17.24 ? 14  TYR A O   1 
ATOM   96   C  CB  . TYR A 1 14  ? 4.043   -4.222  -9.373  1.00 21.57 ? 14  TYR A CB  1 
ATOM   97   C  CG  . TYR A 1 14  ? 3.310   -3.501  -10.490 1.00 18.39 ? 14  TYR A CG  1 
ATOM   98   C  CD1 . TYR A 1 14  ? 1.922   -3.389  -10.472 1.00 20.47 ? 14  TYR A CD1 1 
ATOM   99   C  CD2 . TYR A 1 14  ? 4.003   -2.929  -11.555 1.00 20.00 ? 14  TYR A CD2 1 
ATOM   100  C  CE1 . TYR A 1 14  ? 1.238   -2.726  -11.475 1.00 19.53 ? 14  TYR A CE1 1 
ATOM   101  C  CE2 . TYR A 1 14  ? 3.323   -2.259  -12.580 1.00 19.91 ? 14  TYR A CE2 1 
ATOM   102  C  CZ  . TYR A 1 14  ? 1.940   -2.165  -12.527 1.00 22.02 ? 14  TYR A CZ  1 
ATOM   103  O  OH  . TYR A 1 14  ? 1.238   -1.536  -13.526 1.00 23.06 ? 14  TYR A OH  1 
ATOM   104  N  N   . ALA A 1 15  ? 1.966   -6.530  -8.547  1.00 20.35 ? 15  ALA A N   1 
ATOM   105  C  CA  . ALA A 1 15  ? 0.613   -7.076  -8.582  1.00 18.55 ? 15  ALA A CA  1 
ATOM   106  C  C   . ALA A 1 15  ? -0.395  -6.059  -9.104  1.00 20.15 ? 15  ALA A C   1 
ATOM   107  O  O   . ALA A 1 15  ? -0.637  -5.018  -8.470  1.00 19.85 ? 15  ALA A O   1 
ATOM   108  C  CB  . ALA A 1 15  ? 0.208   -7.555  -7.182  1.00 21.58 ? 15  ALA A CB  1 
ATOM   109  N  N   . ASP A 1 16  ? -0.986  -6.387  -10.252 1.00 17.62 ? 16  ASP A N   1 
ATOM   110  C  CA  . ASP A 1 16  ? -1.968  -5.547  -10.930 1.00 19.65 ? 16  ASP A CA  1 
ATOM   111  C  C   . ASP A 1 16  ? -3.181  -5.176  -10.071 1.00 20.55 ? 16  ASP A C   1 
ATOM   112  O  O   . ASP A 1 16  ? -3.613  -4.021  -10.037 1.00 20.72 ? 16  ASP A O   1 
ATOM   113  C  CB  . ASP A 1 16  ? -2.520  -6.259  -12.182 1.00 19.28 ? 16  ASP A CB  1 
ATOM   114  C  CG  . ASP A 1 16  ? -1.438  -6.710  -13.163 1.00 19.53 ? 16  ASP A CG  1 
ATOM   115  O  OD1 . ASP A 1 16  ? -1.470  -6.240  -14.311 1.00 23.44 ? 16  ASP A OD1 1 
ATOM   116  O  OD2 . ASP A 1 16  ? -0.579  -7.534  -12.806 1.00 16.81 ? 16  ASP A OD2 1 
ATOM   117  N  N   . TRP A 1 17  ? -3.724  -6.177  -9.387  1.00 20.38 ? 17  TRP A N   1 
ATOM   118  C  CA  . TRP A 1 17  ? -4.938  -6.041  -8.589  1.00 19.15 ? 17  TRP A CA  1 
ATOM   119  C  C   . TRP A 1 17  ? -4.888  -5.362  -7.225  1.00 19.30 ? 17  TRP A C   1 
ATOM   120  O  O   . TRP A 1 17  ? -5.935  -5.010  -6.682  1.00 20.11 ? 17  TRP A O   1 
ATOM   121  C  CB  . TRP A 1 17  ? -5.543  -7.437  -8.386  1.00 16.35 ? 17  TRP A CB  1 
ATOM   122  C  CG  . TRP A 1 17  ? -4.657  -8.313  -7.546  1.00 14.02 ? 17  TRP A CG  1 
ATOM   123  C  CD1 . TRP A 1 17  ? -4.694  -8.458  -6.183  1.00 14.72 ? 17  TRP A CD1 1 
ATOM   124  C  CD2 . TRP A 1 17  ? -3.526  -9.068  -8.000  1.00 14.36 ? 17  TRP A CD2 1 
ATOM   125  N  NE1 . TRP A 1 17  ? -3.654  -9.252  -5.762  1.00 14.65 ? 17  TRP A NE1 1 
ATOM   126  C  CE2 . TRP A 1 17  ? -2.919  -9.637  -6.857  1.00 12.96 ? 17  TRP A CE2 1 
ATOM   127  C  CE3 . TRP A 1 17  ? -2.961  -9.313  -9.265  1.00 15.94 ? 17  TRP A CE3 1 
ATOM   128  C  CZ2 . TRP A 1 17  ? -1.771  -10.440 -6.937  1.00 15.66 ? 17  TRP A CZ2 1 
ATOM   129  C  CZ3 . TRP A 1 17  ? -1.819  -10.109 -9.347  1.00 17.91 ? 17  TRP A CZ3 1 
ATOM   130  C  CH2 . TRP A 1 17  ? -1.236  -10.663 -8.186  1.00 18.59 ? 17  TRP A CH2 1 
ATOM   131  N  N   . GLU A 1 18  ? -3.704  -5.169  -6.667  1.00 18.93 ? 18  GLU A N   1 
ATOM   132  C  CA  . GLU A 1 18  ? -3.632  -4.618  -5.324  1.00 19.40 ? 18  GLU A CA  1 
ATOM   133  C  C   . GLU A 1 18  ? -3.978  -3.157  -5.077  1.00 21.48 ? 18  GLU A C   1 
ATOM   134  O  O   . GLU A 1 18  ? -4.696  -2.864  -4.125  1.00 20.61 ? 18  GLU A O   1 
ATOM   135  C  CB  . GLU A 1 18  ? -2.272  -4.972  -4.718  1.00 21.23 ? 18  GLU A CB  1 
ATOM   136  C  CG  . GLU A 1 18  ? -2.021  -6.476  -4.855  1.00 20.72 ? 18  GLU A CG  1 
ATOM   137  C  CD  . GLU A 1 18  ? -0.751  -6.963  -4.212  1.00 19.64 ? 18  GLU A CD  1 
ATOM   138  O  OE1 . GLU A 1 18  ? 0.191   -6.170  -4.022  1.00 17.98 ? 18  GLU A OE1 1 
ATOM   139  O  OE2 . GLU A 1 18  ? -0.694  -8.171  -3.915  1.00 19.62 ? 18  GLU A OE2 1 
ATOM   140  N  N   . GLY A 1 19  ? -3.516  -2.239  -5.924  1.00 21.33 ? 19  GLY A N   1 
ATOM   141  C  CA  . GLY A 1 19  ? -3.813  -0.838  -5.673  1.00 18.95 ? 19  GLY A CA  1 
ATOM   142  C  C   . GLY A 1 19  ? -4.818  -0.120  -6.551  1.00 18.24 ? 19  GLY A C   1 
ATOM   143  O  O   . GLY A 1 19  ? -4.936  1.103   -6.470  1.00 19.34 ? 19  GLY A O   1 
ATOM   144  N  N   . VAL A 1 20  ? -5.561  -0.859  -7.365  1.00 18.43 ? 20  VAL A N   1 
ATOM   145  C  CA  . VAL A 1 20  ? -6.521  -0.249  -8.280  1.00 18.15 ? 20  VAL A CA  1 
ATOM   146  C  C   . VAL A 1 20  ? -7.711  0.477   -7.650  1.00 16.66 ? 20  VAL A C   1 
ATOM   147  O  O   . VAL A 1 20  ? -8.203  1.454   -8.205  1.00 15.13 ? 20  VAL A O   1 
ATOM   148  C  CB  . VAL A 1 20  ? -7.067  -1.296  -9.295  1.00 17.01 ? 20  VAL A CB  1 
ATOM   149  C  CG1 . VAL A 1 20  ? -5.935  -1.801  -10.169 1.00 17.90 ? 20  VAL A CG1 1 
ATOM   150  C  CG2 . VAL A 1 20  ? -7.725  -2.457  -8.564  1.00 21.93 ? 20  VAL A CG2 1 
ATOM   151  N  N   . TYR A 1 21  ? -8.190  -0.011  -6.510  1.00 18.24 ? 21  TYR A N   1 
ATOM   152  C  CA  . TYR A 1 21  ? -9.328  0.621   -5.862  1.00 19.80 ? 21  TYR A CA  1 
ATOM   153  C  C   . TYR A 1 21  ? -8.917  1.891   -5.139  1.00 19.90 ? 21  TYR A C   1 
ATOM   154  O  O   . TYR A 1 21  ? -9.645  2.881   -5.138  1.00 21.74 ? 21  TYR A O   1 
ATOM   155  C  CB  . TYR A 1 21  ? -10.013 -0.366  -4.904  1.00 18.19 ? 21  TYR A CB  1 
ATOM   156  C  CG  . TYR A 1 21  ? -10.802 -1.408  -5.661  1.00 19.97 ? 21  TYR A CG  1 
ATOM   157  C  CD1 . TYR A 1 21  ? -11.818 -1.023  -6.541  1.00 19.69 ? 21  TYR A CD1 1 
ATOM   158  C  CD2 . TYR A 1 21  ? -10.490 -2.763  -5.565  1.00 21.05 ? 21  TYR A CD2 1 
ATOM   159  C  CE1 . TYR A 1 21  ? -12.493 -1.952  -7.308  1.00 20.56 ? 21  TYR A CE1 1 
ATOM   160  C  CE2 . TYR A 1 21  ? -11.171 -3.714  -6.337  1.00 18.52 ? 21  TYR A CE2 1 
ATOM   161  C  CZ  . TYR A 1 21  ? -12.160 -3.297  -7.201  1.00 20.05 ? 21  TYR A CZ  1 
ATOM   162  O  OH  . TYR A 1 21  ? -12.820 -4.219  -7.975  1.00 22.80 ? 21  TYR A OH  1 
ATOM   163  N  N   . LEU A 1 22  ? -7.738  1.861   -4.537  1.00 19.88 ? 22  LEU A N   1 
ATOM   164  C  CA  . LEU A 1 22  ? -7.246  3.027   -3.824  1.00 20.46 ? 22  LEU A CA  1 
ATOM   165  C  C   . LEU A 1 22  ? -6.851  4.111   -4.816  1.00 20.46 ? 22  LEU A C   1 
ATOM   166  O  O   . LEU A 1 22  ? -7.188  5.287   -4.639  1.00 21.66 ? 22  LEU A O   1 
ATOM   167  C  CB  . LEU A 1 22  ? -6.050  2.648   -2.967  1.00 18.64 ? 22  LEU A CB  1 
ATOM   168  C  CG  . LEU A 1 22  ? -5.427  3.799   -2.170  1.00 19.38 ? 22  LEU A CG  1 
ATOM   169  C  CD1 . LEU A 1 22  ? -6.412  4.306   -1.092  1.00 16.51 ? 22  LEU A CD1 1 
ATOM   170  C  CD2 . LEU A 1 22  ? -4.143  3.309   -1.543  1.00 19.29 ? 22  LEU A CD2 1 
ATOM   171  N  N   . ALA A 1 23  ? -6.154  3.717   -5.878  1.00 18.38 ? 23  ALA A N   1 
ATOM   172  C  CA  . ALA A 1 23  ? -5.718  4.685   -6.877  1.00 17.30 ? 23  ALA A CA  1 
ATOM   173  C  C   . ALA A 1 23  ? -6.871  5.434   -7.531  1.00 18.77 ? 23  ALA A C   1 
ATOM   174  O  O   . ALA A 1 23  ? -6.817  6.651   -7.669  1.00 18.04 ? 23  ALA A O   1 
ATOM   175  C  CB  . ALA A 1 23  ? -4.867  4.007   -7.933  1.00 16.83 ? 23  ALA A CB  1 
ATOM   176  N  N   . SER A 1 24  ? -7.918  4.722   -7.939  1.00 19.56 ? 24  SER A N   1 
ATOM   177  C  CA  . SER A 1 24  ? -9.045  5.393   -8.566  1.00 21.58 ? 24  SER A CA  1 
ATOM   178  C  C   . SER A 1 24  ? -9.820  6.260   -7.571  1.00 23.01 ? 24  SER A C   1 
ATOM   179  O  O   . SER A 1 24  ? -10.198 7.375   -7.899  1.00 22.00 ? 24  SER A O   1 
ATOM   180  C  CB  . SER A 1 24  ? -9.984  4.383   -9.231  1.00 23.77 ? 24  SER A CB  1 
ATOM   181  O  OG  . SER A 1 24  ? -10.288 3.327   -8.357  1.00 28.71 ? 24  SER A OG  1 
ATOM   182  N  N   . ALA A 1 25  ? -10.057 5.752   -6.366  1.00 23.39 ? 25  ALA A N   1 
ATOM   183  C  CA  . ALA A 1 25  ? -10.782 6.517   -5.356  1.00 23.13 ? 25  ALA A CA  1 
ATOM   184  C  C   . ALA A 1 25  ? -10.077 7.850   -5.102  1.00 24.38 ? 25  ALA A C   1 
ATOM   185  O  O   . ALA A 1 25  ? -10.700 8.920   -5.120  1.00 23.79 ? 25  ALA A O   1 
ATOM   186  C  CB  . ALA A 1 25  ? -10.869 5.733   -4.070  1.00 24.99 ? 25  ALA A CB  1 
ATOM   187  N  N   . LEU A 1 26  ? -8.771  7.781   -4.884  1.00 23.70 ? 26  LEU A N   1 
ATOM   188  C  CA  . LEU A 1 26  ? -7.979  8.972   -4.623  1.00 24.41 ? 26  LEU A CA  1 
ATOM   189  C  C   . LEU A 1 26  ? -7.838  9.906   -5.820  1.00 25.86 ? 26  LEU A C   1 
ATOM   190  O  O   . LEU A 1 26  ? -8.253  11.068  -5.767  1.00 26.49 ? 26  LEU A O   1 
ATOM   191  C  CB  . LEU A 1 26  ? -6.587  8.572   -4.126  1.00 23.37 ? 26  LEU A CB  1 
ATOM   192  C  CG  . LEU A 1 26  ? -6.538  7.833   -2.790  1.00 22.28 ? 26  LEU A CG  1 
ATOM   193  C  CD1 . LEU A 1 26  ? -5.093  7.501   -2.430  1.00 22.22 ? 26  LEU A CD1 1 
ATOM   194  C  CD2 . LEU A 1 26  ? -7.163  8.697   -1.709  1.00 20.88 ? 26  LEU A CD2 1 
ATOM   195  N  N   . ASN A 1 27  ? -7.282  9.406   -6.912  1.00 23.95 ? 27  ASN A N   1 
ATOM   196  C  CA  . ASN A 1 27  ? -7.066  10.270  -8.057  1.00 26.09 ? 27  ASN A CA  1 
ATOM   197  C  C   . ASN A 1 27  ? -8.286  11.014  -8.589  1.00 27.70 ? 27  ASN A C   1 
ATOM   198  O  O   . ASN A 1 27  ? -8.143  12.096  -9.156  1.00 25.51 ? 27  ASN A O   1 
ATOM   199  C  CB  . ASN A 1 27  ? -6.403  9.506   -9.199  1.00 23.27 ? 27  ASN A CB  1 
ATOM   200  C  CG  . ASN A 1 27  ? -5.669  10.430  -10.144 1.00 24.19 ? 27  ASN A CG  1 
ATOM   201  O  OD1 . ASN A 1 27  ? -4.872  11.261  -9.700  1.00 24.22 ? 27  ASN A OD1 1 
ATOM   202  N  ND2 . ASN A 1 27  ? -5.920  10.296  -11.444 1.00 20.77 ? 27  ASN A ND2 1 
ATOM   203  N  N   . GLN A 1 28  ? -9.478  10.449  -8.429  1.00 28.12 ? 28  GLN A N   1 
ATOM   204  C  CA  . GLN A 1 28  ? -10.671 11.127  -8.914  1.00 30.52 ? 28  GLN A CA  1 
ATOM   205  C  C   . GLN A 1 28  ? -11.013 12.364  -8.084  1.00 31.30 ? 28  GLN A C   1 
ATOM   206  O  O   . GLN A 1 28  ? -11.753 13.234  -8.531  1.00 31.74 ? 28  GLN A O   1 
ATOM   207  C  CB  . GLN A 1 28  ? -11.853 10.168  -8.935  1.00 30.90 ? 28  GLN A CB  1 
ATOM   208  C  CG  . GLN A 1 28  ? -11.874 9.278   -10.149 1.00 34.83 ? 28  GLN A CG  1 
ATOM   209  C  CD  . GLN A 1 28  ? -13.067 8.355   -10.153 1.00 37.75 ? 28  GLN A CD  1 
ATOM   210  O  OE1 . GLN A 1 28  ? -13.195 7.488   -9.289  1.00 38.52 ? 28  GLN A OE1 1 
ATOM   211  N  NE2 . GLN A 1 28  ? -13.957 8.543   -11.124 1.00 38.92 ? 28  GLN A NE2 1 
ATOM   212  N  N   . ARG A 1 29  ? -10.479 12.426  -6.872  1.00 32.80 ? 29  ARG A N   1 
ATOM   213  C  CA  . ARG A 1 29  ? -10.699 13.564  -5.986  1.00 35.31 ? 29  ARG A CA  1 
ATOM   214  C  C   . ARG A 1 29  ? -9.947  14.774  -6.507  1.00 35.86 ? 29  ARG A C   1 
ATOM   215  O  O   . ARG A 1 29  ? -8.861  14.636  -7.062  1.00 35.28 ? 29  ARG A O   1 
ATOM   216  C  CB  . ARG A 1 29  ? -10.175 13.268  -4.587  1.00 35.52 ? 29  ARG A CB  1 
ATOM   217  C  CG  . ARG A 1 29  ? -11.157 12.617  -3.670  1.00 39.24 ? 29  ARG A CG  1 
ATOM   218  C  CD  . ARG A 1 29  ? -12.281 13.554  -3.296  1.00 38.26 ? 29  ARG A CD  1 
ATOM   219  N  NE  . ARG A 1 29  ? -12.954 13.043  -2.112  1.00 40.65 ? 29  ARG A NE  1 
ATOM   220  C  CZ  . ARG A 1 29  ? -12.427 13.056  -0.892  1.00 39.11 ? 29  ARG A CZ  1 
ATOM   221  N  NH1 . ARG A 1 29  ? -11.222 13.569  -0.681  1.00 39.23 ? 29  ARG A NH1 1 
ATOM   222  N  NH2 . ARG A 1 29  ? -13.096 12.517  0.115   1.00 39.71 ? 29  ARG A NH2 1 
ATOM   223  N  N   . GLU A 1 30  ? -10.522 15.955  -6.305  1.00 37.34 ? 30  GLU A N   1 
ATOM   224  C  CA  . GLU A 1 30  ? -9.906  17.204  -6.735  1.00 37.03 ? 30  GLU A CA  1 
ATOM   225  C  C   . GLU A 1 30  ? -8.738  17.511  -5.805  1.00 34.99 ? 30  GLU A C   1 
ATOM   226  O  O   . GLU A 1 30  ? -7.735  18.094  -6.219  1.00 35.99 ? 30  GLU A O   1 
ATOM   227  C  CB  . GLU A 1 30  ? -10.942 18.333  -6.663  1.00 40.53 ? 30  GLU A CB  1 
ATOM   228  C  CG  . GLU A 1 30  ? -10.479 19.698  -7.163  1.00 46.43 ? 30  GLU A CG  1 
ATOM   229  C  CD  . GLU A 1 30  ? -10.373 19.774  -8.677  1.00 50.65 ? 30  GLU A CD  1 
ATOM   230  O  OE1 . GLU A 1 30  ? -9.307  19.420  -9.231  1.00 51.53 ? 30  GLU A OE1 1 
ATOM   231  O  OE2 . GLU A 1 30  ? -11.366 20.190  -9.320  1.00 54.20 ? 30  GLU A OE2 1 
ATOM   232  N  N   . ASP A 1 31  ? -8.874  17.090  -4.548  1.00 34.51 ? 31  ASP A N   1 
ATOM   233  C  CA  . ASP A 1 31  ? -7.861  17.321  -3.518  1.00 32.58 ? 31  ASP A CA  1 
ATOM   234  C  C   . ASP A 1 31  ? -6.771  16.245  -3.415  1.00 30.98 ? 31  ASP A C   1 
ATOM   235  O  O   . ASP A 1 31  ? -5.912  16.326  -2.539  1.00 29.44 ? 31  ASP A O   1 
ATOM   236  C  CB  . ASP A 1 31  ? -8.547  17.478  -2.156  1.00 35.03 ? 31  ASP A CB  1 
ATOM   237  C  CG  . ASP A 1 31  ? -9.268  16.215  -1.720  1.00 38.51 ? 31  ASP A CG  1 
ATOM   238  O  OD1 . ASP A 1 31  ? -9.985  15.616  -2.550  1.00 42.95 ? 31  ASP A OD1 1 
ATOM   239  O  OD2 . ASP A 1 31  ? -9.125  15.821  -0.546  1.00 41.22 ? 31  ASP A OD2 1 
ATOM   240  N  N   . TRP A 1 32  ? -6.807  15.241  -4.291  1.00 27.88 ? 32  TRP A N   1 
ATOM   241  C  CA  . TRP A 1 32  ? -5.791  14.189  -4.270  1.00 28.05 ? 32  TRP A CA  1 
ATOM   242  C  C   . TRP A 1 32  ? -5.176  13.940  -5.629  1.00 27.66 ? 32  TRP A C   1 
ATOM   243  O  O   . TRP A 1 32  ? -5.856  13.991  -6.656  1.00 26.88 ? 32  TRP A O   1 
ATOM   244  C  CB  . TRP A 1 32  ? -6.349  12.842  -3.771  1.00 26.94 ? 32  TRP A CB  1 
ATOM   245  C  CG  . TRP A 1 32  ? -6.411  12.685  -2.288  1.00 25.48 ? 32  TRP A CG  1 
ATOM   246  C  CD1 . TRP A 1 32  ? -7.485  12.923  -1.481  1.00 26.42 ? 32  TRP A CD1 1 
ATOM   247  C  CD2 . TRP A 1 32  ? -5.343  12.271  -1.426  1.00 26.18 ? 32  TRP A CD2 1 
ATOM   248  N  NE1 . TRP A 1 32  ? -7.155  12.683  -0.166  1.00 25.22 ? 32  TRP A NE1 1 
ATOM   249  C  CE2 . TRP A 1 32  ? -5.846  12.283  -0.104  1.00 26.25 ? 32  TRP A CE2 1 
ATOM   250  C  CE3 . TRP A 1 32  ? -4.013  11.893  -1.641  1.00 24.59 ? 32  TRP A CE3 1 
ATOM   251  C  CZ2 . TRP A 1 32  ? -5.064  11.933  0.995   1.00 24.67 ? 32  TRP A CZ2 1 
ATOM   252  C  CZ3 . TRP A 1 32  ? -3.235  11.545  -0.548  1.00 24.64 ? 32  TRP A CZ3 1 
ATOM   253  C  CH2 . TRP A 1 32  ? -3.763  11.568  0.756   1.00 26.16 ? 32  TRP A CH2 1 
ATOM   254  N  N   . SER A 1 33  ? -3.880  13.647  -5.619  1.00 26.41 ? 33  SER A N   1 
ATOM   255  C  CA  . SER A 1 33  ? -3.150  13.334  -6.838  1.00 26.58 ? 33  SER A CA  1 
ATOM   256  C  C   . SER A 1 33  ? -2.412  12.023  -6.630  1.00 24.63 ? 33  SER A C   1 
ATOM   257  O  O   . SER A 1 33  ? -1.819  11.799  -5.578  1.00 23.58 ? 33  SER A O   1 
ATOM   258  C  CB  . SER A 1 33  ? -2.140  14.433  -7.166  1.00 29.56 ? 33  SER A CB  1 
ATOM   259  O  OG  . SER A 1 33  ? -2.646  15.280  -8.181  1.00 35.97 ? 33  SER A OG  1 
ATOM   260  N  N   . VAL A 1 34  ? -2.455  11.160  -7.636  1.00 22.64 ? 34  VAL A N   1 
ATOM   261  C  CA  . VAL A 1 34  ? -1.770  9.885   -7.565  1.00 21.93 ? 34  VAL A CA  1 
ATOM   262  C  C   . VAL A 1 34  ? -0.626  9.867   -8.572  1.00 21.26 ? 34  VAL A C   1 
ATOM   263  O  O   . VAL A 1 34  ? -0.809  10.202  -9.731  1.00 20.13 ? 34  VAL A O   1 
ATOM   264  C  CB  . VAL A 1 34  ? -2.721  8.701   -7.875  1.00 22.40 ? 34  VAL A CB  1 
ATOM   265  C  CG1 . VAL A 1 34  ? -1.913  7.402   -7.966  1.00 21.84 ? 34  VAL A CG1 1 
ATOM   266  C  CG2 . VAL A 1 34  ? -3.785  8.579   -6.782  1.00 19.92 ? 34  VAL A CG2 1 
ATOM   267  N  N   . HIS A 1 35  ? 0.556   9.483   -8.104  1.00 22.83 ? 35  HIS A N   1 
ATOM   268  C  CA  . HIS A 1 35  ? 1.734   9.394   -8.960  1.00 25.12 ? 35  HIS A CA  1 
ATOM   269  C  C   . HIS A 1 35  ? 2.467   8.112   -8.619  1.00 23.86 ? 35  HIS A C   1 
ATOM   270  O  O   . HIS A 1 35  ? 2.376   7.617   -7.493  1.00 24.02 ? 35  HIS A O   1 
ATOM   271  C  CB  . HIS A 1 35  ? 2.682   10.577  -8.724  1.00 27.36 ? 35  HIS A CB  1 
ATOM   272  C  CG  . HIS A 1 35  ? 2.047   11.913  -8.936  1.00 29.12 ? 35  HIS A CG  1 
ATOM   273  N  ND1 . HIS A 1 35  ? 1.463   12.627  -7.913  1.00 32.36 ? 35  HIS A ND1 1 
ATOM   274  C  CD2 . HIS A 1 35  ? 1.875   12.650  -10.059 1.00 31.32 ? 35  HIS A CD2 1 
ATOM   275  C  CE1 . HIS A 1 35  ? 0.958   13.749  -8.397  1.00 34.15 ? 35  HIS A CE1 1 
ATOM   276  N  NE2 . HIS A 1 35  ? 1.194   13.786  -9.697  1.00 32.79 ? 35  HIS A NE2 1 
ATOM   277  N  N   . THR A 1 36  ? 3.191   7.575   -9.593  1.00 23.53 ? 36  THR A N   1 
ATOM   278  C  CA  . THR A 1 36  ? 3.952   6.352   -9.379  1.00 22.25 ? 36  THR A CA  1 
ATOM   279  C  C   . THR A 1 36  ? 5.440   6.663   -9.234  1.00 22.94 ? 36  THR A C   1 
ATOM   280  O  O   . THR A 1 36  ? 5.944   7.633   -9.799  1.00 25.37 ? 36  THR A O   1 
ATOM   281  C  CB  . THR A 1 36  ? 3.757   5.353   -10.534 1.00 19.44 ? 36  THR A CB  1 
ATOM   282  O  OG1 . THR A 1 36  ? 4.049   5.994   -11.776 1.00 20.44 ? 36  THR A OG1 1 
ATOM   283  C  CG2 . THR A 1 36  ? 2.319   4.844   -10.563 1.00 18.58 ? 36  THR A CG2 1 
ATOM   284  N  N   . VAL A 1 37  ? 6.133   5.834   -8.465  1.00 22.51 ? 37  VAL A N   1 
ATOM   285  C  CA  . VAL A 1 37  ? 7.556   6.007   -8.228  1.00 22.84 ? 37  VAL A CA  1 
ATOM   286  C  C   . VAL A 1 37  ? 8.198   4.624   -8.255  1.00 24.04 ? 37  VAL A C   1 
ATOM   287  O  O   . VAL A 1 37  ? 7.616   3.644   -7.791  1.00 23.93 ? 37  VAL A O   1 
ATOM   288  C  CB  . VAL A 1 37  ? 7.803   6.708   -6.861  1.00 23.98 ? 37  VAL A CB  1 
ATOM   289  C  CG1 . VAL A 1 37  ? 7.196   5.883   -5.736  1.00 21.47 ? 37  VAL A CG1 1 
ATOM   290  C  CG2 . VAL A 1 37  ? 9.301   6.939   -6.635  1.00 24.22 ? 37  VAL A CG2 1 
ATOM   291  N  N   . SER A 1 38  ? 9.390   4.538   -8.826  1.00 23.66 ? 38  SER A N   1 
ATOM   292  C  CA  . SER A 1 38  ? 10.068  3.259   -8.926  1.00 24.28 ? 38  SER A CA  1 
ATOM   293  C  C   . SER A 1 38  ? 11.562  3.477   -9.103  1.00 24.34 ? 38  SER A C   1 
ATOM   294  O  O   . SER A 1 38  ? 12.036  4.613   -9.093  1.00 20.97 ? 38  SER A O   1 
ATOM   295  C  CB  . SER A 1 38  ? 9.493   2.484   -10.117 1.00 24.37 ? 38  SER A CB  1 
ATOM   296  O  OG  . SER A 1 38  ? 9.963   1.146   -10.158 1.00 24.42 ? 38  SER A OG  1 
ATOM   297  N  N   . LEU A 1 39  ? 12.304  2.383   -9.240  1.00 26.59 ? 39  LEU A N   1 
ATOM   298  C  CA  . LEU A 1 39  ? 13.746  2.465   -9.451  1.00 26.05 ? 39  LEU A CA  1 
ATOM   299  C  C   . LEU A 1 39  ? 13.993  2.553   -10.961 1.00 27.43 ? 39  LEU A C   1 
ATOM   300  O  O   . LEU A 1 39  ? 15.043  3.016   -11.410 1.00 29.28 ? 39  LEU A O   1 
ATOM   301  C  CB  . LEU A 1 39  ? 14.439  1.226   -8.872  1.00 26.84 ? 39  LEU A CB  1 
ATOM   302  C  CG  . LEU A 1 39  ? 14.451  1.097   -7.345  1.00 26.41 ? 39  LEU A CG  1 
ATOM   303  C  CD1 . LEU A 1 39  ? 14.886  -0.299  -6.929  1.00 26.52 ? 39  LEU A CD1 1 
ATOM   304  C  CD2 . LEU A 1 39  ? 15.384  2.140   -6.757  1.00 28.23 ? 39  LEU A CD2 1 
ATOM   305  N  N   . ASP A 1 40  ? 13.004  2.115   -11.737 1.00 26.78 ? 40  ASP A N   1 
ATOM   306  C  CA  . ASP A 1 40  ? 13.087  2.119   -13.187 1.00 27.00 ? 40  ASP A CA  1 
ATOM   307  C  C   . ASP A 1 40  ? 12.012  3.010   -13.799 1.00 26.62 ? 40  ASP A C   1 
ATOM   308  O  O   . ASP A 1 40  ? 10.949  3.183   -13.222 1.00 26.87 ? 40  ASP A O   1 
ATOM   309  C  CB  . ASP A 1 40  ? 12.909  0.696   -13.716 1.00 29.46 ? 40  ASP A CB  1 
ATOM   310  C  CG  . ASP A 1 40  ? 13.672  -0.330  -12.900 1.00 33.90 ? 40  ASP A CG  1 
ATOM   311  O  OD1 . ASP A 1 40  ? 14.864  -0.100  -12.624 1.00 33.63 ? 40  ASP A OD1 1 
ATOM   312  O  OD2 . ASP A 1 40  ? 13.075  -1.369  -12.536 1.00 36.98 ? 40  ASP A OD2 1 
ATOM   313  N  N   . PRO A 1 41  ? 12.276  3.574   -14.992 1.00 27.29 ? 41  PRO A N   1 
ATOM   314  C  CA  . PRO A 1 41  ? 11.309  4.445   -15.671 1.00 26.65 ? 41  PRO A CA  1 
ATOM   315  C  C   . PRO A 1 41  ? 10.102  3.696   -16.245 1.00 26.08 ? 41  PRO A C   1 
ATOM   316  O  O   . PRO A 1 41  ? 9.075   4.300   -16.539 1.00 24.37 ? 41  PRO A O   1 
ATOM   317  C  CB  . PRO A 1 41  ? 12.155  5.109   -16.756 1.00 25.70 ? 41  PRO A CB  1 
ATOM   318  C  CG  . PRO A 1 41  ? 13.126  4.009   -17.125 1.00 25.36 ? 41  PRO A CG  1 
ATOM   319  C  CD  . PRO A 1 41  ? 13.535  3.485   -15.760 1.00 27.40 ? 41  PRO A CD  1 
ATOM   320  N  N   . ILE A 1 42  ? 10.239  2.383   -16.402 1.00 26.28 ? 42  ILE A N   1 
ATOM   321  C  CA  . ILE A 1 42  ? 9.170   1.552   -16.943 1.00 26.65 ? 42  ILE A CA  1 
ATOM   322  C  C   . ILE A 1 42  ? 9.148   0.183   -16.262 1.00 27.02 ? 42  ILE A C   1 
ATOM   323  O  O   . ILE A 1 42  ? 10.124  -0.570  -16.322 1.00 27.55 ? 42  ILE A O   1 
ATOM   324  C  CB  . ILE A 1 42  ? 9.334   1.364   -18.482 1.00 28.19 ? 42  ILE A CB  1 
ATOM   325  C  CG1 . ILE A 1 42  ? 9.095   2.699   -19.188 1.00 29.64 ? 42  ILE A CG1 1 
ATOM   326  C  CG2 . ILE A 1 42  ? 8.365   0.319   -19.003 1.00 26.36 ? 42  ILE A CG2 1 
ATOM   327  C  CD1 . ILE A 1 42  ? 9.058   2.605   -20.685 1.00 32.98 ? 42  ILE A CD1 1 
ATOM   328  N  N   . VAL A 1 43  ? 8.046   -0.133  -15.590 1.00 25.83 ? 43  VAL A N   1 
ATOM   329  C  CA  . VAL A 1 43  ? 7.942   -1.423  -14.925 1.00 25.59 ? 43  VAL A CA  1 
ATOM   330  C  C   . VAL A 1 43  ? 6.734   -2.195  -15.402 1.00 23.46 ? 43  VAL A C   1 
ATOM   331  O  O   . VAL A 1 43  ? 5.689   -1.621  -15.710 1.00 22.50 ? 43  VAL A O   1 
ATOM   332  C  CB  . VAL A 1 43  ? 7.883   -1.296  -13.382 1.00 27.52 ? 43  VAL A CB  1 
ATOM   333  C  CG1 . VAL A 1 43  ? 9.176   -0.707  -12.866 1.00 29.45 ? 43  VAL A CG1 1 
ATOM   334  C  CG2 . VAL A 1 43  ? 6.698   -0.464  -12.965 1.00 28.19 ? 43  VAL A CG2 1 
ATOM   335  N  N   . SER A 1 44  ? 6.899   -3.509  -15.466 1.00 22.13 ? 44  SER A N   1 
ATOM   336  C  CA  . SER A 1 44  ? 5.841   -4.388  -15.915 1.00 22.45 ? 44  SER A CA  1 
ATOM   337  C  C   . SER A 1 44  ? 5.084   -4.975  -14.744 1.00 21.83 ? 44  SER A C   1 
ATOM   338  O  O   . SER A 1 44  ? 5.666   -5.287  -13.704 1.00 22.65 ? 44  SER A O   1 
ATOM   339  C  CB  . SER A 1 44  ? 6.422   -5.522  -16.758 1.00 24.31 ? 44  SER A CB  1 
ATOM   340  O  OG  . SER A 1 44  ? 7.063   -5.012  -17.911 1.00 28.76 ? 44  SER A OG  1 
ATOM   341  N  N   . SER A 1 45  ? 3.775   -5.098  -14.916 1.00 21.58 ? 45  SER A N   1 
ATOM   342  C  CA  . SER A 1 45  ? 2.930   -5.686  -13.894 1.00 21.64 ? 45  SER A CA  1 
ATOM   343  C  C   . SER A 1 45  ? 2.954   -7.173  -14.204 1.00 20.63 ? 45  SER A C   1 
ATOM   344  O  O   . SER A 1 45  ? 3.331   -7.573  -15.308 1.00 18.76 ? 45  SER A O   1 
ATOM   345  C  CB  . SER A 1 45  ? 1.494   -5.177  -14.022 1.00 21.27 ? 45  SER A CB  1 
ATOM   346  O  OG  . SER A 1 45  ? 0.870   -5.721  -15.177 1.00 22.31 ? 45  SER A OG  1 
ATOM   347  N  N   . ILE A 1 46  ? 2.547   -7.987  -13.240 1.00 20.94 ? 46  ILE A N   1 
ATOM   348  C  CA  . ILE A 1 46  ? 2.506   -9.431  -13.427 1.00 20.62 ? 46  ILE A CA  1 
ATOM   349  C  C   . ILE A 1 46  ? 1.548   -9.738  -14.572 1.00 21.35 ? 46  ILE A C   1 
ATOM   350  O  O   . ILE A 1 46  ? 1.726   -10.710 -15.310 1.00 21.21 ? 46  ILE A O   1 
ATOM   351  C  CB  . ILE A 1 46  ? 2.033   -10.121 -12.127 1.00 20.00 ? 46  ILE A CB  1 
ATOM   352  C  CG1 . ILE A 1 46  ? 3.182   -10.116 -11.119 1.00 19.65 ? 46  ILE A CG1 1 
ATOM   353  C  CG2 . ILE A 1 46  ? 1.548   -11.540 -12.413 1.00 18.61 ? 46  ILE A CG2 1 
ATOM   354  C  CD1 . ILE A 1 46  ? 2.748   -10.255 -9.669  1.00 21.29 ? 46  ILE A CD1 1 
ATOM   355  N  N   . GLY A 1 47  ? 0.542   -8.877  -14.719 1.00 20.38 ? 47  GLY A N   1 
ATOM   356  C  CA  . GLY A 1 47  ? -0.460  -9.035  -15.755 1.00 19.56 ? 47  GLY A CA  1 
ATOM   357  C  C   . GLY A 1 47  ? 0.002   -8.731  -17.169 1.00 20.70 ? 47  GLY A C   1 
ATOM   358  O  O   . GLY A 1 47  ? -0.707  -9.025  -18.122 1.00 19.77 ? 47  GLY A O   1 
ATOM   359  N  N   . GLY A 1 48  ? 1.183   -8.138  -17.312 1.00 21.82 ? 48  GLY A N   1 
ATOM   360  C  CA  . GLY A 1 48  ? 1.694   -7.838  -18.641 1.00 22.11 ? 48  GLY A CA  1 
ATOM   361  C  C   . GLY A 1 48  ? 1.588   -6.381  -19.048 1.00 24.15 ? 48  GLY A C   1 
ATOM   362  O  O   . GLY A 1 48  ? 1.899   -6.026  -20.187 1.00 20.65 ? 48  GLY A O   1 
ATOM   363  N  N   . PHE A 1 49  ? 1.139   -5.529  -18.131 1.00 22.71 ? 49  PHE A N   1 
ATOM   364  C  CA  . PHE A 1 49  ? 1.027   -4.111  -18.448 1.00 24.60 ? 49  PHE A CA  1 
ATOM   365  C  C   . PHE A 1 49  ? 2.358   -3.426  -18.187 1.00 23.68 ? 49  PHE A C   1 
ATOM   366  O  O   . PHE A 1 49  ? 3.089   -3.806  -17.282 1.00 25.68 ? 49  PHE A O   1 
ATOM   367  C  CB  . PHE A 1 49  ? -0.059  -3.447  -17.590 1.00 23.84 ? 49  PHE A CB  1 
ATOM   368  C  CG  . PHE A 1 49  ? -1.442  -3.566  -18.153 1.00 20.65 ? 49  PHE A CG  1 
ATOM   369  C  CD1 . PHE A 1 49  ? -1.955  -4.805  -18.518 1.00 19.71 ? 49  PHE A CD1 1 
ATOM   370  C  CD2 . PHE A 1 49  ? -2.235  -2.436  -18.310 1.00 22.18 ? 49  PHE A CD2 1 
ATOM   371  C  CE1 . PHE A 1 49  ? -3.238  -4.920  -19.034 1.00 20.41 ? 49  PHE A CE1 1 
ATOM   372  C  CE2 . PHE A 1 49  ? -3.519  -2.537  -18.821 1.00 21.05 ? 49  PHE A CE2 1 
ATOM   373  C  CZ  . PHE A 1 49  ? -4.023  -3.790  -19.186 1.00 20.61 ? 49  PHE A CZ  1 
ATOM   374  N  N   . LYS A 1 50  ? 2.674   -2.420  -18.989 1.00 25.28 ? 50  LYS A N   1 
ATOM   375  C  CA  . LYS A 1 50  ? 3.911   -1.677  -18.805 1.00 24.40 ? 50  LYS A CA  1 
ATOM   376  C  C   . LYS A 1 50  ? 3.514   -0.290  -18.331 1.00 24.16 ? 50  LYS A C   1 
ATOM   377  O  O   . LYS A 1 50  ? 2.762   0.415   -19.007 1.00 23.98 ? 50  LYS A O   1 
ATOM   378  C  CB  . LYS A 1 50  ? 4.697   -1.597  -20.122 1.00 26.27 ? 50  LYS A CB  1 
ATOM   379  C  CG  . LYS A 1 50  ? 5.149   -2.955  -20.654 1.00 26.89 ? 50  LYS A CG  1 
ATOM   380  C  CD  . LYS A 1 50  ? 5.875   -2.838  -21.995 1.00 28.37 ? 50  LYS A CD  1 
ATOM   381  C  CE  . LYS A 1 50  ? 6.383   -4.199  -22.501 1.00 31.46 ? 50  LYS A CE  1 
ATOM   382  N  NZ  . LYS A 1 50  ? 5.295   -5.140  -22.926 1.00 32.49 ? 50  LYS A NZ  1 
ATOM   383  N  N   . THR A 1 51  ? 3.999   0.085   -17.154 1.00 24.07 ? 51  THR A N   1 
ATOM   384  C  CA  . THR A 1 51  ? 3.683   1.385   -16.582 1.00 24.77 ? 51  THR A CA  1 
ATOM   385  C  C   . THR A 1 51  ? 4.835   2.372   -16.747 1.00 25.41 ? 51  THR A C   1 
ATOM   386  O  O   . THR A 1 51  ? 5.981   2.062   -16.428 1.00 26.63 ? 51  THR A O   1 
ATOM   387  C  CB  . THR A 1 51  ? 3.342   1.243   -15.073 1.00 23.60 ? 51  THR A CB  1 
ATOM   388  O  OG1 . THR A 1 51  ? 2.123   0.505   -14.931 1.00 22.84 ? 51  THR A OG1 1 
ATOM   389  C  CG2 . THR A 1 51  ? 3.202   2.611   -14.402 1.00 24.11 ? 51  THR A CG2 1 
ATOM   390  N  N   . SER A 1 52  ? 4.521   3.556   -17.264 1.00 25.74 ? 52  SER A N   1 
ATOM   391  C  CA  . SER A 1 52  ? 5.515   4.606   -17.441 1.00 24.90 ? 52  SER A CA  1 
ATOM   392  C  C   . SER A 1 52  ? 5.519   5.365   -16.114 1.00 24.77 ? 52  SER A C   1 
ATOM   393  O  O   . SER A 1 52  ? 4.623   6.156   -15.843 1.00 25.03 ? 52  SER A O   1 
ATOM   394  C  CB  . SER A 1 52  ? 5.097   5.531   -18.581 1.00 25.18 ? 52  SER A CB  1 
ATOM   395  O  OG  . SER A 1 52  ? 6.133   6.435   -18.911 1.00 28.16 ? 52  SER A OG  1 
ATOM   396  N  N   . VAL A 1 53  ? 6.523   5.104   -15.287 1.00 24.63 ? 53  VAL A N   1 
ATOM   397  C  CA  . VAL A 1 53  ? 6.634   5.713   -13.968 1.00 25.57 ? 53  VAL A CA  1 
ATOM   398  C  C   . VAL A 1 53  ? 6.809   7.239   -13.972 1.00 25.57 ? 53  VAL A C   1 
ATOM   399  O  O   . VAL A 1 53  ? 7.517   7.794   -14.807 1.00 21.39 ? 53  VAL A O   1 
ATOM   400  C  CB  . VAL A 1 53  ? 7.789   5.041   -13.193 1.00 26.06 ? 53  VAL A CB  1 
ATOM   401  C  CG1 . VAL A 1 53  ? 7.954   5.663   -11.834 1.00 27.18 ? 53  VAL A CG1 1 
ATOM   402  C  CG2 . VAL A 1 53  ? 7.494   3.548   -13.044 1.00 28.26 ? 53  VAL A CG2 1 
ATOM   403  N  N   . ASP A 1 54  ? 6.145   7.916   -13.038 1.00 28.09 ? 54  ASP A N   1 
ATOM   404  C  CA  . ASP A 1 54  ? 6.242   9.375   -12.945 1.00 27.89 ? 54  ASP A CA  1 
ATOM   405  C  C   . ASP A 1 54  ? 7.578   9.818   -12.354 1.00 27.60 ? 54  ASP A C   1 
ATOM   406  O  O   . ASP A 1 54  ? 8.261   10.664  -12.925 1.00 30.06 ? 54  ASP A O   1 
ATOM   407  C  CB  . ASP A 1 54  ? 5.104   9.945   -12.090 1.00 28.61 ? 54  ASP A CB  1 
ATOM   408  C  CG  . ASP A 1 54  ? 3.735   9.696   -12.693 1.00 28.69 ? 54  ASP A CG  1 
ATOM   409  O  OD1 . ASP A 1 54  ? 3.514   10.094  -13.854 1.00 30.94 ? 54  ASP A OD1 1 
ATOM   410  O  OD2 . ASP A 1 54  ? 2.881   9.110   -12.004 1.00 28.71 ? 54  ASP A OD2 1 
ATOM   411  N  N   . TYR A 1 55  ? 7.954   9.231   -11.223 1.00 27.33 ? 55  TYR A N   1 
ATOM   412  C  CA  . TYR A 1 55  ? 9.195   9.590   -10.545 1.00 27.74 ? 55  TYR A CA  1 
ATOM   413  C  C   . TYR A 1 55  ? 10.175  8.429   -10.327 1.00 28.98 ? 55  TYR A C   1 
ATOM   414  O  O   . TYR A 1 55  ? 9.778   7.345   -9.915  1.00 28.39 ? 55  TYR A O   1 
ATOM   415  C  CB  . TYR A 1 55  ? 8.875   10.182  -9.171  1.00 28.70 ? 55  TYR A CB  1 
ATOM   416  C  CG  . TYR A 1 55  ? 7.926   11.360  -9.181  1.00 30.74 ? 55  TYR A CG  1 
ATOM   417  C  CD1 . TYR A 1 55  ? 8.303   12.585  -9.734  1.00 31.14 ? 55  TYR A CD1 1 
ATOM   418  C  CD2 . TYR A 1 55  ? 6.658   11.258  -8.615  1.00 29.68 ? 55  TYR A CD2 1 
ATOM   419  C  CE1 . TYR A 1 55  ? 7.436   13.679  -9.723  1.00 30.30 ? 55  TYR A CE1 1 
ATOM   420  C  CE2 . TYR A 1 55  ? 5.787   12.343  -8.599  1.00 30.64 ? 55  TYR A CE2 1 
ATOM   421  C  CZ  . TYR A 1 55  ? 6.183   13.547  -9.154  1.00 31.83 ? 55  TYR A CZ  1 
ATOM   422  O  OH  . TYR A 1 55  ? 5.320   14.618  -9.135  1.00 33.13 ? 55  TYR A OH  1 
ATOM   423  N  N   . ILE A 1 56  ? 11.453  8.663   -10.608 1.00 28.31 ? 56  ILE A N   1 
ATOM   424  C  CA  . ILE A 1 56  ? 12.475  7.654   -10.354 1.00 30.40 ? 56  ILE A CA  1 
ATOM   425  C  C   . ILE A 1 56  ? 12.931  8.025   -8.947  1.00 30.83 ? 56  ILE A C   1 
ATOM   426  O  O   . ILE A 1 56  ? 13.022  9.213   -8.624  1.00 31.27 ? 56  ILE A O   1 
ATOM   427  C  CB  . ILE A 1 56  ? 13.692  7.773   -11.309 1.00 30.47 ? 56  ILE A CB  1 
ATOM   428  C  CG1 . ILE A 1 56  ? 13.287  7.449   -12.740 1.00 31.50 ? 56  ILE A CG1 1 
ATOM   429  C  CG2 . ILE A 1 56  ? 14.784  6.825   -10.863 1.00 31.45 ? 56  ILE A CG2 1 
ATOM   430  C  CD1 . ILE A 1 56  ? 12.769  6.048   -12.929 1.00 31.78 ? 56  ILE A CD1 1 
ATOM   431  N  N   . ILE A 1 57  ? 13.197  7.034   -8.104  1.00 31.75 ? 57  ILE A N   1 
ATOM   432  C  CA  . ILE A 1 57  ? 13.620  7.323   -6.740  1.00 33.17 ? 57  ILE A CA  1 
ATOM   433  C  C   . ILE A 1 57  ? 14.854  8.220   -6.765  1.00 35.13 ? 57  ILE A C   1 
ATOM   434  O  O   . ILE A 1 57  ? 15.867  7.892   -7.381  1.00 36.18 ? 57  ILE A O   1 
ATOM   435  C  CB  . ILE A 1 57  ? 13.896  6.026   -5.970  1.00 32.54 ? 57  ILE A CB  1 
ATOM   436  C  CG1 . ILE A 1 57  ? 12.564  5.296   -5.743  1.00 33.29 ? 57  ILE A CG1 1 
ATOM   437  C  CG2 . ILE A 1 57  ? 14.585  6.330   -4.644  1.00 33.34 ? 57  ILE A CG2 1 
ATOM   438  C  CD1 . ILE A 1 57  ? 12.680  3.982   -5.009  1.00 34.08 ? 57  ILE A CD1 1 
ATOM   439  N  N   . GLY A 1 58  ? 14.745  9.361   -6.095  1.00 35.11 ? 58  GLY A N   1 
ATOM   440  C  CA  . GLY A 1 58  ? 15.826  10.326  -6.070  1.00 34.93 ? 58  GLY A CA  1 
ATOM   441  C  C   . GLY A 1 58  ? 15.380  11.554  -6.843  1.00 34.67 ? 58  GLY A C   1 
ATOM   442  O  O   . GLY A 1 58  ? 16.035  12.601  -6.816  1.00 35.50 ? 58  GLY A O   1 
ATOM   443  N  N   . LEU A 1 59  ? 14.248  11.415  -7.530  1.00 32.90 ? 59  LEU A N   1 
ATOM   444  C  CA  . LEU A 1 59  ? 13.676  12.487  -8.331  1.00 31.47 ? 59  LEU A CA  1 
ATOM   445  C  C   . LEU A 1 59  ? 12.223  12.771  -7.952  1.00 31.67 ? 59  LEU A C   1 
ATOM   446  O  O   . LEU A 1 59  ? 11.554  13.577  -8.601  1.00 31.08 ? 59  LEU A O   1 
ATOM   447  C  CB  . LEU A 1 59  ? 13.743  12.130  -9.819  1.00 31.02 ? 59  LEU A CB  1 
ATOM   448  C  CG  . LEU A 1 59  ? 15.121  11.851  -10.432 1.00 33.12 ? 59  LEU A CG  1 
ATOM   449  C  CD1 . LEU A 1 59  ? 14.967  11.493  -11.906 1.00 31.46 ? 59  LEU A CD1 1 
ATOM   450  C  CD2 . LEU A 1 59  ? 16.012  13.077  -10.274 1.00 32.48 ? 59  LEU A CD2 1 
ATOM   451  N  N   . GLU A 1 60  ? 11.732  12.107  -6.910  1.00 32.73 ? 60  GLU A N   1 
ATOM   452  C  CA  . GLU A 1 60  ? 10.353  12.306  -6.467  1.00 34.20 ? 60  GLU A CA  1 
ATOM   453  C  C   . GLU A 1 60  ? 10.275  13.453  -5.459  1.00 35.00 ? 60  GLU A C   1 
ATOM   454  O  O   . GLU A 1 60  ? 11.279  13.822  -4.855  1.00 33.94 ? 60  GLU A O   1 
ATOM   455  C  CB  . GLU A 1 60  ? 9.803   11.021  -5.838  1.00 34.46 ? 60  GLU A CB  1 
ATOM   456  C  CG  . GLU A 1 60  ? 10.187  10.778  -4.387  1.00 35.03 ? 60  GLU A CG  1 
ATOM   457  C  CD  . GLU A 1 60  ? 11.668  10.551  -4.187  1.00 36.91 ? 60  GLU A CD  1 
ATOM   458  O  OE1 . GLU A 1 60  ? 12.297  9.908   -5.051  1.00 40.12 ? 60  GLU A OE1 1 
ATOM   459  O  OE2 . GLU A 1 60  ? 12.203  10.999  -3.153  1.00 36.23 ? 60  GLU A OE2 1 
ATOM   460  N  N   . PRO A 1 61  ? 9.083   14.039  -5.274  1.00 36.83 ? 61  PRO A N   1 
ATOM   461  C  CA  . PRO A 1 61  ? 8.961   15.142  -4.315  1.00 38.29 ? 61  PRO A CA  1 
ATOM   462  C  C   . PRO A 1 61  ? 9.373   14.731  -2.907  1.00 38.47 ? 61  PRO A C   1 
ATOM   463  O  O   . PRO A 1 61  ? 9.056   13.635  -2.447  1.00 38.25 ? 61  PRO A O   1 
ATOM   464  C  CB  . PRO A 1 61  ? 7.482   15.538  -4.417  1.00 37.79 ? 61  PRO A CB  1 
ATOM   465  C  CG  . PRO A 1 61  ? 6.812   14.277  -4.914  1.00 39.41 ? 61  PRO A CG  1 
ATOM   466  C  CD  . PRO A 1 61  ? 7.793   13.755  -5.925  1.00 36.88 ? 61  PRO A CD  1 
ATOM   467  N  N   . ALA A 1 62  ? 10.094  15.623  -2.237  1.00 39.38 ? 62  ALA A N   1 
ATOM   468  C  CA  . ALA A 1 62  ? 10.585  15.379  -0.888  1.00 40.97 ? 62  ALA A CA  1 
ATOM   469  C  C   . ALA A 1 62  ? 9.465   15.053  0.089   1.00 40.19 ? 62  ALA A C   1 
ATOM   470  O  O   . ALA A 1 62  ? 9.633   14.215  0.975   1.00 41.67 ? 62  ALA A O   1 
ATOM   471  C  CB  . ALA A 1 62  ? 11.375  16.592  -0.394  1.00 40.52 ? 62  ALA A CB  1 
ATOM   472  N  N   . ASN A 1 63  ? 8.326   15.717  -0.058  1.00 38.50 ? 63  ASN A N   1 
ATOM   473  C  CA  . ASN A 1 63  ? 7.212   15.449  0.837   1.00 38.69 ? 63  ASN A CA  1 
ATOM   474  C  C   . ASN A 1 63  ? 5.876   15.286  0.130   1.00 36.41 ? 63  ASN A C   1 
ATOM   475  O  O   . ASN A 1 63  ? 5.517   16.043  -0.771  1.00 36.63 ? 63  ASN A O   1 
ATOM   476  C  CB  . ASN A 1 63  ? 7.124   16.528  1.924   1.00 41.90 ? 63  ASN A CB  1 
ATOM   477  C  CG  . ASN A 1 63  ? 7.429   17.910  1.396   1.00 44.18 ? 63  ASN A CG  1 
ATOM   478  O  OD1 . ASN A 1 63  ? 6.686   18.454  0.579   1.00 46.21 ? 63  ASN A OD1 1 
ATOM   479  N  ND2 . ASN A 1 63  ? 8.534   18.486  1.856   1.00 43.53 ? 63  ASN A ND2 1 
ATOM   480  N  N   . PHE A 1 64  ? 5.156   14.259  0.559   1.00 33.77 ? 64  PHE A N   1 
ATOM   481  C  CA  . PHE A 1 64  ? 3.860   13.912  0.016   1.00 30.32 ? 64  PHE A CA  1 
ATOM   482  C  C   . PHE A 1 64  ? 3.026   13.398  1.181   1.00 28.61 ? 64  PHE A C   1 
ATOM   483  O  O   . PHE A 1 64  ? 3.535   13.234  2.288   1.00 28.23 ? 64  PHE A O   1 
ATOM   484  C  CB  . PHE A 1 64  ? 4.022   12.856  -1.082  1.00 29.40 ? 64  PHE A CB  1 
ATOM   485  C  CG  . PHE A 1 64  ? 4.970   11.747  -0.723  1.00 29.18 ? 64  PHE A CG  1 
ATOM   486  C  CD1 . PHE A 1 64  ? 4.495   10.486  -0.377  1.00 29.31 ? 64  PHE A CD1 1 
ATOM   487  C  CD2 . PHE A 1 64  ? 6.346   11.966  -0.723  1.00 29.34 ? 64  PHE A CD2 1 
ATOM   488  C  CE1 . PHE A 1 64  ? 5.382   9.458   -0.039  1.00 29.39 ? 64  PHE A CE1 1 
ATOM   489  C  CE2 . PHE A 1 64  ? 7.237   10.947  -0.386  1.00 30.06 ? 64  PHE A CE2 1 
ATOM   490  C  CZ  . PHE A 1 64  ? 6.754   9.691   -0.043  1.00 29.07 ? 64  PHE A CZ  1 
ATOM   491  N  N   . ASN A 1 65  ? 1.756   13.127  0.929   1.00 27.66 ? 65  ASN A N   1 
ATOM   492  C  CA  . ASN A 1 65  ? 0.837   12.720  1.981   1.00 26.44 ? 65  ASN A CA  1 
ATOM   493  C  C   . ASN A 1 65  ? 0.582   11.237  2.207   1.00 24.32 ? 65  ASN A C   1 
ATOM   494  O  O   . ASN A 1 65  ? 0.123   10.848  3.279   1.00 23.98 ? 65  ASN A O   1 
ATOM   495  C  CB  . ASN A 1 65  ? -0.482  13.442  1.737   1.00 27.62 ? 65  ASN A CB  1 
ATOM   496  C  CG  . ASN A 1 65  ? -0.289  14.937  1.613   1.00 28.59 ? 65  ASN A CG  1 
ATOM   497  O  OD1 . ASN A 1 65  ? -0.277  15.656  2.611   1.00 31.01 ? 65  ASN A OD1 1 
ATOM   498  N  ND2 . ASN A 1 65  ? -0.096  15.408  0.388   1.00 27.61 ? 65  ASN A ND2 1 
ATOM   499  N  N   . LEU A 1 66  ? 0.872   10.412  1.211   1.00 21.68 ? 66  LEU A N   1 
ATOM   500  C  CA  . LEU A 1 66  ? 0.663   8.978   1.351   1.00 21.74 ? 66  LEU A CA  1 
ATOM   501  C  C   . LEU A 1 66  ? 1.662   8.169   0.536   1.00 19.80 ? 66  LEU A C   1 
ATOM   502  O  O   . LEU A 1 66  ? 1.937   8.492   -0.621  1.00 20.61 ? 66  LEU A O   1 
ATOM   503  C  CB  . LEU A 1 66  ? -0.755  8.602   0.905   1.00 20.94 ? 66  LEU A CB  1 
ATOM   504  C  CG  . LEU A 1 66  ? -1.157  7.130   1.027   1.00 21.23 ? 66  LEU A CG  1 
ATOM   505  C  CD1 . LEU A 1 66  ? -1.314  6.778   2.484   1.00 19.90 ? 66  LEU A CD1 1 
ATOM   506  C  CD2 . LEU A 1 66  ? -2.450  6.878   0.279   1.00 20.32 ? 66  LEU A CD2 1 
ATOM   507  N  N   . LEU A 1 67  ? 2.209   7.126   1.153   1.00 21.15 ? 67  LEU A N   1 
ATOM   508  C  CA  . LEU A 1 67  ? 3.137   6.232   0.468   1.00 21.01 ? 67  LEU A CA  1 
ATOM   509  C  C   . LEU A 1 67  ? 2.485   4.858   0.387   1.00 20.38 ? 67  LEU A C   1 
ATOM   510  O  O   . LEU A 1 67  ? 2.256   4.216   1.406   1.00 20.18 ? 67  LEU A O   1 
ATOM   511  C  CB  . LEU A 1 67  ? 4.465   6.099   1.220   1.00 20.52 ? 67  LEU A CB  1 
ATOM   512  C  CG  . LEU A 1 67  ? 5.362   4.971   0.683   1.00 20.21 ? 67  LEU A CG  1 
ATOM   513  C  CD1 . LEU A 1 67  ? 5.611   5.175   -0.791  1.00 19.26 ? 67  LEU A CD1 1 
ATOM   514  C  CD2 . LEU A 1 67  ? 6.678   4.922   1.439   1.00 19.79 ? 67  LEU A CD2 1 
ATOM   515  N  N   . VAL A 1 68  ? 2.195   4.419   -0.832  1.00 20.11 ? 68  VAL A N   1 
ATOM   516  C  CA  . VAL A 1 68  ? 1.583   3.124   -1.052  1.00 19.83 ? 68  VAL A CA  1 
ATOM   517  C  C   . VAL A 1 68  ? 2.604   2.226   -1.747  1.00 20.83 ? 68  VAL A C   1 
ATOM   518  O  O   . VAL A 1 68  ? 2.986   2.465   -2.892  1.00 22.48 ? 68  VAL A O   1 
ATOM   519  C  CB  . VAL A 1 68  ? 0.314   3.245   -1.935  1.00 19.92 ? 68  VAL A CB  1 
ATOM   520  C  CG1 . VAL A 1 68  ? -0.363  1.886   -2.063  1.00 16.95 ? 68  VAL A CG1 1 
ATOM   521  C  CG2 . VAL A 1 68  ? -0.656  4.272   -1.325  1.00 19.81 ? 68  VAL A CG2 1 
HETATM 522  N  N   . MSE A 1 69  ? 3.048   1.207   -1.027  1.00 20.12 ? 69  MSE A N   1 
HETATM 523  C  CA  . MSE A 1 69  ? 4.021   0.248   -1.516  1.00 22.73 ? 69  MSE A CA  1 
HETATM 524  C  C   . MSE A 1 69  ? 3.259   -0.990  -1.990  1.00 21.25 ? 69  MSE A C   1 
HETATM 525  O  O   . MSE A 1 69  ? 2.784   -1.792  -1.179  1.00 21.70 ? 69  MSE A O   1 
HETATM 526  C  CB  . MSE A 1 69  ? 4.956   -0.116  -0.374  1.00 23.16 ? 69  MSE A CB  1 
HETATM 527  C  CG  . MSE A 1 69  ? 5.437   1.104   0.378   1.00 24.80 ? 69  MSE A CG  1 
HETATM 528  SE SE  . MSE A 1 69  ? 6.591   0.706   1.827   1.00 35.15 ? 69  MSE A SE  1 
HETATM 529  C  CE  . MSE A 1 69  ? 5.325   0.426   3.191   1.00 37.20 ? 69  MSE A CE  1 
ATOM   530  N  N   . ILE A 1 70  ? 3.124   -1.147  -3.296  1.00 21.35 ? 70  ILE A N   1 
ATOM   531  C  CA  . ILE A 1 70  ? 2.392   -2.299  -3.794  1.00 21.56 ? 70  ILE A CA  1 
ATOM   532  C  C   . ILE A 1 70  ? 3.275   -3.526  -3.976  1.00 22.09 ? 70  ILE A C   1 
ATOM   533  O  O   . ILE A 1 70  ? 4.481   -3.412  -4.184  1.00 20.64 ? 70  ILE A O   1 
ATOM   534  C  CB  . ILE A 1 70  ? 1.619   -1.959  -5.094  1.00 25.39 ? 70  ILE A CB  1 
ATOM   535  C  CG1 . ILE A 1 70  ? 1.775   -3.082  -6.115  1.00 23.57 ? 70  ILE A CG1 1 
ATOM   536  C  CG2 . ILE A 1 70  ? 2.045   -0.606  -5.626  1.00 25.13 ? 70  ILE A CG2 1 
ATOM   537  C  CD1 . ILE A 1 70  ? 1.032   -2.823  -7.367  1.00 30.74 ? 70  ILE A CD1 1 
ATOM   538  N  N   . GLY A 1 71  ? 2.653   -4.698  -3.874  1.00 21.44 ? 71  GLY A N   1 
ATOM   539  C  CA  . GLY A 1 71  ? 3.368   -5.956  -3.983  1.00 23.79 ? 71  GLY A CA  1 
ATOM   540  C  C   . GLY A 1 71  ? 3.880   -6.344  -5.355  1.00 24.48 ? 71  GLY A C   1 
ATOM   541  O  O   . GLY A 1 71  ? 3.724   -5.603  -6.328  1.00 23.62 ? 71  GLY A O   1 
ATOM   542  N  N   . GLY A 1 72  ? 4.497   -7.521  -5.412  1.00 23.72 ? 72  GLY A N   1 
ATOM   543  C  CA  . GLY A 1 72  ? 5.068   -8.032  -6.645  1.00 26.21 ? 72  GLY A CA  1 
ATOM   544  C  C   . GLY A 1 72  ? 6.217   -8.982  -6.344  1.00 26.79 ? 72  GLY A C   1 
ATOM   545  O  O   . GLY A 1 72  ? 6.482   -9.303  -5.183  1.00 26.49 ? 72  GLY A O   1 
ATOM   546  N  N   . ASP A 1 73  ? 6.923   -9.403  -7.387  1.00 28.94 ? 73  ASP A N   1 
ATOM   547  C  CA  . ASP A 1 73  ? 8.026   -10.340 -7.240  1.00 30.50 ? 73  ASP A CA  1 
ATOM   548  C  C   . ASP A 1 73  ? 9.431   -9.747  -7.191  1.00 31.96 ? 73  ASP A C   1 
ATOM   549  O  O   . ASP A 1 73  ? 10.407  -10.479 -7.367  1.00 35.29 ? 73  ASP A O   1 
ATOM   550  C  CB  . ASP A 1 73  ? 7.971   -11.370 -8.374  1.00 31.32 ? 73  ASP A CB  1 
ATOM   551  C  CG  . ASP A 1 73  ? 6.581   -11.949 -8.575  1.00 33.47 ? 73  ASP A CG  1 
ATOM   552  O  OD1 . ASP A 1 73  ? 5.861   -12.149 -7.569  1.00 36.02 ? 73  ASP A OD1 1 
ATOM   553  O  OD2 . ASP A 1 73  ? 6.213   -12.218 -9.743  1.00 35.68 ? 73  ASP A OD2 1 
ATOM   554  N  N   . SER A 1 74  ? 9.558   -8.446  -6.941  1.00 30.06 ? 74  SER A N   1 
ATOM   555  C  CA  . SER A 1 74  ? 10.886  -7.825  -6.914  1.00 28.68 ? 74  SER A CA  1 
ATOM   556  C  C   . SER A 1 74  ? 11.288  -7.179  -5.594  1.00 28.89 ? 74  SER A C   1 
ATOM   557  O  O   . SER A 1 74  ? 12.206  -6.354  -5.564  1.00 30.30 ? 74  SER A O   1 
ATOM   558  C  CB  . SER A 1 74  ? 10.984  -6.757  -8.005  1.00 27.61 ? 74  SER A CB  1 
ATOM   559  O  OG  . SER A 1 74  ? 10.603  -7.269  -9.258  1.00 30.02 ? 74  SER A OG  1 
ATOM   560  N  N   . TRP A 1 75  ? 10.633  -7.548  -4.500  1.00 28.31 ? 75  TRP A N   1 
ATOM   561  C  CA  . TRP A 1 75  ? 10.960  -6.918  -3.238  1.00 28.49 ? 75  TRP A CA  1 
ATOM   562  C  C   . TRP A 1 75  ? 12.207  -7.383  -2.498  1.00 30.85 ? 75  TRP A C   1 
ATOM   563  O  O   . TRP A 1 75  ? 12.566  -6.798  -1.483  1.00 30.79 ? 75  TRP A O   1 
ATOM   564  C  CB  . TRP A 1 75  ? 9.732   -6.931  -2.323  1.00 26.54 ? 75  TRP A CB  1 
ATOM   565  C  CG  . TRP A 1 75  ? 8.728   -5.886  -2.749  1.00 22.60 ? 75  TRP A CG  1 
ATOM   566  C  CD1 . TRP A 1 75  ? 7.599   -6.085  -3.490  1.00 22.42 ? 75  TRP A CD1 1 
ATOM   567  C  CD2 . TRP A 1 75  ? 8.801   -4.473  -2.506  1.00 21.18 ? 75  TRP A CD2 1 
ATOM   568  N  NE1 . TRP A 1 75  ? 6.966   -4.889  -3.724  1.00 21.14 ? 75  TRP A NE1 1 
ATOM   569  C  CE2 . TRP A 1 75  ? 7.683   -3.883  -3.133  1.00 20.44 ? 75  TRP A CE2 1 
ATOM   570  C  CE3 . TRP A 1 75  ? 9.707   -3.648  -1.820  1.00 21.33 ? 75  TRP A CE3 1 
ATOM   571  C  CZ2 . TRP A 1 75  ? 7.441   -2.500  -3.095  1.00 22.07 ? 75  TRP A CZ2 1 
ATOM   572  C  CZ3 . TRP A 1 75  ? 9.466   -2.274  -1.779  1.00 21.16 ? 75  TRP A CZ3 1 
ATOM   573  C  CH2 . TRP A 1 75  ? 8.343   -1.715  -2.414  1.00 20.14 ? 75  TRP A CH2 1 
ATOM   574  N  N   . SER A 1 76  ? 12.870  -8.424  -2.996  1.00 33.73 ? 76  SER A N   1 
ATOM   575  C  CA  . SER A 1 76  ? 14.116  -8.875  -2.379  1.00 35.06 ? 76  SER A CA  1 
ATOM   576  C  C   . SER A 1 76  ? 15.134  -7.927  -3.003  1.00 38.27 ? 76  SER A C   1 
ATOM   577  O  O   . SER A 1 76  ? 15.923  -8.327  -3.865  1.00 38.21 ? 76  SER A O   1 
ATOM   578  C  CB  . SER A 1 76  ? 14.453  -10.313 -2.782  1.00 35.71 ? 76  SER A CB  1 
ATOM   579  O  OG  . SER A 1 76  ? 13.425  -11.218 -2.425  1.00 37.62 ? 76  SER A OG  1 
ATOM   580  N  N   . ASN A 1 77  ? 15.094  -6.664  -2.581  1.00 40.49 ? 77  ASN A N   1 
ATOM   581  C  CA  . ASN A 1 77  ? 15.980  -5.633  -3.116  1.00 42.73 ? 77  ASN A CA  1 
ATOM   582  C  C   . ASN A 1 77  ? 16.857  -4.973  -2.052  1.00 42.90 ? 77  ASN A C   1 
ATOM   583  O  O   . ASN A 1 77  ? 16.351  -4.441  -1.064  1.00 42.11 ? 77  ASN A O   1 
ATOM   584  C  CB  . ASN A 1 77  ? 15.146  -4.559  -3.814  1.00 44.69 ? 77  ASN A CB  1 
ATOM   585  C  CG  . ASN A 1 77  ? 15.775  -4.085  -5.108  1.00 47.52 ? 77  ASN A CG  1 
ATOM   586  O  OD1 . ASN A 1 77  ? 16.896  -3.573  -5.120  1.00 47.89 ? 77  ASN A OD1 1 
ATOM   587  N  ND2 . ASN A 1 77  ? 15.055  -4.259  -6.210  1.00 47.21 ? 77  ASN A ND2 1 
ATOM   588  N  N   . ASP A 1 78  ? 18.169  -5.003  -2.274  1.00 42.29 ? 78  ASP A N   1 
ATOM   589  C  CA  . ASP A 1 78  ? 19.135  -4.417  -1.349  1.00 41.64 ? 78  ASP A CA  1 
ATOM   590  C  C   . ASP A 1 78  ? 19.370  -2.947  -1.707  1.00 40.29 ? 78  ASP A C   1 
ATOM   591  O  O   . ASP A 1 78  ? 20.155  -2.256  -1.056  1.00 40.55 ? 78  ASP A O   1 
ATOM   592  C  CB  . ASP A 1 78  ? 20.478  -5.165  -1.430  1.00 44.54 ? 78  ASP A CB  1 
ATOM   593  C  CG  . ASP A 1 78  ? 20.341  -6.669  -1.199  1.00 48.25 ? 78  ASP A CG  1 
ATOM   594  O  OD1 . ASP A 1 78  ? 20.009  -7.080  -0.066  1.00 51.09 ? 78  ASP A OD1 1 
ATOM   595  O  OD2 . ASP A 1 78  ? 20.569  -7.447  -2.153  1.00 49.69 ? 78  ASP A OD2 1 
ATOM   596  N  N   . ASN A 1 79  ? 18.687  -2.476  -2.743  1.00 38.25 ? 79  ASN A N   1 
ATOM   597  C  CA  . ASN A 1 79  ? 18.847  -1.104  -3.207  1.00 38.67 ? 79  ASN A CA  1 
ATOM   598  C  C   . ASN A 1 79  ? 18.823  -0.073  -2.078  1.00 37.80 ? 79  ASN A C   1 
ATOM   599  O  O   . ASN A 1 79  ? 17.813  0.108   -1.401  1.00 39.33 ? 79  ASN A O   1 
ATOM   600  C  CB  . ASN A 1 79  ? 17.765  -0.777  -4.228  1.00 38.04 ? 79  ASN A CB  1 
ATOM   601  C  CG  . ASN A 1 79  ? 18.185  0.306   -5.178  1.00 39.20 ? 79  ASN A CG  1 
ATOM   602  O  OD1 . ASN A 1 79  ? 18.596  0.031   -6.307  1.00 40.84 ? 79  ASN A OD1 1 
ATOM   603  N  ND2 . ASN A 1 79  ? 18.105  1.551   -4.726  1.00 38.31 ? 79  ASN A ND2 1 
ATOM   604  N  N   . LYS A 1 80  ? 19.944  0.613   -1.891  1.00 37.81 ? 80  LYS A N   1 
ATOM   605  C  CA  . LYS A 1 80  ? 20.070  1.616   -0.834  1.00 38.39 ? 80  LYS A CA  1 
ATOM   606  C  C   . LYS A 1 80  ? 19.209  2.854   -1.100  1.00 36.88 ? 80  LYS A C   1 
ATOM   607  O  O   . LYS A 1 80  ? 18.759  3.517   -0.161  1.00 35.41 ? 80  LYS A O   1 
ATOM   608  C  CB  . LYS A 1 80  ? 21.552  1.997   -0.659  1.00 39.96 ? 80  LYS A CB  1 
ATOM   609  C  CG  . LYS A 1 80  ? 21.931  3.396   -1.130  1.00 42.46 ? 80  LYS A CG  1 
ATOM   610  C  CD  . LYS A 1 80  ? 21.854  4.410   0.011   1.00 46.27 ? 80  LYS A CD  1 
ATOM   611  C  CE  . LYS A 1 80  ? 22.121  5.834   -0.473  1.00 46.36 ? 80  LYS A CE  1 
ATOM   612  N  NZ  . LYS A 1 80  ? 21.081  6.302   -1.445  1.00 46.75 ? 80  LYS A NZ  1 
ATOM   613  N  N   . LYS A 1 81  ? 18.983  3.168   -2.373  1.00 35.25 ? 81  LYS A N   1 
ATOM   614  C  CA  . LYS A 1 81  ? 18.151  4.318   -2.714  1.00 35.26 ? 81  LYS A CA  1 
ATOM   615  C  C   . LYS A 1 81  ? 16.727  4.024   -2.241  1.00 32.87 ? 81  LYS A C   1 
ATOM   616  O  O   . LYS A 1 81  ? 16.082  4.859   -1.610  1.00 30.21 ? 81  LYS A O   1 
ATOM   617  C  CB  . LYS A 1 81  ? 18.154  4.561   -4.226  1.00 37.65 ? 81  LYS A CB  1 
ATOM   618  C  CG  . LYS A 1 81  ? 19.497  4.986   -4.807  1.00 41.76 ? 81  LYS A CG  1 
ATOM   619  C  CD  . LYS A 1 81  ? 19.909  6.377   -4.343  1.00 43.91 ? 81  LYS A CD  1 
ATOM   620  C  CE  . LYS A 1 81  ? 21.225  6.813   -4.993  1.00 47.09 ? 81  LYS A CE  1 
ATOM   621  N  NZ  . LYS A 1 81  ? 21.710  8.134   -4.497  1.00 48.60 ? 81  LYS A NZ  1 
ATOM   622  N  N   . LEU A 1 82  ? 16.262  2.818   -2.549  1.00 30.89 ? 82  LEU A N   1 
ATOM   623  C  CA  . LEU A 1 82  ? 14.932  2.351   -2.172  1.00 30.54 ? 82  LEU A CA  1 
ATOM   624  C  C   . LEU A 1 82  ? 14.746  2.414   -0.654  1.00 30.89 ? 82  LEU A C   1 
ATOM   625  O  O   . LEU A 1 82  ? 13.770  2.980   -0.162  1.00 31.30 ? 82  LEU A O   1 
ATOM   626  C  CB  . LEU A 1 82  ? 14.738  0.910   -2.664  1.00 30.25 ? 82  LEU A CB  1 
ATOM   627  C  CG  . LEU A 1 82  ? 13.427  0.173   -2.366  1.00 31.67 ? 82  LEU A CG  1 
ATOM   628  C  CD1 . LEU A 1 82  ? 12.240  0.954   -2.914  1.00 30.01 ? 82  LEU A CD1 1 
ATOM   629  C  CD2 . LEU A 1 82  ? 13.487  -1.211  -2.992  1.00 29.98 ? 82  LEU A CD2 1 
ATOM   630  N  N   . LEU A 1 83  ? 15.684  1.835   0.087   1.00 31.19 ? 83  LEU A N   1 
ATOM   631  C  CA  . LEU A 1 83  ? 15.604  1.843   1.545   1.00 31.75 ? 83  LEU A CA  1 
ATOM   632  C  C   . LEU A 1 83  ? 15.537  3.265   2.094   1.00 32.71 ? 83  LEU A C   1 
ATOM   633  O  O   . LEU A 1 83  ? 14.685  3.571   2.931   1.00 33.99 ? 83  LEU A O   1 
ATOM   634  C  CB  . LEU A 1 83  ? 16.807  1.128   2.162   1.00 32.42 ? 83  LEU A CB  1 
ATOM   635  C  CG  . LEU A 1 83  ? 16.833  1.147   3.697   1.00 32.70 ? 83  LEU A CG  1 
ATOM   636  C  CD1 . LEU A 1 83  ? 15.585  0.457   4.225   1.00 33.92 ? 83  LEU A CD1 1 
ATOM   637  C  CD2 . LEU A 1 83  ? 18.080  0.455   4.213   1.00 29.91 ? 83  LEU A CD2 1 
ATOM   638  N  N   . HIS A 1 84  ? 16.439  4.130   1.637   1.00 31.85 ? 84  HIS A N   1 
ATOM   639  C  CA  . HIS A 1 84  ? 16.441  5.508   2.105   1.00 31.61 ? 84  HIS A CA  1 
ATOM   640  C  C   . HIS A 1 84  ? 15.086  6.146   1.851   1.00 30.12 ? 84  HIS A C   1 
ATOM   641  O  O   . HIS A 1 84  ? 14.516  6.777   2.738   1.00 29.72 ? 84  HIS A O   1 
ATOM   642  C  CB  . HIS A 1 84  ? 17.514  6.340   1.398   1.00 33.26 ? 84  HIS A CB  1 
ATOM   643  C  CG  . HIS A 1 84  ? 17.511  7.784   1.803   1.00 34.68 ? 84  HIS A CG  1 
ATOM   644  N  ND1 . HIS A 1 84  ? 17.901  8.206   3.057   1.00 35.47 ? 84  HIS A ND1 1 
ATOM   645  C  CD2 . HIS A 1 84  ? 17.138  8.900   1.130   1.00 35.46 ? 84  HIS A CD2 1 
ATOM   646  C  CE1 . HIS A 1 84  ? 17.771  9.519   3.138   1.00 35.35 ? 84  HIS A CE1 1 
ATOM   647  N  NE2 . HIS A 1 84  ? 17.311  9.965   1.983   1.00 35.09 ? 84  HIS A NE2 1 
ATOM   648  N  N   . PHE A 1 85  ? 14.579  5.987   0.635   1.00 30.02 ? 85  PHE A N   1 
ATOM   649  C  CA  . PHE A 1 85  ? 13.284  6.551   0.278   1.00 30.09 ? 85  PHE A CA  1 
ATOM   650  C  C   . PHE A 1 85  ? 12.180  6.147   1.250   1.00 30.92 ? 85  PHE A C   1 
ATOM   651  O  O   . PHE A 1 85  ? 11.490  7.004   1.807   1.00 28.52 ? 85  PHE A O   1 
ATOM   652  C  CB  . PHE A 1 85  ? 12.880  6.132   -1.138  1.00 29.45 ? 85  PHE A CB  1 
ATOM   653  C  CG  . PHE A 1 85  ? 11.478  6.543   -1.510  1.00 28.81 ? 85  PHE A CG  1 
ATOM   654  C  CD1 . PHE A 1 85  ? 11.089  7.880   -1.453  1.00 28.74 ? 85  PHE A CD1 1 
ATOM   655  C  CD2 . PHE A 1 85  ? 10.538  5.590   -1.891  1.00 27.77 ? 85  PHE A CD2 1 
ATOM   656  C  CE1 . PHE A 1 85  ? 9.786   8.260   -1.766  1.00 27.64 ? 85  PHE A CE1 1 
ATOM   657  C  CE2 . PHE A 1 85  ? 9.233   5.959   -2.206  1.00 27.75 ? 85  PHE A CE2 1 
ATOM   658  C  CZ  . PHE A 1 85  ? 8.853   7.297   -2.144  1.00 28.26 ? 85  PHE A CZ  1 
ATOM   659  N  N   . VAL A 1 86  ? 12.009  4.843   1.455   1.00 30.86 ? 86  VAL A N   1 
ATOM   660  C  CA  . VAL A 1 86  ? 10.957  4.368   2.347   1.00 31.52 ? 86  VAL A CA  1 
ATOM   661  C  C   . VAL A 1 86  ? 11.204  4.742   3.797   1.00 31.85 ? 86  VAL A C   1 
ATOM   662  O  O   . VAL A 1 86  ? 10.315  5.264   4.473   1.00 31.24 ? 86  VAL A O   1 
ATOM   663  C  CB  . VAL A 1 86  ? 10.784  2.827   2.269   1.00 31.72 ? 86  VAL A CB  1 
ATOM   664  C  CG1 . VAL A 1 86  ? 10.276  2.423   0.897   1.00 31.23 ? 86  VAL A CG1 1 
ATOM   665  C  CG2 . VAL A 1 86  ? 12.097  2.149   2.555   1.00 35.86 ? 86  VAL A CG2 1 
ATOM   666  N  N   . LYS A 1 87  ? 12.413  4.462   4.268   1.00 32.27 ? 87  LYS A N   1 
ATOM   667  C  CA  . LYS A 1 87  ? 12.794  4.737   5.645   1.00 33.51 ? 87  LYS A CA  1 
ATOM   668  C  C   . LYS A 1 87  ? 12.589  6.210   5.978   1.00 33.45 ? 87  LYS A C   1 
ATOM   669  O  O   . LYS A 1 87  ? 12.184  6.548   7.090   1.00 35.47 ? 87  LYS A O   1 
ATOM   670  C  CB  . LYS A 1 87  ? 14.250  4.325   5.858   1.00 35.22 ? 87  LYS A CB  1 
ATOM   671  C  CG  . LYS A 1 87  ? 14.607  3.949   7.278   1.00 38.39 ? 87  LYS A CG  1 
ATOM   672  C  CD  . LYS A 1 87  ? 15.868  3.098   7.288   1.00 40.74 ? 87  LYS A CD  1 
ATOM   673  C  CE  . LYS A 1 87  ? 16.254  2.657   8.692   1.00 43.05 ? 87  LYS A CE  1 
ATOM   674  N  NZ  . LYS A 1 87  ? 17.313  1.600   8.640   1.00 44.45 ? 87  LYS A NZ  1 
ATOM   675  N  N   . THR A 1 88  ? 12.862  7.087   5.016   1.00 32.20 ? 88  THR A N   1 
ATOM   676  C  CA  . THR A 1 88  ? 12.676  8.517   5.223   1.00 32.40 ? 88  THR A CA  1 
ATOM   677  C  C   . THR A 1 88  ? 11.187  8.813   5.415   1.00 32.94 ? 88  THR A C   1 
ATOM   678  O  O   . THR A 1 88  ? 10.812  9.652   6.232   1.00 33.46 ? 88  THR A O   1 
ATOM   679  C  CB  . THR A 1 88  ? 13.198  9.337   4.026   1.00 31.57 ? 88  THR A CB  1 
ATOM   680  O  OG1 . THR A 1 88  ? 14.602  9.119   3.872   1.00 32.55 ? 88  THR A OG1 1 
ATOM   681  C  CG2 . THR A 1 88  ? 12.973  10.814  4.261   1.00 32.43 ? 88  THR A CG2 1 
ATOM   682  N  N   . ALA A 1 89  ? 10.340  8.122   4.658   1.00 32.48 ? 89  ALA A N   1 
ATOM   683  C  CA  . ALA A 1 89  ? 8.902   8.308   4.779   1.00 32.78 ? 89  ALA A CA  1 
ATOM   684  C  C   . ALA A 1 89  ? 8.461   7.962   6.200   1.00 33.48 ? 89  ALA A C   1 
ATOM   685  O  O   . ALA A 1 89  ? 7.605   8.630   6.775   1.00 32.58 ? 89  ALA A O   1 
ATOM   686  C  CB  . ALA A 1 89  ? 8.174   7.435   3.776   1.00 31.99 ? 89  ALA A CB  1 
ATOM   687  N  N   . PHE A 1 90  ? 9.046   6.913   6.766   1.00 33.44 ? 90  PHE A N   1 
ATOM   688  C  CA  . PHE A 1 90  ? 8.711   6.516   8.126   1.00 36.97 ? 90  PHE A CA  1 
ATOM   689  C  C   . PHE A 1 90  ? 9.129   7.608   9.111   1.00 39.13 ? 90  PHE A C   1 
ATOM   690  O  O   . PHE A 1 90  ? 8.369   7.968   10.011  1.00 39.34 ? 90  PHE A O   1 
ATOM   691  C  CB  . PHE A 1 90  ? 9.410   5.204   8.483   1.00 36.33 ? 90  PHE A CB  1 
ATOM   692  C  CG  . PHE A 1 90  ? 8.611   3.978   8.145   1.00 37.05 ? 90  PHE A CG  1 
ATOM   693  C  CD1 . PHE A 1 90  ? 7.802   3.371   9.104   1.00 36.05 ? 90  PHE A CD1 1 
ATOM   694  C  CD2 . PHE A 1 90  ? 8.671   3.422   6.866   1.00 37.66 ? 90  PHE A CD2 1 
ATOM   695  C  CE1 . PHE A 1 90  ? 7.062   2.224   8.795   1.00 38.00 ? 90  PHE A CE1 1 
ATOM   696  C  CE2 . PHE A 1 90  ? 7.935   2.277   6.543   1.00 38.23 ? 90  PHE A CE2 1 
ATOM   697  C  CZ  . PHE A 1 90  ? 7.130   1.675   7.508   1.00 37.93 ? 90  PHE A CZ  1 
ATOM   698  N  N   . GLN A 1 91  ? 10.337  8.138   8.931   1.00 40.54 ? 91  GLN A N   1 
ATOM   699  C  CA  . GLN A 1 91  ? 10.851  9.181   9.813   1.00 42.41 ? 91  GLN A CA  1 
ATOM   700  C  C   . GLN A 1 91  ? 9.961   10.421  9.807   1.00 41.85 ? 91  GLN A C   1 
ATOM   701  O  O   . GLN A 1 91  ? 9.684   10.999  10.857  1.00 42.78 ? 91  GLN A O   1 
ATOM   702  C  CB  . GLN A 1 91  ? 12.267  9.576   9.399   1.00 43.90 ? 91  GLN A CB  1 
ATOM   703  C  CG  . GLN A 1 91  ? 13.213  8.406   9.222   1.00 48.03 ? 91  GLN A CG  1 
ATOM   704  C  CD  . GLN A 1 91  ? 14.618  8.850   8.855   1.00 49.57 ? 91  GLN A CD  1 
ATOM   705  O  OE1 . GLN A 1 91  ? 14.804  9.725   8.003   1.00 48.72 ? 91  GLN A OE1 1 
ATOM   706  N  NE2 . GLN A 1 91  ? 15.617  8.239   9.487   1.00 50.07 ? 91  GLN A NE2 1 
ATOM   707  N  N   . LYS A 1 92  ? 9.527   10.831  8.621   1.00 41.52 ? 92  LYS A N   1 
ATOM   708  C  CA  . LYS A 1 92  ? 8.658   11.993  8.483   1.00 41.11 ? 92  LYS A CA  1 
ATOM   709  C  C   . LYS A 1 92  ? 7.268   11.644  9.004   1.00 40.49 ? 92  LYS A C   1 
ATOM   710  O  O   . LYS A 1 92  ? 6.377   12.488  9.045   1.00 41.02 ? 92  LYS A O   1 
ATOM   711  C  CB  . LYS A 1 92  ? 8.577   12.420  7.011   1.00 42.50 ? 92  LYS A CB  1 
ATOM   712  C  CG  . LYS A 1 92  ? 9.876   12.996  6.455   1.00 44.70 ? 92  LYS A CG  1 
ATOM   713  C  CD  . LYS A 1 92  ? 9.839   13.211  4.942   1.00 45.25 ? 92  LYS A CD  1 
ATOM   714  C  CE  . LYS A 1 92  ? 9.834   11.876  4.183   1.00 47.94 ? 92  LYS A CE  1 
ATOM   715  N  NZ  . LYS A 1 92  ? 10.053  12.016  2.702   1.00 46.43 ? 92  LYS A NZ  1 
ATOM   716  N  N   . ASN A 1 93  ? 7.096   10.389  9.405   1.00 40.18 ? 93  ASN A N   1 
ATOM   717  C  CA  . ASN A 1 93  ? 5.824   9.897   9.926   1.00 39.88 ? 93  ASN A CA  1 
ATOM   718  C  C   . ASN A 1 93  ? 4.635   10.088  8.983   1.00 38.55 ? 93  ASN A C   1 
ATOM   719  O  O   . ASN A 1 93  ? 3.526   10.384  9.417   1.00 38.61 ? 93  ASN A O   1 
ATOM   720  C  CB  . ASN A 1 93  ? 5.522   10.550  11.280  1.00 42.71 ? 93  ASN A CB  1 
ATOM   721  C  CG  . ASN A 1 93  ? 4.157   10.161  11.825  1.00 45.02 ? 93  ASN A CG  1 
ATOM   722  O  OD1 . ASN A 1 93  ? 3.812   8.973   11.903  1.00 46.44 ? 93  ASN A OD1 1 
ATOM   723  N  ND2 . ASN A 1 93  ? 3.367   11.164  12.203  1.00 46.60 ? 93  ASN A ND2 1 
ATOM   724  N  N   . ILE A 1 94  ? 4.852   9.919   7.685   1.00 36.56 ? 94  ILE A N   1 
ATOM   725  C  CA  . ILE A 1 94  ? 3.745   10.067  6.754   1.00 35.82 ? 94  ILE A CA  1 
ATOM   726  C  C   . ILE A 1 94  ? 2.972   8.750   6.687   1.00 33.83 ? 94  ILE A C   1 
ATOM   727  O  O   . ILE A 1 94  ? 3.548   7.673   6.839   1.00 34.68 ? 94  ILE A O   1 
ATOM   728  C  CB  . ILE A 1 94  ? 4.227   10.424  5.342   1.00 36.79 ? 94  ILE A CB  1 
ATOM   729  C  CG1 . ILE A 1 94  ? 4.889   9.207   4.696   1.00 38.02 ? 94  ILE A CG1 1 
ATOM   730  C  CG2 . ILE A 1 94  ? 5.217   11.577  5.409   1.00 38.20 ? 94  ILE A CG2 1 
ATOM   731  C  CD1 . ILE A 1 94  ? 4.491   9.003   3.256   1.00 38.79 ? 94  ILE A CD1 1 
ATOM   732  N  N   . PRO A 1 95  ? 1.647   8.821   6.485   1.00 31.71 ? 95  PRO A N   1 
ATOM   733  C  CA  . PRO A 1 95  ? 0.852   7.594   6.407   1.00 30.19 ? 95  PRO A CA  1 
ATOM   734  C  C   . PRO A 1 95  ? 1.465   6.644   5.379   1.00 29.64 ? 95  PRO A C   1 
ATOM   735  O  O   . PRO A 1 95  ? 1.802   7.047   4.269   1.00 29.65 ? 95  PRO A O   1 
ATOM   736  C  CB  . PRO A 1 95  ? -0.518  8.105   5.973   1.00 30.72 ? 95  PRO A CB  1 
ATOM   737  C  CG  . PRO A 1 95  ? -0.586  9.443   6.639   1.00 30.14 ? 95  PRO A CG  1 
ATOM   738  C  CD  . PRO A 1 95  ? 0.786   10.010  6.362   1.00 30.83 ? 95  PRO A CD  1 
ATOM   739  N  N   . ILE A 1 96  ? 1.615   5.384   5.754   1.00 27.96 ? 96  ILE A N   1 
ATOM   740  C  CA  . ILE A 1 96  ? 2.195   4.396   4.862   1.00 25.46 ? 96  ILE A CA  1 
ATOM   741  C  C   . ILE A 1 96  ? 1.338   3.144   4.812   1.00 24.34 ? 96  ILE A C   1 
ATOM   742  O  O   . ILE A 1 96  ? 0.853   2.671   5.839   1.00 22.26 ? 96  ILE A O   1 
ATOM   743  C  CB  . ILE A 1 96  ? 3.606   3.999   5.323   1.00 25.75 ? 96  ILE A CB  1 
ATOM   744  C  CG1 . ILE A 1 96  ? 4.559   5.185   5.162   1.00 25.58 ? 96  ILE A CG1 1 
ATOM   745  C  CG2 . ILE A 1 96  ? 4.090   2.817   4.516   1.00 22.34 ? 96  ILE A CG2 1 
ATOM   746  C  CD1 . ILE A 1 96  ? 5.948   4.930   5.686   1.00 25.96 ? 96  ILE A CD1 1 
ATOM   747  N  N   . ALA A 1 97  ? 1.167   2.605   3.608   1.00 24.08 ? 97  ALA A N   1 
ATOM   748  C  CA  . ALA A 1 97  ? 0.374   1.402   3.408   1.00 21.47 ? 97  ALA A CA  1 
ATOM   749  C  C   . ALA A 1 97  ? 1.187   0.417   2.575   1.00 20.40 ? 97  ALA A C   1 
ATOM   750  O  O   . ALA A 1 97  ? 1.630   0.755   1.483   1.00 22.43 ? 97  ALA A O   1 
ATOM   751  C  CB  . ALA A 1 97  ? -0.933  1.755   2.691   1.00 18.95 ? 97  ALA A CB  1 
ATOM   752  N  N   . ALA A 1 98  ? 1.391   -0.794  3.089   1.00 18.37 ? 98  ALA A N   1 
ATOM   753  C  CA  . ALA A 1 98  ? 2.171   -1.799  2.360   1.00 18.16 ? 98  ALA A CA  1 
ATOM   754  C  C   . ALA A 1 98  ? 1.384   -3.088  2.188   1.00 18.65 ? 98  ALA A C   1 
ATOM   755  O  O   . ALA A 1 98  ? 0.694   -3.534  3.108   1.00 18.68 ? 98  ALA A O   1 
ATOM   756  C  CB  . ALA A 1 98  ? 3.484   -2.084  3.096   1.00 18.00 ? 98  ALA A CB  1 
ATOM   757  N  N   . ILE A 1 99  ? 1.487   -3.688  1.007   1.00 19.23 ? 99  ILE A N   1 
ATOM   758  C  CA  . ILE A 1 99  ? 0.774   -4.927  0.740   1.00 19.02 ? 99  ILE A CA  1 
ATOM   759  C  C   . ILE A 1 99  ? 1.626   -5.990  0.023   1.00 21.61 ? 99  ILE A C   1 
ATOM   760  O  O   . ILE A 1 99  ? 2.534   -5.670  -0.746  1.00 21.78 ? 99  ILE A O   1 
ATOM   761  C  CB  . ILE A 1 99  ? -0.508  -4.646  -0.077  1.00 16.85 ? 99  ILE A CB  1 
ATOM   762  C  CG1 . ILE A 1 99  ? -1.263  -5.955  -0.322  1.00 16.08 ? 99  ILE A CG1 1 
ATOM   763  C  CG2 . ILE A 1 99  ? -0.156  -3.967  -1.401  1.00 14.05 ? 99  ILE A CG2 1 
ATOM   764  C  CD1 . ILE A 1 99  ? -2.608  -5.773  -0.988  1.00 17.63 ? 99  ILE A CD1 1 
ATOM   765  N  N   . CYS A 1 100 ? 1.328   -7.258  0.292   1.00 23.03 ? 100 CYS A N   1 
ATOM   766  C  CA  . CYS A 1 100 ? 2.035   -8.363  -0.347  1.00 24.72 ? 100 CYS A CA  1 
ATOM   767  C  C   . CYS A 1 100 ? 3.558   -8.291  -0.169  1.00 22.77 ? 100 CYS A C   1 
ATOM   768  O  O   . CYS A 1 100 ? 4.055   -8.158  0.946   1.00 23.25 ? 100 CYS A O   1 
ATOM   769  C  CB  . CYS A 1 100 ? 1.677   -8.369  -1.834  1.00 26.31 ? 100 CYS A CB  1 
ATOM   770  S  SG  . CYS A 1 100 ? 1.910   -9.919  -2.704  1.00 31.56 ? 100 CYS A SG  1 
ATOM   771  N  N   . GLY A 1 101 ? 4.301   -8.376  -1.270  1.00 22.62 ? 101 GLY A N   1 
ATOM   772  C  CA  . GLY A 1 101 ? 5.752   -8.316  -1.189  1.00 21.83 ? 101 GLY A CA  1 
ATOM   773  C  C   . GLY A 1 101 ? 6.308   -7.082  -0.499  1.00 21.60 ? 101 GLY A C   1 
ATOM   774  O  O   . GLY A 1 101 ? 7.358   -7.134  0.135   1.00 23.21 ? 101 GLY A O   1 
ATOM   775  N  N   . ALA A 1 102 ? 5.621   -5.958  -0.619  1.00 21.65 ? 102 ALA A N   1 
ATOM   776  C  CA  . ALA A 1 102 ? 6.103   -4.743  0.021   1.00 22.38 ? 102 ALA A CA  1 
ATOM   777  C  C   . ALA A 1 102 ? 6.335   -4.960  1.515   1.00 23.66 ? 102 ALA A C   1 
ATOM   778  O  O   . ALA A 1 102 ? 7.335   -4.503  2.073   1.00 23.21 ? 102 ALA A O   1 
ATOM   779  C  CB  . ALA A 1 102 ? 5.111   -3.595  -0.206  1.00 22.79 ? 102 ALA A CB  1 
ATOM   780  N  N   . VAL A 1 103 ? 5.430   -5.668  2.173   1.00 22.42 ? 103 VAL A N   1 
ATOM   781  C  CA  . VAL A 1 103 ? 5.595   -5.886  3.603   1.00 23.17 ? 103 VAL A CA  1 
ATOM   782  C  C   . VAL A 1 103 ? 6.825   -6.742  3.912   1.00 24.09 ? 103 VAL A C   1 
ATOM   783  O  O   . VAL A 1 103 ? 7.461   -6.553  4.946   1.00 22.25 ? 103 VAL A O   1 
ATOM   784  C  CB  . VAL A 1 103 ? 4.318   -6.502  4.239   1.00 24.25 ? 103 VAL A CB  1 
ATOM   785  C  CG1 . VAL A 1 103 ? 4.014   -7.845  3.618   1.00 30.91 ? 103 VAL A CG1 1 
ATOM   786  C  CG2 . VAL A 1 103 ? 4.503   -6.643  5.752   1.00 25.83 ? 103 VAL A CG2 1 
ATOM   787  N  N   . ASP A 1 104 ? 7.182   -7.665  3.021   1.00 24.39 ? 104 ASP A N   1 
ATOM   788  C  CA  . ASP A 1 104 ? 8.373   -8.487  3.261   1.00 24.36 ? 104 ASP A CA  1 
ATOM   789  C  C   . ASP A 1 104 ? 9.572   -7.543  3.373   1.00 24.85 ? 104 ASP A C   1 
ATOM   790  O  O   . ASP A 1 104 ? 10.488  -7.755  4.172   1.00 25.60 ? 104 ASP A O   1 
ATOM   791  C  CB  . ASP A 1 104 ? 8.609   -9.464  2.108   1.00 25.31 ? 104 ASP A CB  1 
ATOM   792  C  CG  . ASP A 1 104 ? 7.491   -10.474 1.956   1.00 23.13 ? 104 ASP A CG  1 
ATOM   793  O  OD1 . ASP A 1 104 ? 6.926   -10.912 2.985   1.00 25.46 ? 104 ASP A OD1 1 
ATOM   794  O  OD2 . ASP A 1 104 ? 7.190   -10.842 0.807   1.00 22.66 ? 104 ASP A OD2 1 
ATOM   795  N  N   . PHE A 1 105 ? 9.545   -6.489  2.564   1.00 24.27 ? 105 PHE A N   1 
ATOM   796  C  CA  . PHE A 1 105 ? 10.605  -5.494  2.557   1.00 24.36 ? 105 PHE A CA  1 
ATOM   797  C  C   . PHE A 1 105 ? 10.631  -4.782  3.903   1.00 24.85 ? 105 PHE A C   1 
ATOM   798  O  O   . PHE A 1 105 ? 11.689  -4.588  4.492   1.00 25.46 ? 105 PHE A O   1 
ATOM   799  C  CB  . PHE A 1 105 ? 10.358  -4.465  1.456   1.00 23.53 ? 105 PHE A CB  1 
ATOM   800  C  CG  . PHE A 1 105 ? 11.467  -3.465  1.307   1.00 24.98 ? 105 PHE A CG  1 
ATOM   801  C  CD1 . PHE A 1 105 ? 12.587  -3.759  0.530   1.00 24.73 ? 105 PHE A CD1 1 
ATOM   802  C  CD2 . PHE A 1 105 ? 11.392  -2.226  1.937   1.00 23.94 ? 105 PHE A CD2 1 
ATOM   803  C  CE1 . PHE A 1 105 ? 13.614  -2.831  0.380   1.00 25.19 ? 105 PHE A CE1 1 
ATOM   804  C  CE2 . PHE A 1 105 ? 12.420  -1.291  1.793   1.00 26.70 ? 105 PHE A CE2 1 
ATOM   805  C  CZ  . PHE A 1 105 ? 13.535  -1.596  1.009   1.00 25.71 ? 105 PHE A CZ  1 
ATOM   806  N  N   . LEU A 1 106 ? 9.454   -4.389  4.381   1.00 24.51 ? 106 LEU A N   1 
ATOM   807  C  CA  . LEU A 1 106 ? 9.356   -3.696  5.660   1.00 24.82 ? 106 LEU A CA  1 
ATOM   808  C  C   . LEU A 1 106 ? 9.898   -4.553  6.801   1.00 25.15 ? 106 LEU A C   1 
ATOM   809  O  O   . LEU A 1 106 ? 10.667  -4.077  7.634   1.00 24.46 ? 106 LEU A O   1 
ATOM   810  C  CB  . LEU A 1 106 ? 7.901   -3.313  5.940   1.00 22.03 ? 106 LEU A CB  1 
ATOM   811  C  CG  . LEU A 1 106 ? 7.284   -2.295  4.977   1.00 22.17 ? 106 LEU A CG  1 
ATOM   812  C  CD1 . LEU A 1 106 ? 5.943   -1.859  5.523   1.00 21.98 ? 106 LEU A CD1 1 
ATOM   813  C  CD2 . LEU A 1 106 ? 8.199   -1.077  4.815   1.00 18.42 ? 106 LEU A CD2 1 
ATOM   814  N  N   . ALA A 1 107 ? 9.493   -5.818  6.823   1.00 24.47 ? 107 ALA A N   1 
ATOM   815  C  CA  . ALA A 1 107 ? 9.927   -6.752  7.854   1.00 26.41 ? 107 ALA A CA  1 
ATOM   816  C  C   . ALA A 1 107 ? 11.442  -6.930  7.911   1.00 26.80 ? 107 ALA A C   1 
ATOM   817  O  O   . ALA A 1 107 ? 12.045  -6.863  8.992   1.00 26.08 ? 107 ALA A O   1 
ATOM   818  C  CB  . ALA A 1 107 ? 9.252   -8.122  7.634   1.00 23.94 ? 107 ALA A CB  1 
ATOM   819  N  N   . LYS A 1 108 ? 12.052  -7.151  6.749   1.00 26.80 ? 108 LYS A N   1 
ATOM   820  C  CA  . LYS A 1 108 ? 13.496  -7.381  6.662   1.00 29.12 ? 108 LYS A CA  1 
ATOM   821  C  C   . LYS A 1 108 ? 14.344  -6.174  7.040   1.00 30.29 ? 108 LYS A C   1 
ATOM   822  O  O   . LYS A 1 108 ? 15.479  -6.326  7.487   1.00 29.97 ? 108 LYS A O   1 
ATOM   823  C  CB  . LYS A 1 108 ? 13.880  -7.838  5.250   1.00 30.35 ? 108 LYS A CB  1 
ATOM   824  C  CG  . LYS A 1 108 ? 15.302  -8.378  5.162   1.00 32.13 ? 108 LYS A CG  1 
ATOM   825  C  CD  . LYS A 1 108 ? 15.618  -8.952  3.790   1.00 35.64 ? 108 LYS A CD  1 
ATOM   826  C  CE  . LYS A 1 108 ? 16.905  -9.765  3.840   1.00 37.05 ? 108 LYS A CE  1 
ATOM   827  N  NZ  . LYS A 1 108 ? 17.347  -10.220 2.493   1.00 40.16 ? 108 LYS A NZ  1 
ATOM   828  N  N   . ASN A 1 109 ? 13.797  -4.978  6.858   1.00 29.37 ? 109 ASN A N   1 
ATOM   829  C  CA  . ASN A 1 109 ? 14.538  -3.776  7.184   1.00 30.73 ? 109 ASN A CA  1 
ATOM   830  C  C   . ASN A 1 109 ? 14.106  -3.152  8.503   1.00 30.62 ? 109 ASN A C   1 
ATOM   831  O  O   . ASN A 1 109 ? 14.235  -1.946  8.701   1.00 30.89 ? 109 ASN A O   1 
ATOM   832  C  CB  . ASN A 1 109 ? 14.438  -2.767  6.034   1.00 29.91 ? 109 ASN A CB  1 
ATOM   833  C  CG  . ASN A 1 109 ? 15.028  -3.309  4.741   1.00 31.75 ? 109 ASN A CG  1 
ATOM   834  O  OD1 . ASN A 1 109 ? 14.424  -4.153  4.075   1.00 30.18 ? 109 ASN A OD1 1 
ATOM   835  N  ND2 . ASN A 1 109 ? 16.224  -2.843  4.394   1.00 30.19 ? 109 ASN A ND2 1 
ATOM   836  N  N   . GLY A 1 110 ? 13.604  -4.000  9.397   1.00 30.74 ? 110 GLY A N   1 
ATOM   837  C  CA  . GLY A 1 110 ? 13.187  -3.579  10.725  1.00 30.15 ? 110 GLY A CA  1 
ATOM   838  C  C   . GLY A 1 110 ? 12.131  -2.501  10.844  1.00 30.62 ? 110 GLY A C   1 
ATOM   839  O  O   . GLY A 1 110 ? 12.043  -1.838  11.877  1.00 33.67 ? 110 GLY A O   1 
ATOM   840  N  N   . LEU A 1 111 ? 11.314  -2.333  9.811   1.00 30.54 ? 111 LEU A N   1 
ATOM   841  C  CA  . LEU A 1 111 ? 10.276  -1.311  9.828   1.00 28.87 ? 111 LEU A CA  1 
ATOM   842  C  C   . LEU A 1 111 ? 8.932   -1.764  10.396  1.00 28.28 ? 111 LEU A C   1 
ATOM   843  O  O   . LEU A 1 111 ? 7.984   -0.977  10.446  1.00 28.34 ? 111 LEU A O   1 
ATOM   844  C  CB  . LEU A 1 111 ? 10.082  -0.748  8.419   1.00 26.93 ? 111 LEU A CB  1 
ATOM   845  C  CG  . LEU A 1 111 ? 11.265  0.096   7.926   1.00 29.14 ? 111 LEU A CG  1 
ATOM   846  C  CD1 . LEU A 1 111 ? 11.110  0.409   6.434   1.00 28.68 ? 111 LEU A CD1 1 
ATOM   847  C  CD2 . LEU A 1 111 ? 11.340  1.380   8.751   1.00 28.25 ? 111 LEU A CD2 1 
ATOM   848  N  N   . LEU A 1 112 ? 8.848   -3.020  10.829  1.00 27.43 ? 112 LEU A N   1 
ATOM   849  C  CA  . LEU A 1 112 ? 7.608   -3.550  11.401  1.00 28.32 ? 112 LEU A CA  1 
ATOM   850  C  C   . LEU A 1 112 ? 7.758   -3.817  12.889  1.00 29.71 ? 112 LEU A C   1 
ATOM   851  O  O   . LEU A 1 112 ? 6.848   -4.352  13.521  1.00 30.70 ? 112 LEU A O   1 
ATOM   852  C  CB  . LEU A 1 112 ? 7.231   -4.871  10.734  1.00 25.72 ? 112 LEU A CB  1 
ATOM   853  C  CG  . LEU A 1 112 ? 6.937   -4.891  9.242   1.00 23.66 ? 112 LEU A CG  1 
ATOM   854  C  CD1 . LEU A 1 112 ? 6.565   -6.315  8.832   1.00 23.38 ? 112 LEU A CD1 1 
ATOM   855  C  CD2 . LEU A 1 112 ? 5.809   -3.921  8.933   1.00 23.82 ? 112 LEU A CD2 1 
ATOM   856  N  N   . ASN A 1 113 ? 8.903   -3.447  13.449  1.00 29.87 ? 113 ASN A N   1 
ATOM   857  C  CA  . ASN A 1 113 ? 9.168   -3.721  14.856  1.00 31.39 ? 113 ASN A CA  1 
ATOM   858  C  C   . ASN A 1 113 ? 8.388   -2.925  15.894  1.00 32.68 ? 113 ASN A C   1 
ATOM   859  O  O   . ASN A 1 113 ? 8.399   -3.286  17.068  1.00 34.59 ? 113 ASN A O   1 
ATOM   860  C  CB  . ASN A 1 113 ? 10.672  -3.602  15.130  1.00 31.21 ? 113 ASN A CB  1 
ATOM   861  C  CG  . ASN A 1 113 ? 11.482  -4.597  14.316  1.00 30.26 ? 113 ASN A CG  1 
ATOM   862  O  OD1 . ASN A 1 113 ? 10.963  -5.636  13.909  1.00 29.77 ? 113 ASN A OD1 1 
ATOM   863  N  ND2 . ASN A 1 113 ? 12.757  -4.294  14.090  1.00 26.22 ? 113 ASN A ND2 1 
ATOM   864  N  N   . ASN A 1 114 ? 7.694   -1.871  15.478  1.00 32.94 ? 114 ASN A N   1 
ATOM   865  C  CA  . ASN A 1 114 ? 6.943   -1.058  16.424  1.00 33.00 ? 114 ASN A CA  1 
ATOM   866  C  C   . ASN A 1 114 ? 5.483   -0.841  16.066  1.00 32.34 ? 114 ASN A C   1 
ATOM   867  O  O   . ASN A 1 114 ? 4.845   0.088   16.560  1.00 33.02 ? 114 ASN A O   1 
ATOM   868  C  CB  . ASN A 1 114 ? 7.630   0.292   16.587  1.00 34.49 ? 114 ASN A CB  1 
ATOM   869  C  CG  . ASN A 1 114 ? 8.995   0.160   17.206  1.00 36.59 ? 114 ASN A CG  1 
ATOM   870  O  OD1 . ASN A 1 114 ? 9.128   -0.309  18.337  1.00 37.94 ? 114 ASN A OD1 1 
ATOM   871  N  ND2 . ASN A 1 114 ? 10.025  0.558   16.465  1.00 37.95 ? 114 ASN A ND2 1 
ATOM   872  N  N   . HIS A 1 115 ? 4.951   -1.702  15.215  1.00 29.87 ? 115 HIS A N   1 
ATOM   873  C  CA  . HIS A 1 115 ? 3.564   -1.588  14.798  1.00 28.70 ? 115 HIS A CA  1 
ATOM   874  C  C   . HIS A 1 115 ? 2.947   -2.967  14.700  1.00 28.26 ? 115 HIS A C   1 
ATOM   875  O  O   . HIS A 1 115 ? 3.642   -3.944  14.412  1.00 29.70 ? 115 HIS A O   1 
ATOM   876  C  CB  . HIS A 1 115 ? 3.473   -0.933  13.416  1.00 26.43 ? 115 HIS A CB  1 
ATOM   877  C  CG  . HIS A 1 115 ? 3.879   0.507   13.389  1.00 26.40 ? 115 HIS A CG  1 
ATOM   878  N  ND1 . HIS A 1 115 ? 2.968   1.535   13.265  1.00 26.07 ? 115 HIS A ND1 1 
ATOM   879  C  CD2 . HIS A 1 115 ? 5.098   1.092   13.440  1.00 24.53 ? 115 HIS A CD2 1 
ATOM   880  C  CE1 . HIS A 1 115 ? 3.610   2.688   13.238  1.00 24.00 ? 115 HIS A CE1 1 
ATOM   881  N  NE2 . HIS A 1 115 ? 4.903   2.447   13.341  1.00 25.72 ? 115 HIS A NE2 1 
ATOM   882  N  N   . SER A 1 116 ? 1.648   -3.062  14.953  1.00 26.35 ? 116 SER A N   1 
ATOM   883  C  CA  . SER A 1 116 ? 0.981   -4.344  14.788  1.00 26.66 ? 116 SER A CA  1 
ATOM   884  C  C   . SER A 1 116 ? 0.908   -4.457  13.272  1.00 25.27 ? 116 SER A C   1 
ATOM   885  O  O   . SER A 1 116 ? 0.905   -3.443  12.573  1.00 25.24 ? 116 SER A O   1 
ATOM   886  C  CB  . SER A 1 116 ? -0.421  -4.328  15.396  1.00 27.55 ? 116 SER A CB  1 
ATOM   887  O  OG  . SER A 1 116 ? -0.331  -4.325  16.809  1.00 32.15 ? 116 SER A OG  1 
ATOM   888  N  N   . HIS A 1 117 ? 0.831   -5.673  12.756  1.00 25.15 ? 117 HIS A N   1 
ATOM   889  C  CA  . HIS A 1 117 ? 0.834   -5.847  11.312  1.00 24.81 ? 117 HIS A CA  1 
ATOM   890  C  C   . HIS A 1 117 ? 0.462   -7.256  10.897  1.00 24.51 ? 117 HIS A C   1 
ATOM   891  O  O   . HIS A 1 117 ? 0.231   -8.137  11.719  1.00 24.39 ? 117 HIS A O   1 
ATOM   892  C  CB  . HIS A 1 117 ? 2.242   -5.578  10.789  1.00 23.41 ? 117 HIS A CB  1 
ATOM   893  C  CG  . HIS A 1 117 ? 3.282   -6.452  11.428  1.00 24.69 ? 117 HIS A CG  1 
ATOM   894  N  ND1 . HIS A 1 117 ? 3.732   -6.252  12.717  1.00 26.07 ? 117 HIS A ND1 1 
ATOM   895  C  CD2 . HIS A 1 117 ? 3.883   -7.587  10.993  1.00 24.12 ? 117 HIS A CD2 1 
ATOM   896  C  CE1 . HIS A 1 117 ? 4.556   -7.230  13.052  1.00 24.21 ? 117 HIS A CE1 1 
ATOM   897  N  NE2 . HIS A 1 117 ? 4.664   -8.054  12.024  1.00 24.09 ? 117 HIS A NE2 1 
ATOM   898  N  N   . THR A 1 118 ? 0.430   -7.446  9.587   1.00 24.40 ? 118 THR A N   1 
ATOM   899  C  CA  . THR A 1 118 ? 0.150   -8.729  8.992   1.00 23.19 ? 118 THR A CA  1 
ATOM   900  C  C   . THR A 1 118 ? 0.942   -8.693  7.699   1.00 23.52 ? 118 THR A C   1 
ATOM   901  O  O   . THR A 1 118 ? 1.578   -7.687  7.381   1.00 23.18 ? 118 THR A O   1 
ATOM   902  C  CB  . THR A 1 118 ? -1.349  -8.924  8.705   1.00 20.90 ? 118 THR A CB  1 
ATOM   903  O  OG1 . THR A 1 118 ? -1.569  -10.271 8.281   1.00 20.65 ? 118 THR A OG1 1 
ATOM   904  C  CG2 . THR A 1 118 ? -1.831  -7.975  7.622   1.00 20.05 ? 118 THR A CG2 1 
ATOM   905  N  N   . GLY A 1 119 ? 0.916   -9.797  6.970   1.00 24.19 ? 119 GLY A N   1 
ATOM   906  C  CA  . GLY A 1 119 ? 1.640   -9.879  5.718   1.00 23.62 ? 119 GLY A CA  1 
ATOM   907  C  C   . GLY A 1 119 ? 1.201   -11.150 5.043   1.00 22.74 ? 119 GLY A C   1 
ATOM   908  O  O   . GLY A 1 119 ? 0.214   -11.745 5.452   1.00 21.74 ? 119 GLY A O   1 
ATOM   909  N  N   . ASN A 1 120 ? 1.921   -11.572 4.011   1.00 25.14 ? 120 ASN A N   1 
ATOM   910  C  CA  . ASN A 1 120 ? 1.562   -12.794 3.311   1.00 26.65 ? 120 ASN A CA  1 
ATOM   911  C  C   . ASN A 1 120 ? 1.760   -14.025 4.207   1.00 27.15 ? 120 ASN A C   1 
ATOM   912  O  O   . ASN A 1 120 ? 0.800   -14.730 4.506   1.00 26.58 ? 120 ASN A O   1 
ATOM   913  C  CB  . ASN A 1 120 ? 2.389   -12.930 2.022   1.00 27.14 ? 120 ASN A CB  1 
ATOM   914  C  CG  . ASN A 1 120 ? 1.902   -12.009 0.899   1.00 27.96 ? 120 ASN A CG  1 
ATOM   915  O  OD1 . ASN A 1 120 ? 2.660   -11.666 -0.013  1.00 28.56 ? 120 ASN A OD1 1 
ATOM   916  N  ND2 . ASN A 1 120 ? 0.631   -11.628 0.951   1.00 25.52 ? 120 ASN A ND2 1 
ATOM   917  N  N   . PHE A 1 121 ? 2.996   -14.269 4.641   1.00 28.34 ? 121 PHE A N   1 
ATOM   918  C  CA  . PHE A 1 121 ? 3.319   -15.429 5.481   1.00 29.64 ? 121 PHE A CA  1 
ATOM   919  C  C   . PHE A 1 121 ? 4.465   -15.074 6.428   1.00 29.93 ? 121 PHE A C   1 
ATOM   920  O  O   . PHE A 1 121 ? 5.595   -14.815 5.978   1.00 29.08 ? 121 PHE A O   1 
ATOM   921  C  CB  . PHE A 1 121 ? 3.751   -16.610 4.607   1.00 32.94 ? 121 PHE A CB  1 
ATOM   922  C  CG  . PHE A 1 121 ? 2.796   -16.922 3.491   1.00 37.69 ? 121 PHE A CG  1 
ATOM   923  C  CD1 . PHE A 1 121 ? 1.582   -17.552 3.748   1.00 39.78 ? 121 PHE A CD1 1 
ATOM   924  C  CD2 . PHE A 1 121 ? 3.094   -16.545 2.179   1.00 39.85 ? 121 PHE A CD2 1 
ATOM   925  C  CE1 . PHE A 1 121 ? 0.671   -17.800 2.711   1.00 40.56 ? 121 PHE A CE1 1 
ATOM   926  C  CE2 . PHE A 1 121 ? 2.194   -16.788 1.134   1.00 38.30 ? 121 PHE A CE2 1 
ATOM   927  C  CZ  . PHE A 1 121 ? 0.982   -17.414 1.398   1.00 41.32 ? 121 PHE A CZ  1 
ATOM   928  N  N   . VAL A 1 122 ? 4.195   -15.076 7.730   1.00 26.20 ? 122 VAL A N   1 
ATOM   929  C  CA  . VAL A 1 122 ? 5.231   -14.718 8.681   1.00 25.52 ? 122 VAL A CA  1 
ATOM   930  C  C   . VAL A 1 122 ? 6.439   -15.660 8.697   1.00 27.00 ? 122 VAL A C   1 
ATOM   931  O  O   . VAL A 1 122 ? 7.553   -15.222 8.984   1.00 24.30 ? 122 VAL A O   1 
ATOM   932  C  CB  . VAL A 1 122 ? 4.658   -14.574 10.121  1.00 26.08 ? 122 VAL A CB  1 
ATOM   933  C  CG1 . VAL A 1 122 ? 4.293   -15.944 10.690  1.00 27.34 ? 122 VAL A CG1 1 
ATOM   934  C  CG2 . VAL A 1 122 ? 5.677   -13.848 11.019  1.00 25.60 ? 122 VAL A CG2 1 
ATOM   935  N  N   . TYR A 1 123 ? 6.240   -16.934 8.369   1.00 28.28 ? 123 TYR A N   1 
ATOM   936  C  CA  . TYR A 1 123 ? 7.361   -17.875 8.373   1.00 30.76 ? 123 TYR A CA  1 
ATOM   937  C  C   . TYR A 1 123 ? 8.494   -17.481 7.441   1.00 31.44 ? 123 TYR A C   1 
ATOM   938  O  O   . TYR A 1 123 ? 9.640   -17.892 7.635   1.00 32.66 ? 123 TYR A O   1 
ATOM   939  C  CB  . TYR A 1 123 ? 6.899   -19.301 8.036   1.00 34.63 ? 123 TYR A CB  1 
ATOM   940  C  CG  . TYR A 1 123 ? 6.354   -20.039 9.248   1.00 40.54 ? 123 TYR A CG  1 
ATOM   941  C  CD1 . TYR A 1 123 ? 4.989   -20.043 9.534   1.00 41.32 ? 123 TYR A CD1 1 
ATOM   942  C  CD2 . TYR A 1 123 ? 7.217   -20.654 10.157  1.00 40.85 ? 123 TYR A CD2 1 
ATOM   943  C  CE1 . TYR A 1 123 ? 4.494   -20.631 10.699  1.00 42.76 ? 123 TYR A CE1 1 
ATOM   944  C  CE2 . TYR A 1 123 ? 6.734   -21.244 11.331  1.00 42.36 ? 123 TYR A CE2 1 
ATOM   945  C  CZ  . TYR A 1 123 ? 5.371   -21.225 11.595  1.00 43.62 ? 123 TYR A CZ  1 
ATOM   946  O  OH  . TYR A 1 123 ? 4.881   -21.779 12.760  1.00 45.65 ? 123 TYR A OH  1 
ATOM   947  N  N   . LEU A 1 124 ? 8.181   -16.677 6.434   1.00 29.30 ? 124 LEU A N   1 
ATOM   948  C  CA  . LEU A 1 124 ? 9.192   -16.245 5.484   1.00 28.90 ? 124 LEU A CA  1 
ATOM   949  C  C   . LEU A 1 124 ? 10.164  -15.274 6.134   1.00 28.93 ? 124 LEU A C   1 
ATOM   950  O  O   . LEU A 1 124 ? 11.266  -15.077 5.628   1.00 28.05 ? 124 LEU A O   1 
ATOM   951  C  CB  . LEU A 1 124 ? 8.536   -15.580 4.270   1.00 28.52 ? 124 LEU A CB  1 
ATOM   952  C  CG  . LEU A 1 124 ? 9.446   -15.060 3.152   1.00 31.82 ? 124 LEU A CG  1 
ATOM   953  C  CD1 . LEU A 1 124 ? 10.017  -16.226 2.363   1.00 30.70 ? 124 LEU A CD1 1 
ATOM   954  C  CD2 . LEU A 1 124 ? 8.651   -14.145 2.225   1.00 31.28 ? 124 LEU A CD2 1 
ATOM   955  N  N   . TRP A 1 125 ? 9.767   -14.677 7.257   1.00 27.58 ? 125 TRP A N   1 
ATOM   956  C  CA  . TRP A 1 125 ? 10.630  -13.707 7.932   1.00 27.97 ? 125 TRP A CA  1 
ATOM   957  C  C   . TRP A 1 125 ? 11.384  -14.266 9.127   1.00 28.41 ? 125 TRP A C   1 
ATOM   958  O  O   . TRP A 1 125 ? 12.186  -13.557 9.734   1.00 28.26 ? 125 TRP A O   1 
ATOM   959  C  CB  . TRP A 1 125 ? 9.826   -12.498 8.432   1.00 24.83 ? 125 TRP A CB  1 
ATOM   960  C  CG  . TRP A 1 125 ? 8.834   -11.944 7.474   1.00 24.99 ? 125 TRP A CG  1 
ATOM   961  C  CD1 . TRP A 1 125 ? 8.851   -12.048 6.112   1.00 23.77 ? 125 TRP A CD1 1 
ATOM   962  C  CD2 . TRP A 1 125 ? 7.669   -11.187 7.805   1.00 22.69 ? 125 TRP A CD2 1 
ATOM   963  N  NE1 . TRP A 1 125 ? 7.765   -11.407 5.580   1.00 23.98 ? 125 TRP A NE1 1 
ATOM   964  C  CE2 . TRP A 1 125 ? 7.021   -10.869 6.598   1.00 23.00 ? 125 TRP A CE2 1 
ATOM   965  C  CE3 . TRP A 1 125 ? 7.107   -10.747 9.012   1.00 21.28 ? 125 TRP A CE3 1 
ATOM   966  C  CZ2 . TRP A 1 125 ? 5.828   -10.129 6.556   1.00 21.83 ? 125 TRP A CZ2 1 
ATOM   967  C  CZ3 . TRP A 1 125 ? 5.926   -10.015 8.974   1.00 19.19 ? 125 TRP A CZ3 1 
ATOM   968  C  CH2 . TRP A 1 125 ? 5.301   -9.715  7.753   1.00 20.10 ? 125 TRP A CH2 1 
ATOM   969  N  N   . LYS A 1 126 ? 11.128  -15.527 9.462   1.00 29.19 ? 126 LYS A N   1 
ATOM   970  C  CA  . LYS A 1 126 ? 11.755  -16.160 10.622  1.00 30.68 ? 126 LYS A CA  1 
ATOM   971  C  C   . LYS A 1 126 ? 13.259  -15.948 10.797  1.00 32.22 ? 126 LYS A C   1 
ATOM   972  O  O   . LYS A 1 126 ? 13.757  -15.939 11.929  1.00 32.52 ? 126 LYS A O   1 
ATOM   973  C  CB  . LYS A 1 126 ? 11.462  -17.662 10.619  1.00 31.18 ? 126 LYS A CB  1 
ATOM   974  C  CG  . LYS A 1 126 ? 12.219  -18.440 9.565   1.00 31.85 ? 126 LYS A CG  1 
ATOM   975  C  CD  . LYS A 1 126 ? 11.679  -19.857 9.440   1.00 32.20 ? 126 LYS A CD  1 
ATOM   976  C  CE  . LYS A 1 126 ? 12.550  -20.673 8.510   1.00 31.98 ? 126 LYS A CE  1 
ATOM   977  N  NZ  . LYS A 1 126 ? 13.949  -20.712 9.028   1.00 31.81 ? 126 LYS A NZ  1 
ATOM   978  N  N   . ASP A 1 127 ? 13.991  -15.775 9.702   1.00 32.39 ? 127 ASP A N   1 
ATOM   979  C  CA  . ASP A 1 127 ? 15.433  -15.587 9.822   1.00 33.77 ? 127 ASP A CA  1 
ATOM   980  C  C   . ASP A 1 127 ? 15.908  -14.166 9.533   1.00 34.55 ? 127 ASP A C   1 
ATOM   981  O  O   . ASP A 1 127 ? 17.108  -13.905 9.448   1.00 33.71 ? 127 ASP A O   1 
ATOM   982  C  CB  . ASP A 1 127 ? 16.166  -16.596 8.936   1.00 34.54 ? 127 ASP A CB  1 
ATOM   983  C  CG  . ASP A 1 127 ? 15.914  -18.040 9.368   1.00 36.60 ? 127 ASP A CG  1 
ATOM   984  O  OD1 . ASP A 1 127 ? 16.065  -18.347 10.570  1.00 37.23 ? 127 ASP A OD1 1 
ATOM   985  O  OD2 . ASP A 1 127 ? 15.566  -18.866 8.502   1.00 35.06 ? 127 ASP A OD2 1 
ATOM   986  N  N   . TYR A 1 128 ? 14.955  -13.252 9.387   1.00 34.88 ? 128 TYR A N   1 
ATOM   987  C  CA  . TYR A 1 128 ? 15.265  -11.853 9.150   1.00 34.14 ? 128 TYR A CA  1 
ATOM   988  C  C   . TYR A 1 128 ? 15.886  -11.318 10.435  1.00 34.81 ? 128 TYR A C   1 
ATOM   989  O  O   . TYR A 1 128 ? 15.219  -11.245 11.468  1.00 32.52 ? 128 TYR A O   1 
ATOM   990  C  CB  . TYR A 1 128 ? 13.986  -11.071 8.856   1.00 32.96 ? 128 TYR A CB  1 
ATOM   991  C  CG  . TYR A 1 128 ? 13.428  -11.230 7.459   1.00 30.42 ? 128 TYR A CG  1 
ATOM   992  C  CD1 . TYR A 1 128 ? 14.001  -12.106 6.544   1.00 29.52 ? 128 TYR A CD1 1 
ATOM   993  C  CD2 . TYR A 1 128 ? 12.312  -10.495 7.058   1.00 29.66 ? 128 TYR A CD2 1 
ATOM   994  C  CE1 . TYR A 1 128 ? 13.474  -12.250 5.258   1.00 30.08 ? 128 TYR A CE1 1 
ATOM   995  C  CE2 . TYR A 1 128 ? 11.778  -10.627 5.780   1.00 29.41 ? 128 TYR A CE2 1 
ATOM   996  C  CZ  . TYR A 1 128 ? 12.361  -11.509 4.887   1.00 28.10 ? 128 TYR A CZ  1 
ATOM   997  O  OH  . TYR A 1 128 ? 11.821  -11.648 3.637   1.00 26.01 ? 128 TYR A OH  1 
ATOM   998  N  N   . LYS A 1 129 ? 17.156  -10.941 10.384  1.00 36.26 ? 129 LYS A N   1 
ATOM   999  C  CA  . LYS A 1 129 ? 17.806  -10.426 11.582  1.00 37.35 ? 129 LYS A CA  1 
ATOM   1000 C  C   . LYS A 1 129 ? 17.181  -9.120  12.079  1.00 37.66 ? 129 LYS A C   1 
ATOM   1001 O  O   . LYS A 1 129 ? 17.350  -8.758  13.241  1.00 36.94 ? 129 LYS A O   1 
ATOM   1002 C  CB  . LYS A 1 129 ? 19.297  -10.216 11.328  1.00 38.90 ? 129 LYS A CB  1 
ATOM   1003 C  CG  . LYS A 1 129 ? 19.599  -9.312  10.157  1.00 41.37 ? 129 LYS A CG  1 
ATOM   1004 C  CD  . LYS A 1 129 ? 21.089  -9.057  10.014  1.00 44.59 ? 129 LYS A CD  1 
ATOM   1005 C  CE  . LYS A 1 129 ? 21.639  -8.280  11.199  1.00 44.67 ? 129 LYS A CE  1 
ATOM   1006 N  NZ  . LYS A 1 129 ? 23.044  -7.863  10.956  1.00 46.79 ? 129 LYS A NZ  1 
ATOM   1007 N  N   . GLN A 1 130 ? 16.459  -8.417  11.206  1.00 36.84 ? 130 GLN A N   1 
ATOM   1008 C  CA  . GLN A 1 130 ? 15.835  -7.152  11.595  1.00 35.81 ? 130 GLN A CA  1 
ATOM   1009 C  C   . GLN A 1 130 ? 14.346  -7.241  11.927  1.00 35.72 ? 130 GLN A C   1 
ATOM   1010 O  O   . GLN A 1 130 ? 13.705  -6.228  12.215  1.00 36.93 ? 130 GLN A O   1 
ATOM   1011 C  CB  . GLN A 1 130 ? 16.057  -6.093  10.514  1.00 37.12 ? 130 GLN A CB  1 
ATOM   1012 C  CG  . GLN A 1 130 ? 17.481  -5.547  10.486  1.00 37.61 ? 130 GLN A CG  1 
ATOM   1013 C  CD  . GLN A 1 130 ? 17.628  -4.339  9.585   1.00 36.85 ? 130 GLN A CD  1 
ATOM   1014 O  OE1 . GLN A 1 130 ? 17.993  -4.458  8.417   1.00 39.21 ? 130 GLN A OE1 1 
ATOM   1015 N  NE2 . GLN A 1 130 ? 17.334  -3.163  10.126  1.00 39.56 ? 130 GLN A NE2 1 
ATOM   1016 N  N   . TYR A 1 131 ? 13.789  -8.445  11.888  1.00 33.64 ? 131 TYR A N   1 
ATOM   1017 C  CA  . TYR A 1 131 ? 12.382  -8.610  12.221  1.00 34.11 ? 131 TYR A CA  1 
ATOM   1018 C  C   . TYR A 1 131 ? 12.268  -8.990  13.684  1.00 34.96 ? 131 TYR A C   1 
ATOM   1019 O  O   . TYR A 1 131 ? 12.206  -10.168 14.031  1.00 34.77 ? 131 TYR A O   1 
ATOM   1020 C  CB  . TYR A 1 131 ? 11.726  -9.698  11.369  1.00 30.83 ? 131 TYR A CB  1 
ATOM   1021 C  CG  . TYR A 1 131 ? 10.261  -9.886  11.695  1.00 29.19 ? 131 TYR A CG  1 
ATOM   1022 C  CD1 . TYR A 1 131 ? 9.356   -8.828  11.560  1.00 26.95 ? 131 TYR A CD1 1 
ATOM   1023 C  CD2 . TYR A 1 131 ? 9.776   -11.112 12.149  1.00 27.00 ? 131 TYR A CD2 1 
ATOM   1024 C  CE1 . TYR A 1 131 ? 8.009   -8.987  11.867  1.00 26.21 ? 131 TYR A CE1 1 
ATOM   1025 C  CE2 . TYR A 1 131 ? 8.421   -11.278 12.461  1.00 27.08 ? 131 TYR A CE2 1 
ATOM   1026 C  CZ  . TYR A 1 131 ? 7.547   -10.212 12.315  1.00 25.74 ? 131 TYR A CZ  1 
ATOM   1027 O  OH  . TYR A 1 131 ? 6.209   -10.375 12.596  1.00 25.04 ? 131 TYR A OH  1 
ATOM   1028 N  N   . LYS A 1 132 ? 12.261  -7.982  14.542  1.00 36.47 ? 132 LYS A N   1 
ATOM   1029 C  CA  . LYS A 1 132 ? 12.139  -8.194  15.978  1.00 37.87 ? 132 LYS A CA  1 
ATOM   1030 C  C   . LYS A 1 132 ? 11.005  -7.309  16.456  1.00 36.31 ? 132 LYS A C   1 
ATOM   1031 O  O   . LYS A 1 132 ? 11.226  -6.290  17.098  1.00 37.03 ? 132 LYS A O   1 
ATOM   1032 C  CB  . LYS A 1 132 ? 13.447  -7.822  16.679  1.00 40.20 ? 132 LYS A CB  1 
ATOM   1033 C  CG  . LYS A 1 132 ? 14.177  -9.013  17.286  1.00 44.75 ? 132 LYS A CG  1 
ATOM   1034 C  CD  . LYS A 1 132 ? 14.610  -10.005 16.228  1.00 47.68 ? 132 LYS A CD  1 
ATOM   1035 C  CE  . LYS A 1 132 ? 15.791  -9.470  15.455  1.00 50.85 ? 132 LYS A CE  1 
ATOM   1036 N  NZ  . LYS A 1 132 ? 16.973  -9.263  16.350  1.00 54.46 ? 132 LYS A NZ  1 
ATOM   1037 N  N   . PRO A 1 133 ? 9.762   -7.706  16.157  1.00 35.97 ? 133 PRO A N   1 
ATOM   1038 C  CA  . PRO A 1 133 ? 8.567   -6.955  16.536  1.00 35.39 ? 133 PRO A CA  1 
ATOM   1039 C  C   . PRO A 1 133 ? 8.245   -6.920  18.024  1.00 36.40 ? 133 PRO A C   1 
ATOM   1040 O  O   . PRO A 1 133 ? 8.525   -7.864  18.759  1.00 36.21 ? 133 PRO A O   1 
ATOM   1041 C  CB  . PRO A 1 133 ? 7.478   -7.653  15.744  1.00 33.48 ? 133 PRO A CB  1 
ATOM   1042 C  CG  . PRO A 1 133 ? 7.897   -9.073  15.861  1.00 34.06 ? 133 PRO A CG  1 
ATOM   1043 C  CD  . PRO A 1 133 ? 9.382   -9.001  15.561  1.00 35.06 ? 133 PRO A CD  1 
ATOM   1044 N  N   . ILE A 1 134 ? 7.667   -5.806  18.459  1.00 38.45 ? 134 ILE A N   1 
ATOM   1045 C  CA  . ILE A 1 134 ? 7.244   -5.660  19.842  1.00 39.61 ? 134 ILE A CA  1 
ATOM   1046 C  C   . ILE A 1 134 ? 5.799   -6.144  19.786  1.00 39.44 ? 134 ILE A C   1 
ATOM   1047 O  O   . ILE A 1 134 ? 5.290   -6.759  20.722  1.00 39.87 ? 134 ILE A O   1 
ATOM   1048 C  CB  . ILE A 1 134 ? 7.279   -4.177  20.302  1.00 40.22 ? 134 ILE A CB  1 
ATOM   1049 C  CG1 . ILE A 1 134 ? 6.377   -3.331  19.403  1.00 41.60 ? 134 ILE A CG1 1 
ATOM   1050 C  CG2 . ILE A 1 134 ? 8.705   -3.648  20.256  1.00 41.22 ? 134 ILE A CG2 1 
ATOM   1051 C  CD1 . ILE A 1 134 ? 6.217   -1.891  19.860  1.00 44.49 ? 134 ILE A CD1 1 
ATOM   1052 N  N   . SER A 1 135 ? 5.161   -5.875  18.649  1.00 39.61 ? 135 SER A N   1 
ATOM   1053 C  CA  . SER A 1 135 ? 3.779   -6.264  18.397  1.00 40.79 ? 135 SER A CA  1 
ATOM   1054 C  C   . SER A 1 135 ? 3.775   -7.501  17.498  1.00 41.69 ? 135 SER A C   1 
ATOM   1055 O  O   . SER A 1 135 ? 4.445   -7.529  16.462  1.00 43.06 ? 135 SER A O   1 
ATOM   1056 C  CB  . SER A 1 135 ? 3.038   -5.119  17.708  1.00 39.98 ? 135 SER A CB  1 
ATOM   1057 O  OG  . SER A 1 135 ? 3.287   -3.886  18.370  1.00 42.18 ? 135 SER A OG  1 
ATOM   1058 N  N   . SER A 1 136 ? 3.012   -8.517  17.885  1.00 40.79 ? 136 SER A N   1 
ATOM   1059 C  CA  . SER A 1 136 ? 2.952   -9.763  17.123  1.00 39.21 ? 136 SER A CA  1 
ATOM   1060 C  C   . SER A 1 136 ? 2.245   -9.668  15.764  1.00 36.80 ? 136 SER A C   1 
ATOM   1061 O  O   . SER A 1 136 ? 1.467   -8.746  15.509  1.00 35.12 ? 136 SER A O   1 
ATOM   1062 C  CB  . SER A 1 136 ? 2.288   -10.847 17.979  1.00 40.60 ? 136 SER A CB  1 
ATOM   1063 O  OG  . SER A 1 136 ? 2.303   -12.103 17.325  1.00 44.19 ? 136 SER A OG  1 
ATOM   1064 N  N   . PHE A 1 137 ? 2.539   -10.640 14.901  1.00 34.43 ? 137 PHE A N   1 
ATOM   1065 C  CA  . PHE A 1 137 ? 1.959   -10.744 13.556  1.00 32.11 ? 137 PHE A CA  1 
ATOM   1066 C  C   . PHE A 1 137 ? 0.479   -11.122 13.684  1.00 30.08 ? 137 PHE A C   1 
ATOM   1067 O  O   . PHE A 1 137 ? 0.141   -12.059 14.391  1.00 31.44 ? 137 PHE A O   1 
ATOM   1068 C  CB  . PHE A 1 137 ? 2.709   -11.839 12.777  1.00 29.95 ? 137 PHE A CB  1 
ATOM   1069 C  CG  . PHE A 1 137 ? 2.242   -12.031 11.359  1.00 26.46 ? 137 PHE A CG  1 
ATOM   1070 C  CD1 . PHE A 1 137 ? 2.884   -11.386 10.308  1.00 27.54 ? 137 PHE A CD1 1 
ATOM   1071 C  CD2 . PHE A 1 137 ? 1.181   -12.882 11.072  1.00 25.70 ? 137 PHE A CD2 1 
ATOM   1072 C  CE1 . PHE A 1 137 ? 2.473   -11.590 8.987   1.00 26.18 ? 137 PHE A CE1 1 
ATOM   1073 C  CE2 . PHE A 1 137 ? 0.761   -13.093 9.755   1.00 26.56 ? 137 PHE A CE2 1 
ATOM   1074 C  CZ  . PHE A 1 137 ? 1.405   -12.449 8.713   1.00 27.26 ? 137 PHE A CZ  1 
ATOM   1075 N  N   . VAL A 1 138 ? -0.405  -10.400 13.008  1.00 28.12 ? 138 VAL A N   1 
ATOM   1076 C  CA  . VAL A 1 138 ? -1.829  -10.710 13.087  1.00 26.51 ? 138 VAL A CA  1 
ATOM   1077 C  C   . VAL A 1 138 ? -2.308  -11.452 11.846  1.00 25.32 ? 138 VAL A C   1 
ATOM   1078 O  O   . VAL A 1 138 ? -2.046  -11.032 10.722  1.00 24.24 ? 138 VAL A O   1 
ATOM   1079 C  CB  . VAL A 1 138 ? -2.683  -9.430  13.256  1.00 25.20 ? 138 VAL A CB  1 
ATOM   1080 C  CG1 . VAL A 1 138 ? -4.155  -9.780  13.240  1.00 23.88 ? 138 VAL A CG1 1 
ATOM   1081 C  CG2 . VAL A 1 138 ? -2.327  -8.739  14.553  1.00 25.62 ? 138 VAL A CG2 1 
ATOM   1082 N  N   . GLU A 1 139 ? -3.017  -12.556 12.055  1.00 24.62 ? 139 GLU A N   1 
ATOM   1083 C  CA  . GLU A 1 139 ? -3.535  -13.349 10.941  1.00 24.09 ? 139 GLU A CA  1 
ATOM   1084 C  C   . GLU A 1 139 ? -4.900  -12.858 10.459  1.00 25.01 ? 139 GLU A C   1 
ATOM   1085 O  O   . GLU A 1 139 ? -5.935  -13.446 10.781  1.00 23.74 ? 139 GLU A O   1 
ATOM   1086 C  CB  . GLU A 1 139 ? -3.628  -14.826 11.334  1.00 23.62 ? 139 GLU A CB  1 
ATOM   1087 C  CG  . GLU A 1 139 ? -2.308  -15.412 11.816  1.00 27.00 ? 139 GLU A CG  1 
ATOM   1088 C  CD  . GLU A 1 139 ? -2.398  -16.897 12.129  1.00 30.42 ? 139 GLU A CD  1 
ATOM   1089 O  OE1 . GLU A 1 139 ? -3.180  -17.276 13.030  1.00 31.31 ? 139 GLU A OE1 1 
ATOM   1090 O  OE2 . GLU A 1 139 ? -1.682  -17.686 11.475  1.00 30.54 ? 139 GLU A OE2 1 
ATOM   1091 N  N   . LYS A 1 140 ? -4.884  -11.765 9.700   1.00 24.33 ? 140 LYS A N   1 
ATOM   1092 C  CA  . LYS A 1 140 ? -6.088  -11.189 9.112   1.00 24.93 ? 140 LYS A CA  1 
ATOM   1093 C  C   . LYS A 1 140 ? -5.698  -10.624 7.753   1.00 23.91 ? 140 LYS A C   1 
ATOM   1094 O  O   . LYS A 1 140 ? -4.513  -10.455 7.463   1.00 24.52 ? 140 LYS A O   1 
ATOM   1095 C  CB  . LYS A 1 140 ? -6.665  -10.065 9.977   1.00 26.17 ? 140 LYS A CB  1 
ATOM   1096 C  CG  . LYS A 1 140 ? -7.224  -10.522 11.314  1.00 30.11 ? 140 LYS A CG  1 
ATOM   1097 C  CD  . LYS A 1 140 ? -7.843  -9.352  12.068  1.00 32.03 ? 140 LYS A CD  1 
ATOM   1098 C  CE  . LYS A 1 140 ? -8.095  -9.698  13.531  1.00 35.17 ? 140 LYS A CE  1 
ATOM   1099 N  NZ  . LYS A 1 140 ? -8.948  -10.911 13.686  1.00 36.45 ? 140 LYS A NZ  1 
ATOM   1100 N  N   . GLN A 1 141 ? -6.697  -10.330 6.928   1.00 21.40 ? 141 GLN A N   1 
ATOM   1101 C  CA  . GLN A 1 141 ? -6.465  -9.792  5.595   1.00 20.91 ? 141 GLN A CA  1 
ATOM   1102 C  C   . GLN A 1 141 ? -5.635  -8.518  5.628   1.00 21.47 ? 141 GLN A C   1 
ATOM   1103 O  O   . GLN A 1 141 ? -4.678  -8.375  4.877   1.00 19.69 ? 141 GLN A O   1 
ATOM   1104 C  CB  . GLN A 1 141 ? -7.799  -9.506  4.906   1.00 18.32 ? 141 GLN A CB  1 
ATOM   1105 C  CG  . GLN A 1 141 ? -8.534  -10.735 4.411   1.00 18.54 ? 141 GLN A CG  1 
ATOM   1106 C  CD  . GLN A 1 141 ? -7.769  -11.449 3.311   1.00 20.73 ? 141 GLN A CD  1 
ATOM   1107 O  OE1 . GLN A 1 141 ? -6.900  -12.283 3.576   1.00 19.54 ? 141 GLN A OE1 1 
ATOM   1108 N  NE2 . GLN A 1 141 ? -8.072  -11.097 2.062   1.00 19.22 ? 141 GLN A NE2 1 
ATOM   1109 N  N   . ALA A 1 142 ? -6.016  -7.584  6.494   1.00 22.33 ? 142 ALA A N   1 
ATOM   1110 C  CA  . ALA A 1 142 ? -5.309  -6.315  6.595   1.00 21.86 ? 142 ALA A CA  1 
ATOM   1111 C  C   . ALA A 1 142 ? -5.353  -5.806  8.024   1.00 23.29 ? 142 ALA A C   1 
ATOM   1112 O  O   . ALA A 1 142 ? -6.274  -6.105  8.779   1.00 22.07 ? 142 ALA A O   1 
ATOM   1113 C  CB  . ALA A 1 142 ? -5.931  -5.301  5.656   1.00 19.54 ? 142 ALA A CB  1 
ATOM   1114 N  N   . VAL A 1 143 ? -4.345  -5.024  8.373   1.00 24.67 ? 143 VAL A N   1 
ATOM   1115 C  CA  . VAL A 1 143 ? -4.211  -4.476  9.699   1.00 26.54 ? 143 VAL A CA  1 
ATOM   1116 C  C   . VAL A 1 143 ? -3.771  -3.022  9.640   1.00 28.33 ? 143 VAL A C   1 
ATOM   1117 O  O   . VAL A 1 143 ? -3.001  -2.635  8.761   1.00 27.94 ? 143 VAL A O   1 
ATOM   1118 C  CB  . VAL A 1 143 ? -3.155  -5.283  10.497  1.00 26.41 ? 143 VAL A CB  1 
ATOM   1119 C  CG1 . VAL A 1 143 ? -2.715  -4.518  11.729  1.00 29.74 ? 143 VAL A CG1 1 
ATOM   1120 C  CG2 . VAL A 1 143 ? -3.729  -6.634  10.887  1.00 27.65 ? 143 VAL A CG2 1 
ATOM   1121 N  N   . ARG A 1 144 ? -4.286  -2.218  10.568  1.00 28.38 ? 144 ARG A N   1 
ATOM   1122 C  CA  . ARG A 1 144 ? -3.897  -0.821  10.665  1.00 28.07 ? 144 ARG A CA  1 
ATOM   1123 C  C   . ARG A 1 144 ? -3.466  -0.539  12.091  1.00 28.22 ? 144 ARG A C   1 
ATOM   1124 O  O   . ARG A 1 144 ? -4.120  -0.958  13.049  1.00 28.18 ? 144 ARG A O   1 
ATOM   1125 C  CB  . ARG A 1 144 ? -5.031  0.145   10.328  1.00 28.19 ? 144 ARG A CB  1 
ATOM   1126 C  CG  . ARG A 1 144 ? -4.561  1.598   10.505  1.00 28.18 ? 144 ARG A CG  1 
ATOM   1127 C  CD  . ARG A 1 144 ? -5.686  2.566   10.790  1.00 32.95 ? 144 ARG A CD  1 
ATOM   1128 N  NE  . ARG A 1 144 ? -5.178  3.870   11.215  1.00 32.08 ? 144 ARG A NE  1 
ATOM   1129 C  CZ  . ARG A 1 144 ? -5.947  4.931   11.432  1.00 32.80 ? 144 ARG A CZ  1 
ATOM   1130 N  NH1 . ARG A 1 144 ? -7.257  4.841   11.259  1.00 30.61 ? 144 ARG A NH1 1 
ATOM   1131 N  NH2 . ARG A 1 144 ? -5.410  6.081   11.832  1.00 32.77 ? 144 ARG A NH2 1 
ATOM   1132 N  N   . ASP A 1 145 ? -2.354  0.167   12.219  1.00 28.29 ? 145 ASP A N   1 
ATOM   1133 C  CA  . ASP A 1 145 ? -1.827  0.549   13.515  1.00 29.36 ? 145 ASP A CA  1 
ATOM   1134 C  C   . ASP A 1 145 ? -1.228  1.922   13.296  1.00 30.13 ? 145 ASP A C   1 
ATOM   1135 O  O   . ASP A 1 145 ? -0.162  2.056   12.698  1.00 28.18 ? 145 ASP A O   1 
ATOM   1136 C  CB  . ASP A 1 145 ? -0.749  -0.428  13.984  1.00 30.61 ? 145 ASP A CB  1 
ATOM   1137 C  CG  . ASP A 1 145 ? -0.293  -0.146  15.404  1.00 32.57 ? 145 ASP A CG  1 
ATOM   1138 O  OD1 . ASP A 1 145 ? -0.882  0.747   16.046  1.00 33.85 ? 145 ASP A OD1 1 
ATOM   1139 O  OD2 . ASP A 1 145 ? 0.646   -0.813  15.882  1.00 33.76 ? 145 ASP A OD2 1 
ATOM   1140 N  N   . LYS A 1 146 ? -1.943  2.942   13.756  1.00 30.15 ? 146 LYS A N   1 
ATOM   1141 C  CA  . LYS A 1 146 ? -1.499  4.314   13.595  1.00 30.53 ? 146 LYS A CA  1 
ATOM   1142 C  C   . LYS A 1 146 ? -1.337  4.651   12.121  1.00 29.61 ? 146 LYS A C   1 
ATOM   1143 O  O   . LYS A 1 146 ? -2.297  4.551   11.362  1.00 29.23 ? 146 LYS A O   1 
ATOM   1144 C  CB  . LYS A 1 146 ? -0.190  4.542   14.352  1.00 32.66 ? 146 LYS A CB  1 
ATOM   1145 C  CG  . LYS A 1 146 ? -0.372  4.590   15.859  1.00 36.87 ? 146 LYS A CG  1 
ATOM   1146 C  CD  . LYS A 1 146 ? 0.953   4.719   16.590  1.00 38.58 ? 146 LYS A CD  1 
ATOM   1147 C  CE  . LYS A 1 146 ? 1.738   3.420   16.560  1.00 39.71 ? 146 LYS A CE  1 
ATOM   1148 N  NZ  . LYS A 1 146 ? 1.004   2.341   17.271  1.00 42.72 ? 146 LYS A NZ  1 
ATOM   1149 N  N   . ASN A 1 147 ? -0.136  5.048   11.712  1.00 28.40 ? 147 ASN A N   1 
ATOM   1150 C  CA  . ASN A 1 147 ? 0.086   5.413   10.322  1.00 28.49 ? 147 ASN A CA  1 
ATOM   1151 C  C   . ASN A 1 147 ? 0.694   4.333   9.437   1.00 27.05 ? 147 ASN A C   1 
ATOM   1152 O  O   . ASN A 1 147 ? 1.381   4.633   8.459   1.00 25.56 ? 147 ASN A O   1 
ATOM   1153 C  CB  . ASN A 1 147 ? 0.921   6.697   10.219  1.00 29.74 ? 147 ASN A CB  1 
ATOM   1154 C  CG  . ASN A 1 147 ? 0.078   7.954   10.384  1.00 32.52 ? 147 ASN A CG  1 
ATOM   1155 O  OD1 . ASN A 1 147 ? -1.142  7.935   10.183  1.00 30.32 ? 147 ASN A OD1 1 
ATOM   1156 N  ND2 . ASN A 1 147 ? 0.729   9.060   10.739  1.00 33.14 ? 147 ASN A ND2 1 
ATOM   1157 N  N   . LEU A 1 148 ? 0.427   3.079   9.778   1.00 24.83 ? 148 LEU A N   1 
ATOM   1158 C  CA  . LEU A 1 148 ? 0.907   1.962   8.984   1.00 24.10 ? 148 LEU A CA  1 
ATOM   1159 C  C   . LEU A 1 148 ? -0.207  0.943   8.740   1.00 23.40 ? 148 LEU A C   1 
ATOM   1160 O  O   . LEU A 1 148 ? -0.800  0.429   9.683   1.00 23.50 ? 148 LEU A O   1 
ATOM   1161 C  CB  . LEU A 1 148 ? 2.080   1.265   9.677   1.00 24.59 ? 148 LEU A CB  1 
ATOM   1162 C  CG  . LEU A 1 148 ? 2.663   0.064   8.914   1.00 24.51 ? 148 LEU A CG  1 
ATOM   1163 C  CD1 . LEU A 1 148 ? 3.218   0.533   7.581   1.00 26.41 ? 148 LEU A CD1 1 
ATOM   1164 C  CD2 . LEU A 1 148 ? 3.748   -0.597  9.733   1.00 23.32 ? 148 LEU A CD2 1 
ATOM   1165 N  N   . VAL A 1 149 ? -0.507  0.687   7.469   1.00 21.77 ? 149 VAL A N   1 
ATOM   1166 C  CA  . VAL A 1 149 ? -1.498  -0.311  7.095   1.00 22.43 ? 149 VAL A CA  1 
ATOM   1167 C  C   . VAL A 1 149 ? -0.757  -1.397  6.314   1.00 23.45 ? 149 VAL A C   1 
ATOM   1168 O  O   . VAL A 1 149 ? -0.025  -1.097  5.362   1.00 20.26 ? 149 VAL A O   1 
ATOM   1169 C  CB  . VAL A 1 149 ? -2.604  0.264   6.183   1.00 24.34 ? 149 VAL A CB  1 
ATOM   1170 C  CG1 . VAL A 1 149 ? -3.456  -0.873  5.642   1.00 24.21 ? 149 VAL A CG1 1 
ATOM   1171 C  CG2 . VAL A 1 149 ? -3.492  1.231   6.959   1.00 25.53 ? 149 VAL A CG2 1 
ATOM   1172 N  N   . THR A 1 150 ? -0.930  -2.649  6.728   1.00 22.19 ? 150 THR A N   1 
ATOM   1173 C  CA  . THR A 1 150 ? -0.301  -3.772  6.042   1.00 22.23 ? 150 THR A CA  1 
ATOM   1174 C  C   . THR A 1 150 ? -1.400  -4.734  5.611   1.00 22.60 ? 150 THR A C   1 
ATOM   1175 O  O   . THR A 1 150 ? -2.515  -4.675  6.135   1.00 22.72 ? 150 THR A O   1 
ATOM   1176 C  CB  . THR A 1 150 ? 0.741   -4.511  6.939   1.00 20.91 ? 150 THR A CB  1 
ATOM   1177 O  OG1 . THR A 1 150 ? 0.162   -4.835  8.208   1.00 20.56 ? 150 THR A OG1 1 
ATOM   1178 C  CG2 . THR A 1 150 ? 1.958   -3.643  7.158   1.00 20.80 ? 150 THR A CG2 1 
ATOM   1179 N  N   . ALA A 1 151 ? -1.092  -5.605  4.653   1.00 21.12 ? 151 ALA A N   1 
ATOM   1180 C  CA  . ALA A 1 151 ? -2.075  -6.555  4.151   1.00 20.09 ? 151 ALA A CA  1 
ATOM   1181 C  C   . ALA A 1 151 ? -1.435  -7.622  3.275   1.00 19.45 ? 151 ALA A C   1 
ATOM   1182 O  O   . ALA A 1 151 ? -0.334  -7.449  2.764   1.00 18.14 ? 151 ALA A O   1 
ATOM   1183 C  CB  . ALA A 1 151 ? -3.145  -5.813  3.356   1.00 17.45 ? 151 ALA A CB  1 
ATOM   1184 N  N   . ASN A 1 152 ? -2.121  -8.743  3.103   1.00 20.95 ? 152 ASN A N   1 
ATOM   1185 C  CA  . ASN A 1 152 ? -1.575  -9.771  2.236   1.00 20.20 ? 152 ASN A CA  1 
ATOM   1186 C  C   . ASN A 1 152 ? -2.087  -9.479  0.830   1.00 20.05 ? 152 ASN A C   1 
ATOM   1187 O  O   . ASN A 1 152 ? -3.021  -8.684  0.646   1.00 17.81 ? 152 ASN A O   1 
ATOM   1188 C  CB  . ASN A 1 152 ? -1.970  -11.179 2.711   1.00 20.41 ? 152 ASN A CB  1 
ATOM   1189 C  CG  . ASN A 1 152 ? -3.445  -11.450 2.606   1.00 17.88 ? 152 ASN A CG  1 
ATOM   1190 O  OD1 . ASN A 1 152 ? -4.033  -11.343 1.534   1.00 20.41 ? 152 ASN A OD1 1 
ATOM   1191 N  ND2 . ASN A 1 152 ? -4.051  -11.836 3.715   1.00 19.75 ? 152 ASN A ND2 1 
ATOM   1192 N  N   . GLY A 1 153 ? -1.470  -10.112 -0.155  1.00 18.06 ? 153 GLY A N   1 
ATOM   1193 C  CA  . GLY A 1 153 ? -1.839  -9.876  -1.533  1.00 19.20 ? 153 GLY A CA  1 
ATOM   1194 C  C   . GLY A 1 153 ? -3.264  -10.153 -1.953  1.00 19.53 ? 153 GLY A C   1 
ATOM   1195 O  O   . GLY A 1 153 ? -3.650  -9.758  -3.051  1.00 18.06 ? 153 GLY A O   1 
ATOM   1196 N  N   . THR A 1 154 ? -4.049  -10.819 -1.106  1.00 19.32 ? 154 THR A N   1 
ATOM   1197 C  CA  . THR A 1 154 ? -5.435  -11.138 -1.459  1.00 18.74 ? 154 THR A CA  1 
ATOM   1198 C  C   . THR A 1 154 ? -6.467  -10.169 -0.889  1.00 18.96 ? 154 THR A C   1 
ATOM   1199 O  O   . THR A 1 154 ? -7.675  -10.394 -1.014  1.00 17.14 ? 154 THR A O   1 
ATOM   1200 C  CB  . THR A 1 154 ? -5.816  -12.550 -0.983  1.00 20.14 ? 154 THR A CB  1 
ATOM   1201 O  OG1 . THR A 1 154 ? -5.907  -12.571 0.449   1.00 20.47 ? 154 THR A OG1 1 
ATOM   1202 C  CG2 . THR A 1 154 ? -4.779  -13.552 -1.431  1.00 19.98 ? 154 THR A CG2 1 
ATOM   1203 N  N   . ALA A 1 155 ? -5.993  -9.083  -0.286  1.00 20.18 ? 155 ALA A N   1 
ATOM   1204 C  CA  . ALA A 1 155 ? -6.885  -8.116  0.348   1.00 20.06 ? 155 ALA A CA  1 
ATOM   1205 C  C   . ALA A 1 155 ? -6.895  -6.705  -0.236  1.00 20.77 ? 155 ALA A C   1 
ATOM   1206 O  O   . ALA A 1 155 ? -6.806  -5.731  0.504   1.00 23.71 ? 155 ALA A O   1 
ATOM   1207 C  CB  . ALA A 1 155 ? -6.554  -8.042  1.827   1.00 19.85 ? 155 ALA A CB  1 
ATOM   1208 N  N   . PRO A 1 156 ? -7.031  -6.570  -1.559  1.00 20.88 ? 156 PRO A N   1 
ATOM   1209 C  CA  . PRO A 1 156 ? -7.039  -5.212  -2.116  1.00 21.90 ? 156 PRO A CA  1 
ATOM   1210 C  C   . PRO A 1 156 ? -8.104  -4.324  -1.478  1.00 22.37 ? 156 PRO A C   1 
ATOM   1211 O  O   . PRO A 1 156 ? -7.825  -3.188  -1.106  1.00 21.61 ? 156 PRO A O   1 
ATOM   1212 C  CB  . PRO A 1 156 ? -7.304  -5.442  -3.604  1.00 22.11 ? 156 PRO A CB  1 
ATOM   1213 C  CG  . PRO A 1 156 ? -8.107  -6.729  -3.611  1.00 21.44 ? 156 PRO A CG  1 
ATOM   1214 C  CD  . PRO A 1 156 ? -7.383  -7.566  -2.585  1.00 20.27 ? 156 PRO A CD  1 
ATOM   1215 N  N   . ILE A 1 157 ? -9.314  -4.857  -1.339  1.00 22.80 ? 157 ILE A N   1 
ATOM   1216 C  CA  . ILE A 1 157 ? -10.413 -4.098  -0.765  1.00 22.92 ? 157 ILE A CA  1 
ATOM   1217 C  C   . ILE A 1 157 ? -10.223 -3.781  0.714   1.00 23.07 ? 157 ILE A C   1 
ATOM   1218 O  O   . ILE A 1 157 ? -10.436 -2.648  1.128   1.00 23.34 ? 157 ILE A O   1 
ATOM   1219 C  CB  . ILE A 1 157 ? -11.767 -4.819  -1.018  1.00 23.17 ? 157 ILE A CB  1 
ATOM   1220 C  CG1 . ILE A 1 157 ? -12.118 -4.690  -2.502  1.00 25.13 ? 157 ILE A CG1 1 
ATOM   1221 C  CG2 . ILE A 1 157 ? -12.865 -4.239  -0.122  1.00 27.32 ? 157 ILE A CG2 1 
ATOM   1222 C  CD1 . ILE A 1 157 ? -13.467 -5.254  -2.892  1.00 24.69 ? 157 ILE A CD1 1 
ATOM   1223 N  N   . GLU A 1 158 ? -9.811  -4.761  1.512   1.00 22.61 ? 158 GLU A N   1 
ATOM   1224 C  CA  . GLU A 1 158 ? -9.591  -4.517  2.935   1.00 22.69 ? 158 GLU A CA  1 
ATOM   1225 C  C   . GLU A 1 158 ? -8.479  -3.480  3.066   1.00 23.06 ? 158 GLU A C   1 
ATOM   1226 O  O   . GLU A 1 158 ? -8.570  -2.547  3.866   1.00 20.75 ? 158 GLU A O   1 
ATOM   1227 C  CB  . GLU A 1 158 ? -9.189  -5.810  3.661   1.00 23.03 ? 158 GLU A CB  1 
ATOM   1228 C  CG  . GLU A 1 158 ? -10.284 -6.899  3.655   1.00 24.61 ? 158 GLU A CG  1 
ATOM   1229 C  CD  . GLU A 1 158 ? -10.156 -7.883  2.492   1.00 25.23 ? 158 GLU A CD  1 
ATOM   1230 O  OE1 . GLU A 1 158 ? -9.803  -7.462  1.379   1.00 25.32 ? 158 GLU A OE1 1 
ATOM   1231 O  OE2 . GLU A 1 158 ? -10.430 -9.086  2.691   1.00 26.48 ? 158 GLU A OE2 1 
ATOM   1232 N  N   . PHE A 1 159 ? -7.438  -3.665  2.258   1.00 22.08 ? 159 PHE A N   1 
ATOM   1233 C  CA  . PHE A 1 159 ? -6.278  -2.782  2.217   1.00 22.49 ? 159 PHE A CA  1 
ATOM   1234 C  C   . PHE A 1 159 ? -6.759  -1.359  1.946   1.00 22.67 ? 159 PHE A C   1 
ATOM   1235 O  O   . PHE A 1 159 ? -6.398  -0.424  2.668   1.00 26.10 ? 159 PHE A O   1 
ATOM   1236 C  CB  . PHE A 1 159 ? -5.341  -3.256  1.098   1.00 20.16 ? 159 PHE A CB  1 
ATOM   1237 C  CG  . PHE A 1 159 ? -4.060  -2.467  0.971   1.00 21.28 ? 159 PHE A CG  1 
ATOM   1238 C  CD1 . PHE A 1 159 ? -3.165  -2.372  2.036   1.00 19.77 ? 159 PHE A CD1 1 
ATOM   1239 C  CD2 . PHE A 1 159 ? -3.706  -1.895  -0.255  1.00 20.02 ? 159 PHE A CD2 1 
ATOM   1240 C  CE1 . PHE A 1 159 ? -1.946  -1.732  1.877   1.00 18.71 ? 159 PHE A CE1 1 
ATOM   1241 C  CE2 . PHE A 1 159 ? -2.481  -1.249  -0.421  1.00 17.29 ? 159 PHE A CE2 1 
ATOM   1242 C  CZ  . PHE A 1 159 ? -1.600  -1.171  0.645   1.00 15.06 ? 159 PHE A CZ  1 
ATOM   1243 N  N   . THR A 1 160 ? -7.576  -1.201  0.913   1.00 21.94 ? 160 THR A N   1 
ATOM   1244 C  CA  . THR A 1 160 ? -8.097  0.109   0.555   1.00 22.11 ? 160 THR A CA  1 
ATOM   1245 C  C   . THR A 1 160 ? -8.976  0.712   1.660   1.00 21.79 ? 160 THR A C   1 
ATOM   1246 O  O   . THR A 1 160 ? -8.878  1.897   1.957   1.00 20.28 ? 160 THR A O   1 
ATOM   1247 C  CB  . THR A 1 160 ? -8.920  0.039   -0.742  1.00 20.87 ? 160 THR A CB  1 
ATOM   1248 O  OG1 . THR A 1 160 ? -8.130  -0.556  -1.770  1.00 19.64 ? 160 THR A OG1 1 
ATOM   1249 C  CG2 . THR A 1 160 ? -9.339  1.439   -1.199  1.00 20.83 ? 160 THR A CG2 1 
ATOM   1250 N  N   . ASN A 1 161 ? -9.824  -0.110  2.269   1.00 20.73 ? 161 ASN A N   1 
ATOM   1251 C  CA  . ASN A 1 161 ? -10.707 0.374   3.315   1.00 23.06 ? 161 ASN A CA  1 
ATOM   1252 C  C   . ASN A 1 161 ? -9.920  1.004   4.461   1.00 23.89 ? 161 ASN A C   1 
ATOM   1253 O  O   . ASN A 1 161 ? -10.147 2.159   4.821   1.00 24.37 ? 161 ASN A O   1 
ATOM   1254 C  CB  . ASN A 1 161 ? -11.591 -0.756  3.842   1.00 25.73 ? 161 ASN A CB  1 
ATOM   1255 C  CG  . ASN A 1 161 ? -12.517 -0.291  4.956   1.00 29.57 ? 161 ASN A CG  1 
ATOM   1256 O  OD1 . ASN A 1 161 ? -12.214 -0.451  6.137   1.00 31.75 ? 161 ASN A OD1 1 
ATOM   1257 N  ND2 . ASN A 1 161 ? -13.636 0.307   4.584   1.00 28.45 ? 161 ASN A ND2 1 
ATOM   1258 N  N   . LEU A 1 162 ? -8.976  0.258   5.013   1.00 23.61 ? 162 LEU A N   1 
ATOM   1259 C  CA  . LEU A 1 162 ? -8.178  0.770   6.115   1.00 23.65 ? 162 LEU A CA  1 
ATOM   1260 C  C   . LEU A 1 162 ? -7.373  2.012   5.753   1.00 24.27 ? 162 LEU A C   1 
ATOM   1261 O  O   . LEU A 1 162 ? -7.157  2.878   6.600   1.00 24.20 ? 162 LEU A O   1 
ATOM   1262 C  CB  . LEU A 1 162 ? -7.242  -0.320  6.629   1.00 24.62 ? 162 LEU A CB  1 
ATOM   1263 C  CG  . LEU A 1 162 ? -7.956  -1.545  7.183   1.00 23.85 ? 162 LEU A CG  1 
ATOM   1264 C  CD1 . LEU A 1 162 ? -6.925  -2.535  7.679   1.00 22.54 ? 162 LEU A CD1 1 
ATOM   1265 C  CD2 . LEU A 1 162 ? -8.895  -1.127  8.315   1.00 25.71 ? 162 LEU A CD2 1 
ATOM   1266 N  N   . ILE A 1 163 ? -6.927  2.105   4.503   1.00 23.33 ? 163 ILE A N   1 
ATOM   1267 C  CA  . ILE A 1 163 ? -6.149  3.267   4.069   1.00 23.13 ? 163 ILE A CA  1 
ATOM   1268 C  C   . ILE A 1 163 ? -7.012  4.520   4.014   1.00 24.72 ? 163 ILE A C   1 
ATOM   1269 O  O   . ILE A 1 163 ? -6.590  5.589   4.455   1.00 25.63 ? 163 ILE A O   1 
ATOM   1270 C  CB  . ILE A 1 163 ? -5.525  3.055   2.672   1.00 22.87 ? 163 ILE A CB  1 
ATOM   1271 C  CG1 . ILE A 1 163 ? -4.470  1.947   2.729   1.00 21.04 ? 163 ILE A CG1 1 
ATOM   1272 C  CG2 . ILE A 1 163 ? -4.889  4.354   2.175   1.00 21.60 ? 163 ILE A CG2 1 
ATOM   1273 C  CD1 . ILE A 1 163 ? -3.928  1.560   1.375   1.00 19.90 ? 163 ILE A CD1 1 
ATOM   1274 N  N   . LEU A 1 164 ? -8.215  4.394   3.464   1.00 23.36 ? 164 LEU A N   1 
ATOM   1275 C  CA  . LEU A 1 164 ? -9.103  5.543   3.375   1.00 25.42 ? 164 LEU A CA  1 
ATOM   1276 C  C   . LEU A 1 164 ? -9.472  6.006   4.783   1.00 27.45 ? 164 LEU A C   1 
ATOM   1277 O  O   . LEU A 1 164 ? -9.672  7.195   5.026   1.00 26.44 ? 164 LEU A O   1 
ATOM   1278 C  CB  . LEU A 1 164 ? -10.358 5.194   2.570   1.00 24.31 ? 164 LEU A CB  1 
ATOM   1279 C  CG  . LEU A 1 164 ? -10.157 4.816   1.097   1.00 24.44 ? 164 LEU A CG  1 
ATOM   1280 C  CD1 . LEU A 1 164 ? -11.494 4.412   0.473   1.00 21.64 ? 164 LEU A CD1 1 
ATOM   1281 C  CD2 . LEU A 1 164 ? -9.544  5.989   0.342   1.00 21.93 ? 164 LEU A CD2 1 
ATOM   1282 N  N   . GLU A 1 165 ? -9.549  5.061   5.713   1.00 27.57 ? 165 GLU A N   1 
ATOM   1283 C  CA  . GLU A 1 165 ? -9.868  5.386   7.092   1.00 29.05 ? 165 GLU A CA  1 
ATOM   1284 C  C   . GLU A 1 165 ? -8.715  6.163   7.699   1.00 30.71 ? 165 GLU A C   1 
ATOM   1285 O  O   . GLU A 1 165 ? -8.908  7.230   8.285   1.00 31.14 ? 165 GLU A O   1 
ATOM   1286 C  CB  . GLU A 1 165 ? -10.082 4.113   7.900   1.00 31.25 ? 165 GLU A CB  1 
ATOM   1287 C  CG  . GLU A 1 165 ? -11.512 3.877   8.319   1.00 35.46 ? 165 GLU A CG  1 
ATOM   1288 C  CD  . GLU A 1 165 ? -11.671 2.595   9.108   1.00 35.91 ? 165 GLU A CD  1 
ATOM   1289 O  OE1 . GLU A 1 165 ? -10.982 2.452   10.142  1.00 37.49 ? 165 GLU A OE1 1 
ATOM   1290 O  OE2 . GLU A 1 165 ? -12.480 1.740   8.691   1.00 36.46 ? 165 GLU A OE2 1 
HETATM 1291 N  N   . MSE A 1 166 ? -7.515  5.609   7.556   1.00 30.40 ? 166 MSE A N   1 
HETATM 1292 C  CA  . MSE A 1 166 ? -6.311  6.222   8.089   1.00 30.53 ? 166 MSE A CA  1 
HETATM 1293 C  C   . MSE A 1 166 ? -6.143  7.670   7.646   1.00 30.70 ? 166 MSE A C   1 
HETATM 1294 O  O   . MSE A 1 166 ? -5.793  8.527   8.449   1.00 29.72 ? 166 MSE A O   1 
HETATM 1295 C  CB  . MSE A 1 166 ? -5.094  5.400   7.676   1.00 31.12 ? 166 MSE A CB  1 
HETATM 1296 C  CG  . MSE A 1 166 ? -3.774  5.940   8.183   1.00 33.13 ? 166 MSE A CG  1 
HETATM 1297 SE SE  . MSE A 1 166 ? -2.293  4.753   7.731   1.00 36.37 ? 166 MSE A SE  1 
HETATM 1298 C  CE  . MSE A 1 166 ? -2.455  4.796   5.851   1.00 27.60 ? 166 MSE A CE  1 
ATOM   1299 N  N   . ILE A 1 167 ? -6.403  7.944   6.373   1.00 29.73 ? 167 ILE A N   1 
ATOM   1300 C  CA  . ILE A 1 167 ? -6.267  9.301   5.851   1.00 30.58 ? 167 ILE A CA  1 
ATOM   1301 C  C   . ILE A 1 167 ? -7.543  10.147  5.914   1.00 30.96 ? 167 ILE A C   1 
ATOM   1302 O  O   . ILE A 1 167 ? -7.609  11.210  5.290   1.00 30.61 ? 167 ILE A O   1 
ATOM   1303 C  CB  . ILE A 1 167 ? -5.810  9.285   4.390   1.00 29.26 ? 167 ILE A CB  1 
ATOM   1304 C  CG1 . ILE A 1 167 ? -6.936  8.742   3.510   1.00 27.72 ? 167 ILE A CG1 1 
ATOM   1305 C  CG2 . ILE A 1 167 ? -4.546  8.451   4.262   1.00 30.21 ? 167 ILE A CG2 1 
ATOM   1306 C  CD1 . ILE A 1 167 ? -6.673  8.837   2.028   1.00 23.34 ? 167 ILE A CD1 1 
ATOM   1307 N  N   . ASP A 1 168 ? -8.547  9.691   6.663   1.00 32.34 ? 168 ASP A N   1 
ATOM   1308 C  CA  . ASP A 1 168 ? -9.819  10.417  6.776   1.00 34.09 ? 168 ASP A CA  1 
ATOM   1309 C  C   . ASP A 1 168 ? -10.289 10.879  5.405   1.00 33.65 ? 168 ASP A C   1 
ATOM   1310 O  O   . ASP A 1 168 ? -10.535 12.070  5.194   1.00 34.11 ? 168 ASP A O   1 
ATOM   1311 C  CB  . ASP A 1 168 ? -9.686  11.637  7.697   1.00 36.56 ? 168 ASP A CB  1 
ATOM   1312 C  CG  . ASP A 1 168 ? -9.540  11.255  9.153   1.00 42.11 ? 168 ASP A CG  1 
ATOM   1313 O  OD1 . ASP A 1 168 ? -10.437 10.554  9.673   1.00 45.64 ? 168 ASP A OD1 1 
ATOM   1314 O  OD2 . ASP A 1 168 ? -8.535  11.655  9.784   1.00 44.16 ? 168 ASP A OD2 1 
ATOM   1315 N  N   . PHE A 1 169 ? -10.417 9.927   4.485   1.00 31.69 ? 169 PHE A N   1 
ATOM   1316 C  CA  . PHE A 1 169 ? -10.853 10.202  3.124   1.00 29.24 ? 169 PHE A CA  1 
ATOM   1317 C  C   . PHE A 1 169 ? -12.290 10.689  3.112   1.00 29.63 ? 169 PHE A C   1 
ATOM   1318 O  O   . PHE A 1 169 ? -12.638 11.594  2.356   1.00 30.11 ? 169 PHE A O   1 
ATOM   1319 C  CB  . PHE A 1 169 ? -10.764 8.935   2.257   1.00 28.28 ? 169 PHE A CB  1 
ATOM   1320 C  CG  . PHE A 1 169 ? -11.051 9.177   0.798   1.00 27.30 ? 169 PHE A CG  1 
ATOM   1321 C  CD1 . PHE A 1 169 ? -10.146 9.883   0.008   1.00 27.67 ? 169 PHE A CD1 1 
ATOM   1322 C  CD2 . PHE A 1 169 ? -12.229 8.723   0.218   1.00 26.43 ? 169 PHE A CD2 1 
ATOM   1323 C  CE1 . PHE A 1 169 ? -10.409 10.132  -1.332  1.00 24.25 ? 169 PHE A CE1 1 
ATOM   1324 C  CE2 . PHE A 1 169 ? -12.504 8.967   -1.118  1.00 26.36 ? 169 PHE A CE2 1 
ATOM   1325 C  CZ  . PHE A 1 169 ? -11.593 9.674   -1.899  1.00 26.61 ? 169 PHE A CZ  1 
ATOM   1326 N  N   . ASP A 1 170 ? -13.122 10.081  3.947   1.00 29.99 ? 170 ASP A N   1 
ATOM   1327 C  CA  . ASP A 1 170 ? -14.534 10.426  3.998   1.00 31.57 ? 170 ASP A CA  1 
ATOM   1328 C  C   . ASP A 1 170 ? -15.124 9.809   5.253   1.00 32.66 ? 170 ASP A C   1 
ATOM   1329 O  O   . ASP A 1 170 ? -14.421 9.159   6.028   1.00 34.03 ? 170 ASP A O   1 
ATOM   1330 C  CB  . ASP A 1 170 ? -15.231 9.847   2.765   1.00 32.08 ? 170 ASP A CB  1 
ATOM   1331 C  CG  . ASP A 1 170 ? -16.517 10.563  2.418   1.00 34.85 ? 170 ASP A CG  1 
ATOM   1332 O  OD1 . ASP A 1 170 ? -17.318 10.838  3.336   1.00 38.73 ? 170 ASP A OD1 1 
ATOM   1333 O  OD2 . ASP A 1 170 ? -16.732 10.836  1.218   1.00 32.91 ? 170 ASP A OD2 1 
ATOM   1334 N  N   . THR A 1 171 ? -16.421 10.007  5.451   1.00 34.80 ? 171 THR A N   1 
ATOM   1335 C  CA  . THR A 1 171 ? -17.100 9.458   6.615   1.00 36.45 ? 171 THR A CA  1 
ATOM   1336 C  C   . THR A 1 171 ? -17.125 7.939   6.474   1.00 37.08 ? 171 THR A C   1 
ATOM   1337 O  O   . THR A 1 171 ? -17.166 7.417   5.364   1.00 35.16 ? 171 THR A O   1 
ATOM   1338 C  CB  . THR A 1 171 ? -18.550 9.982   6.704   1.00 36.23 ? 171 THR A CB  1 
ATOM   1339 O  OG1 . THR A 1 171 ? -19.360 9.320   5.723   1.00 36.61 ? 171 THR A OG1 1 
ATOM   1340 C  CG2 . THR A 1 171 ? -18.584 11.482  6.443   1.00 34.21 ? 171 THR A CG2 1 
ATOM   1341 N  N   . PRO A 1 172 ? -17.093 7.214   7.598   1.00 39.29 ? 172 PRO A N   1 
ATOM   1342 C  CA  . PRO A 1 172 ? -17.116 5.748   7.554   1.00 40.59 ? 172 PRO A CA  1 
ATOM   1343 C  C   . PRO A 1 172 ? -18.337 5.214   6.806   1.00 42.27 ? 172 PRO A C   1 
ATOM   1344 O  O   . PRO A 1 172 ? -18.250 4.240   6.058   1.00 41.40 ? 172 PRO A O   1 
ATOM   1345 C  CB  . PRO A 1 172 ? -17.132 5.362   9.031   1.00 41.00 ? 172 PRO A CB  1 
ATOM   1346 C  CG  . PRO A 1 172 ? -16.380 6.500   9.685   1.00 39.80 ? 172 PRO A CG  1 
ATOM   1347 C  CD  . PRO A 1 172 ? -16.970 7.696   8.987   1.00 39.63 ? 172 PRO A CD  1 
ATOM   1348 N  N   . GLU A 1 173 ? -19.474 5.867   7.024   1.00 45.12 ? 173 GLU A N   1 
ATOM   1349 C  CA  . GLU A 1 173 ? -20.735 5.489   6.393   1.00 47.39 ? 173 GLU A CA  1 
ATOM   1350 C  C   . GLU A 1 173 ? -20.768 6.127   5.017   1.00 47.55 ? 173 GLU A C   1 
ATOM   1351 O  O   . GLU A 1 173 ? -21.750 6.762   4.624   1.00 50.09 ? 173 GLU A O   1 
ATOM   1352 C  CB  . GLU A 1 173 ? -21.920 5.999   7.215   1.00 49.21 ? 173 GLU A CB  1 
ATOM   1353 C  CG  . GLU A 1 173 ? -21.607 6.184   8.691   1.00 52.48 ? 173 GLU A CG  1 
ATOM   1354 C  CD  . GLU A 1 173 ? -20.742 7.406   8.951   1.00 53.66 ? 173 GLU A CD  1 
ATOM   1355 O  OE1 . GLU A 1 173 ? -19.966 7.381   9.930   1.00 55.20 ? 173 GLU A OE1 1 
ATOM   1356 O  OE2 . GLU A 1 173 ? -20.846 8.394   8.185   1.00 54.89 ? 173 GLU A OE2 1 
ATOM   1357 N  N   . ASN A 1 174 ? -19.675 5.962   4.295   1.00 44.87 ? 174 ASN A N   1 
ATOM   1358 C  CA  . ASN A 1 174 ? -19.546 6.521   2.967   1.00 43.05 ? 174 ASN A CA  1 
ATOM   1359 C  C   . ASN A 1 174 ? -18.476 5.656   2.337   1.00 40.13 ? 174 ASN A C   1 
ATOM   1360 O  O   . ASN A 1 174 ? -18.600 5.219   1.199   1.00 39.08 ? 174 ASN A O   1 
ATOM   1361 C  CB  . ASN A 1 174 ? -19.083 7.975   3.064   1.00 46.32 ? 174 ASN A CB  1 
ATOM   1362 C  CG  . ASN A 1 174 ? -19.532 8.813   1.885   1.00 49.35 ? 174 ASN A CG  1 
ATOM   1363 O  OD1 . ASN A 1 174 ? -19.254 8.482   0.731   1.00 51.46 ? 174 ASN A OD1 1 
ATOM   1364 N  ND2 . ASN A 1 174 ? -20.230 9.911   2.171   1.00 47.77 ? 174 ASN A ND2 1 
ATOM   1365 N  N   . ILE A 1 175 ? -17.424 5.409   3.111   1.00 36.84 ? 175 ILE A N   1 
ATOM   1366 C  CA  . ILE A 1 175 ? -16.330 4.564   2.676   1.00 34.18 ? 175 ILE A CA  1 
ATOM   1367 C  C   . ILE A 1 175 ? -16.900 3.151   2.652   1.00 34.86 ? 175 ILE A C   1 
ATOM   1368 O  O   . ILE A 1 175 ? -16.600 2.358   1.763   1.00 33.64 ? 175 ILE A O   1 
ATOM   1369 C  CB  . ILE A 1 175 ? -15.154 4.628   3.679   1.00 32.52 ? 175 ILE A CB  1 
ATOM   1370 C  CG1 . ILE A 1 175 ? -14.512 6.018   3.631   1.00 28.20 ? 175 ILE A CG1 1 
ATOM   1371 C  CG2 . ILE A 1 175 ? -14.135 3.524   3.380   1.00 30.41 ? 175 ILE A CG2 1 
ATOM   1372 C  CD1 . ILE A 1 175 ? -13.412 6.215   4.671   1.00 25.54 ? 175 ILE A CD1 1 
ATOM   1373 N  N   . GLU A 1 176 ? -17.742 2.846   3.633   1.00 34.61 ? 176 GLU A N   1 
ATOM   1374 C  CA  . GLU A 1 176 ? -18.354 1.526   3.715   1.00 35.34 ? 176 GLU A CA  1 
ATOM   1375 C  C   . GLU A 1 176 ? -19.122 1.216   2.436   1.00 33.17 ? 176 GLU A C   1 
ATOM   1376 O  O   . GLU A 1 176 ? -19.061 0.100   1.921   1.00 32.04 ? 176 GLU A O   1 
ATOM   1377 C  CB  . GLU A 1 176 ? -19.309 1.458   4.900   1.00 37.85 ? 176 GLU A CB  1 
ATOM   1378 C  CG  . GLU A 1 176 ? -19.905 0.076   5.124   1.00 42.60 ? 176 GLU A CG  1 
ATOM   1379 C  CD  . GLU A 1 176 ? -21.080 0.121   6.075   1.00 45.19 ? 176 GLU A CD  1 
ATOM   1380 O  OE1 . GLU A 1 176 ? -22.103 0.744   5.713   1.00 46.38 ? 176 GLU A OE1 1 
ATOM   1381 O  OE2 . GLU A 1 176 ? -20.975 -0.453  7.181   1.00 45.81 ? 176 GLU A OE2 1 
ATOM   1382 N  N   . LYS A 1 177 ? -19.847 2.212   1.939   1.00 32.37 ? 177 LYS A N   1 
ATOM   1383 C  CA  . LYS A 1 177 ? -20.634 2.076   0.722   1.00 32.09 ? 177 LYS A CA  1 
ATOM   1384 C  C   . LYS A 1 177 ? -19.750 1.859   -0.501  1.00 31.73 ? 177 LYS A C   1 
ATOM   1385 O  O   . LYS A 1 177 ? -20.037 1.000   -1.336  1.00 32.42 ? 177 LYS A O   1 
ATOM   1386 C  CB  . LYS A 1 177 ? -21.495 3.319   0.504   1.00 34.89 ? 177 LYS A CB  1 
ATOM   1387 C  CG  . LYS A 1 177 ? -22.589 3.516   1.550   1.00 36.62 ? 177 LYS A CG  1 
ATOM   1388 C  CD  . LYS A 1 177 ? -23.582 4.557   1.080   1.00 37.66 ? 177 LYS A CD  1 
ATOM   1389 C  CE  . LYS A 1 177 ? -24.767 4.666   2.023   1.00 40.88 ? 177 LYS A CE  1 
ATOM   1390 N  NZ  . LYS A 1 177 ? -25.797 5.600   1.475   1.00 43.20 ? 177 LYS A NZ  1 
HETATM 1391 N  N   . MSE A 1 178 ? -18.688 2.652   -0.606  1.00 30.21 ? 178 MSE A N   1 
HETATM 1392 C  CA  . MSE A 1 178 ? -17.735 2.549   -1.713  1.00 30.18 ? 178 MSE A CA  1 
HETATM 1393 C  C   . MSE A 1 178 ? -17.141 1.148   -1.784  1.00 27.89 ? 178 MSE A C   1 
HETATM 1394 O  O   . MSE A 1 178 ? -17.016 0.559   -2.857  1.00 25.13 ? 178 MSE A O   1 
HETATM 1395 C  CB  . MSE A 1 178 ? -16.593 3.526   -1.513  1.00 32.74 ? 178 MSE A CB  1 
HETATM 1396 C  CG  . MSE A 1 178 ? -16.993 4.967   -1.543  1.00 37.33 ? 178 MSE A CG  1 
HETATM 1397 SE SE  . MSE A 1 178 ? -15.432 6.034   -1.068  1.00 45.66 ? 178 MSE A SE  1 
HETATM 1398 C  CE  . MSE A 1 178 ? -14.543 5.886   -2.779  1.00 40.95 ? 178 MSE A CE  1 
HETATM 1399 N  N   . MSE A 1 179 ? -16.765 0.627   -0.626  1.00 25.98 ? 179 MSE A N   1 
HETATM 1400 C  CA  . MSE A 1 179 ? -16.182 -0.699  -0.547  1.00 27.34 ? 179 MSE A CA  1 
HETATM 1401 C  C   . MSE A 1 179 ? -17.213 -1.795  -0.848  1.00 28.08 ? 179 MSE A C   1 
HETATM 1402 O  O   . MSE A 1 179 ? -16.875 -2.814  -1.449  1.00 25.18 ? 179 MSE A O   1 
HETATM 1403 C  CB  . MSE A 1 179 ? -15.553 -0.906  0.838   1.00 27.68 ? 179 MSE A CB  1 
HETATM 1404 C  CG  . MSE A 1 179 ? -14.486 0.129   1.203   1.00 29.27 ? 179 MSE A CG  1 
HETATM 1405 SE SE  . MSE A 1 179 ? -12.960 0.092   -0.037  1.00 32.54 ? 179 MSE A SE  1 
HETATM 1406 C  CE  . MSE A 1 179 ? -13.476 1.518   -1.179  1.00 21.09 ? 179 MSE A CE  1 
ATOM   1407 N  N   . TYR A 1 180 ? -18.462 -1.579  -0.430  1.00 26.87 ? 180 TYR A N   1 
ATOM   1408 C  CA  . TYR A 1 180 ? -19.530 -2.548  -0.681  1.00 27.78 ? 180 TYR A CA  1 
ATOM   1409 C  C   . TYR A 1 180 ? -19.737 -2.624  -2.189  1.00 26.84 ? 180 TYR A C   1 
ATOM   1410 O  O   . TYR A 1 180 ? -19.854 -3.703  -2.765  1.00 26.89 ? 180 TYR A O   1 
ATOM   1411 C  CB  . TYR A 1 180 ? -20.836 -2.103  -0.013  1.00 28.26 ? 180 TYR A CB  1 
ATOM   1412 C  CG  . TYR A 1 180 ? -21.817 -3.231  0.184   1.00 30.16 ? 180 TYR A CG  1 
ATOM   1413 C  CD1 . TYR A 1 180 ? -21.631 -4.159  1.205   1.00 33.19 ? 180 TYR A CD1 1 
ATOM   1414 C  CD2 . TYR A 1 180 ? -22.881 -3.420  -0.694  1.00 30.00 ? 180 TYR A CD2 1 
ATOM   1415 C  CE1 . TYR A 1 180 ? -22.475 -5.257  1.345   1.00 34.55 ? 180 TYR A CE1 1 
ATOM   1416 C  CE2 . TYR A 1 180 ? -23.733 -4.518  -0.567  1.00 32.88 ? 180 TYR A CE2 1 
ATOM   1417 C  CZ  . TYR A 1 180 ? -23.519 -5.434  0.452   1.00 33.87 ? 180 TYR A CZ  1 
ATOM   1418 O  OH  . TYR A 1 180 ? -24.316 -6.552  0.556   1.00 36.80 ? 180 TYR A OH  1 
HETATM 1419 N  N   . MSE A 1 181 ? -19.780 -1.461  -2.824  1.00 25.24 ? 181 MSE A N   1 
HETATM 1420 C  CA  . MSE A 1 181 ? -19.945 -1.394  -4.261  1.00 25.04 ? 181 MSE A CA  1 
HETATM 1421 C  C   . MSE A 1 181 ? -18.797 -2.155  -4.935  1.00 23.35 ? 181 MSE A C   1 
HETATM 1422 O  O   . MSE A 1 181 ? -19.029 -2.989  -5.807  1.00 22.10 ? 181 MSE A O   1 
HETATM 1423 C  CB  . MSE A 1 181 ? -19.969 0.072   -4.722  1.00 26.37 ? 181 MSE A CB  1 
HETATM 1424 C  CG  . MSE A 1 181 ? -20.222 0.262   -6.222  1.00 27.93 ? 181 MSE A CG  1 
HETATM 1425 SE SE  . MSE A 1 181 ? -21.973 -0.324  -6.860  1.00 34.89 ? 181 MSE A SE  1 
HETATM 1426 C  CE  . MSE A 1 181 ? -22.807 1.411   -7.052  1.00 30.69 ? 181 MSE A CE  1 
ATOM   1427 N  N   . ASN A 1 182 ? -17.564 -1.875  -4.515  1.00 22.36 ? 182 ASN A N   1 
ATOM   1428 C  CA  . ASN A 1 182 ? -16.377 -2.536  -5.067  1.00 23.79 ? 182 ASN A CA  1 
ATOM   1429 C  C   . ASN A 1 182 ? -16.396 -4.060  -4.947  1.00 24.25 ? 182 ASN A C   1 
ATOM   1430 O  O   . ASN A 1 182 ? -16.063 -4.775  -5.883  1.00 24.53 ? 182 ASN A O   1 
ATOM   1431 C  CB  . ASN A 1 182 ? -15.108 -2.062  -4.355  1.00 19.41 ? 182 ASN A CB  1 
ATOM   1432 C  CG  . ASN A 1 182 ? -14.753 -0.635  -4.669  1.00 19.34 ? 182 ASN A CG  1 
ATOM   1433 O  OD1 . ASN A 1 182 ? -15.265 -0.045  -5.618  1.00 18.91 ? 182 ASN A OD1 1 
ATOM   1434 N  ND2 . ASN A 1 182 ? -13.857 -0.070  -3.872  1.00 14.18 ? 182 ASN A ND2 1 
ATOM   1435 N  N   . ARG A 1 183 ? -16.783 -4.540  -3.773  1.00 26.07 ? 183 ARG A N   1 
ATOM   1436 C  CA  . ARG A 1 183 ? -16.780 -5.966  -3.484  1.00 27.09 ? 183 ARG A CA  1 
ATOM   1437 C  C   . ARG A 1 183 ? -17.960 -6.776  -3.983  1.00 26.97 ? 183 ARG A C   1 
ATOM   1438 O  O   . ARG A 1 183 ? -17.783 -7.866  -4.524  1.00 26.53 ? 183 ARG A O   1 
ATOM   1439 C  CB  . ARG A 1 183 ? -16.636 -6.160  -1.971  1.00 29.44 ? 183 ARG A CB  1 
ATOM   1440 C  CG  . ARG A 1 183 ? -16.444 -7.590  -1.509  1.00 32.79 ? 183 ARG A CG  1 
ATOM   1441 C  CD  . ARG A 1 183 ? -16.442 -7.644  0.013   1.00 34.99 ? 183 ARG A CD  1 
ATOM   1442 N  NE  . ARG A 1 183 ? -15.215 -7.098  0.594   1.00 37.91 ? 183 ARG A NE  1 
ATOM   1443 C  CZ  . ARG A 1 183 ? -14.046 -7.733  0.617   1.00 36.27 ? 183 ARG A CZ  1 
ATOM   1444 N  NH1 . ARG A 1 183 ? -13.933 -8.942  0.091   1.00 33.98 ? 183 ARG A NH1 1 
ATOM   1445 N  NH2 . ARG A 1 183 ? -12.989 -7.162  1.178   1.00 36.62 ? 183 ARG A NH2 1 
ATOM   1446 N  N   . TYR A 1 184 ? -19.162 -6.245  -3.818  1.00 28.05 ? 184 TYR A N   1 
ATOM   1447 C  CA  . TYR A 1 184 ? -20.350 -6.980  -4.209  1.00 28.00 ? 184 TYR A CA  1 
ATOM   1448 C  C   . TYR A 1 184 ? -21.033 -6.605  -5.515  1.00 27.40 ? 184 TYR A C   1 
ATOM   1449 O  O   . TYR A 1 184 ? -21.846 -7.372  -6.029  1.00 28.51 ? 184 TYR A O   1 
ATOM   1450 C  CB  . TYR A 1 184 ? -21.345 -6.941  -3.050  1.00 30.02 ? 184 TYR A CB  1 
ATOM   1451 C  CG  . TYR A 1 184 ? -20.759 -7.510  -1.778  1.00 29.86 ? 184 TYR A CG  1 
ATOM   1452 C  CD1 . TYR A 1 184 ? -20.402 -6.685  -0.714  1.00 32.59 ? 184 TYR A CD1 1 
ATOM   1453 C  CD2 . TYR A 1 184 ? -20.548 -8.882  -1.642  1.00 32.56 ? 184 TYR A CD2 1 
ATOM   1454 C  CE1 . TYR A 1 184 ? -19.851 -7.215  0.463   1.00 32.42 ? 184 TYR A CE1 1 
ATOM   1455 C  CE2 . TYR A 1 184 ? -19.999 -9.420  -0.476  1.00 31.76 ? 184 TYR A CE2 1 
ATOM   1456 C  CZ  . TYR A 1 184 ? -19.656 -8.581  0.573   1.00 33.22 ? 184 TYR A CZ  1 
ATOM   1457 O  OH  . TYR A 1 184 ? -19.148 -9.116  1.735   1.00 32.48 ? 184 TYR A OH  1 
ATOM   1458 N  N   . GLY A 1 185 ? -20.713 -5.440  -6.061  1.00 25.83 ? 185 GLY A N   1 
ATOM   1459 C  CA  . GLY A 1 185 ? -21.321 -5.066  -7.325  1.00 25.72 ? 185 GLY A CA  1 
ATOM   1460 C  C   . GLY A 1 185 ? -22.606 -4.270  -7.234  1.00 26.94 ? 185 GLY A C   1 
ATOM   1461 O  O   . GLY A 1 185 ? -23.264 -4.224  -6.198  1.00 25.56 ? 185 GLY A O   1 
ATOM   1462 N  N   . PHE A 1 186 ? -22.967 -3.658  -8.352  1.00 27.58 ? 186 PHE A N   1 
ATOM   1463 C  CA  . PHE A 1 186 ? -24.148 -2.814  -8.444  1.00 30.60 ? 186 PHE A CA  1 
ATOM   1464 C  C   . PHE A 1 186 ? -25.454 -3.410  -7.913  1.00 31.49 ? 186 PHE A C   1 
ATOM   1465 O  O   . PHE A 1 186 ? -26.129 -2.801  -7.081  1.00 31.86 ? 186 PHE A O   1 
ATOM   1466 C  CB  . PHE A 1 186 ? -24.336 -2.386  -9.897  1.00 31.27 ? 186 PHE A CB  1 
ATOM   1467 C  CG  . PHE A 1 186 ? -25.549 -1.543  -10.132 1.00 35.90 ? 186 PHE A CG  1 
ATOM   1468 C  CD1 . PHE A 1 186 ? -25.570 -0.206  -9.745  1.00 36.27 ? 186 PHE A CD1 1 
ATOM   1469 C  CD2 . PHE A 1 186 ? -26.668 -2.080  -10.767 1.00 35.33 ? 186 PHE A CD2 1 
ATOM   1470 C  CE1 . PHE A 1 186 ? -26.689 0.586   -9.992  1.00 37.65 ? 186 PHE A CE1 1 
ATOM   1471 C  CE2 . PHE A 1 186 ? -27.792 -1.297  -11.019 1.00 35.54 ? 186 PHE A CE2 1 
ATOM   1472 C  CZ  . PHE A 1 186 ? -27.801 0.038   -10.631 1.00 37.85 ? 186 PHE A CZ  1 
ATOM   1473 N  N   . TYR A 1 187 ? -25.799 -4.601  -8.393  1.00 30.24 ? 187 TYR A N   1 
ATOM   1474 C  CA  . TYR A 1 187 ? -27.038 -5.255  -8.006  1.00 30.63 ? 187 TYR A CA  1 
ATOM   1475 C  C   . TYR A 1 187 ? -27.174 -5.579  -6.523  1.00 32.54 ? 187 TYR A C   1 
ATOM   1476 O  O   . TYR A 1 187 ? -28.246 -5.381  -5.947  1.00 33.15 ? 187 TYR A O   1 
ATOM   1477 C  CB  . TYR A 1 187 ? -27.245 -6.489  -8.892  1.00 28.07 ? 187 TYR A CB  1 
ATOM   1478 C  CG  . TYR A 1 187 ? -27.381 -6.092  -10.346 1.00 26.29 ? 187 TYR A CG  1 
ATOM   1479 C  CD1 . TYR A 1 187 ? -28.517 -5.415  -10.798 1.00 24.06 ? 187 TYR A CD1 1 
ATOM   1480 C  CD2 . TYR A 1 187 ? -26.338 -6.296  -11.250 1.00 24.96 ? 187 TYR A CD2 1 
ATOM   1481 C  CE1 . TYR A 1 187 ? -28.607 -4.946  -12.109 1.00 24.89 ? 187 TYR A CE1 1 
ATOM   1482 C  CE2 . TYR A 1 187 ? -26.419 -5.829  -12.569 1.00 23.59 ? 187 TYR A CE2 1 
ATOM   1483 C  CZ  . TYR A 1 187 ? -27.556 -5.157  -12.990 1.00 24.77 ? 187 TYR A CZ  1 
ATOM   1484 O  OH  . TYR A 1 187 ? -27.659 -4.711  -14.289 1.00 24.69 ? 187 TYR A OH  1 
ATOM   1485 N  N   . HIS A 1 188 ? -26.103 -6.062  -5.897  1.00 34.10 ? 188 HIS A N   1 
ATOM   1486 C  CA  . HIS A 1 188 ? -26.148 -6.354  -4.468  1.00 35.69 ? 188 HIS A CA  1 
ATOM   1487 C  C   . HIS A 1 188 ? -26.174 -5.042  -3.705  1.00 37.24 ? 188 HIS A C   1 
ATOM   1488 O  O   . HIS A 1 188 ? -26.845 -4.917  -2.684  1.00 37.81 ? 188 HIS A O   1 
ATOM   1489 C  CB  . HIS A 1 188 ? -24.939 -7.186  -4.050  1.00 35.60 ? 188 HIS A CB  1 
ATOM   1490 C  CG  . HIS A 1 188 ? -25.093 -8.644  -4.347  1.00 36.84 ? 188 HIS A CG  1 
ATOM   1491 N  ND1 . HIS A 1 188 ? -24.041 -9.533  -4.303  1.00 38.86 ? 188 HIS A ND1 1 
ATOM   1492 C  CD2 . HIS A 1 188 ? -26.185 -9.371  -4.681  1.00 37.28 ? 188 HIS A CD2 1 
ATOM   1493 C  CE1 . HIS A 1 188 ? -24.478 -10.744 -4.596  1.00 38.14 ? 188 HIS A CE1 1 
ATOM   1494 N  NE2 . HIS A 1 188 ? -25.776 -10.672 -4.830  1.00 37.63 ? 188 HIS A NE2 1 
ATOM   1495 N  N   . PHE A 1 189 ? -25.444 -4.059  -4.209  1.00 38.17 ? 189 PHE A N   1 
ATOM   1496 C  CA  . PHE A 1 189 ? -25.415 -2.749  -3.582  1.00 39.22 ? 189 PHE A CA  1 
ATOM   1497 C  C   . PHE A 1 189 ? -26.825 -2.169  -3.641  1.00 41.98 ? 189 PHE A C   1 
ATOM   1498 O  O   . PHE A 1 189 ? -27.388 -1.786  -2.616  1.00 42.67 ? 189 PHE A O   1 
ATOM   1499 C  CB  . PHE A 1 189 ? -24.460 -1.823  -4.326  1.00 37.74 ? 189 PHE A CB  1 
ATOM   1500 C  CG  . PHE A 1 189 ? -24.307 -0.477  -3.688  1.00 37.01 ? 189 PHE A CG  1 
ATOM   1501 C  CD1 . PHE A 1 189 ? -23.309 -0.248  -2.747  1.00 35.07 ? 189 PHE A CD1 1 
ATOM   1502 C  CD2 . PHE A 1 189 ? -25.162 0.565   -4.028  1.00 36.60 ? 189 PHE A CD2 1 
ATOM   1503 C  CE1 . PHE A 1 189 ? -23.158 1.003   -2.155  1.00 34.65 ? 189 PHE A CE1 1 
ATOM   1504 C  CE2 . PHE A 1 189 ? -25.024 1.826   -3.440  1.00 38.08 ? 189 PHE A CE2 1 
ATOM   1505 C  CZ  . PHE A 1 189 ? -24.017 2.045   -2.500  1.00 35.65 ? 189 PHE A CZ  1 
ATOM   1506 N  N   . CYS A 1 190 ? -27.387 -2.105  -4.847  1.00 42.78 ? 190 CYS A N   1 
ATOM   1507 C  CA  . CYS A 1 190 ? -28.738 -1.585  -5.040  1.00 43.91 ? 190 CYS A CA  1 
ATOM   1508 C  C   . CYS A 1 190 ? -29.708 -2.225  -4.067  1.00 44.83 ? 190 CYS A C   1 
ATOM   1509 O  O   . CYS A 1 190 ? -30.689 -1.610  -3.668  1.00 45.22 ? 190 CYS A O   1 
ATOM   1510 C  CB  . CYS A 1 190 ? -29.216 -1.837  -6.467  1.00 41.86 ? 190 CYS A CB  1 
ATOM   1511 S  SG  . CYS A 1 190 ? -28.917 -0.468  -7.583  1.00 45.90 ? 190 CYS A SG  1 
ATOM   1512 N  N   . ASP A 1 191 ? -29.435 -3.468  -3.692  1.00 46.73 ? 191 ASP A N   1 
ATOM   1513 C  CA  . ASP A 1 191 ? -30.282 -4.181  -2.744  1.00 48.39 ? 191 ASP A CA  1 
ATOM   1514 C  C   . ASP A 1 191 ? -30.219 -3.503  -1.385  1.00 49.66 ? 191 ASP A C   1 
ATOM   1515 O  O   . ASP A 1 191 ? -31.222 -3.010  -0.871  1.00 50.36 ? 191 ASP A O   1 
ATOM   1516 C  CB  . ASP A 1 191 ? -29.806 -5.629  -2.569  1.00 49.44 ? 191 ASP A CB  1 
ATOM   1517 C  CG  . ASP A 1 191 ? -30.363 -6.570  -3.621  1.00 51.50 ? 191 ASP A CG  1 
ATOM   1518 O  OD1 . ASP A 1 191 ? -31.023 -6.092  -4.570  1.00 51.66 ? 191 ASP A OD1 1 
ATOM   1519 O  OD2 . ASP A 1 191 ? -30.131 -7.794  -3.492  1.00 49.93 ? 191 ASP A OD2 1 
ATOM   1520 N  N   . LYS A 1 192 ? -29.015 -3.486  -0.822  1.00 50.88 ? 192 LYS A N   1 
ATOM   1521 C  CA  . LYS A 1 192 ? -28.741 -2.935  0.499   1.00 51.95 ? 192 LYS A CA  1 
ATOM   1522 C  C   . LYS A 1 192 ? -28.728 -1.412  0.622   1.00 53.04 ? 192 LYS A C   1 
ATOM   1523 O  O   . LYS A 1 192 ? -28.494 -0.884  1.706   1.00 54.95 ? 192 LYS A O   1 
ATOM   1524 C  CB  . LYS A 1 192 ? -27.410 -3.506  0.993   1.00 51.97 ? 192 LYS A CB  1 
ATOM   1525 C  CG  . LYS A 1 192 ? -27.082 -3.238  2.447   1.00 52.13 ? 192 LYS A CG  1 
ATOM   1526 C  CD  . LYS A 1 192 ? -25.782 -3.926  2.828   1.00 52.50 ? 192 LYS A CD  1 
ATOM   1527 C  CE  . LYS A 1 192 ? -25.420 -3.687  4.283   1.00 53.31 ? 192 LYS A CE  1 
ATOM   1528 N  NZ  . LYS A 1 192 ? -24.190 -4.442  4.670   1.00 53.25 ? 192 LYS A NZ  1 
ATOM   1529 N  N   . TYR A 1 193 ? -28.979 -0.702  -0.468  1.00 53.78 ? 193 TYR A N   1 
ATOM   1530 C  CA  . TYR A 1 193 ? -28.975 0.759   -0.413  1.00 55.71 ? 193 TYR A CA  1 
ATOM   1531 C  C   . TYR A 1 193 ? -29.977 1.406   -1.364  1.00 56.70 ? 193 TYR A C   1 
ATOM   1532 O  O   . TYR A 1 193 ? -30.371 2.556   -1.162  1.00 56.59 ? 193 TYR A O   1 
ATOM   1533 C  CB  . TYR A 1 193 ? -27.575 1.318   -0.724  1.00 55.80 ? 193 TYR A CB  1 
ATOM   1534 C  CG  . TYR A 1 193 ? -26.470 0.900   0.232   1.00 55.46 ? 193 TYR A CG  1 
ATOM   1535 C  CD1 . TYR A 1 193 ? -25.648 -0.189  -0.054  1.00 55.46 ? 193 TYR A CD1 1 
ATOM   1536 C  CD2 . TYR A 1 193 ? -26.232 1.609   1.407   1.00 55.29 ? 193 TYR A CD2 1 
ATOM   1537 C  CE1 . TYR A 1 193 ? -24.611 -0.562  0.803   1.00 55.77 ? 193 TYR A CE1 1 
ATOM   1538 C  CE2 . TYR A 1 193 ? -25.199 1.244   2.278   1.00 55.49 ? 193 TYR A CE2 1 
ATOM   1539 C  CZ  . TYR A 1 193 ? -24.392 0.159   1.968   1.00 56.16 ? 193 TYR A CZ  1 
ATOM   1540 O  OH  . TYR A 1 193 ? -23.362 -0.200  2.812   1.00 55.21 ? 193 TYR A OH  1 
ATOM   1541 N  N   . GLY A 1 194 ? -30.377 0.677   -2.401  1.00 57.93 ? 194 GLY A N   1 
ATOM   1542 C  CA  . GLY A 1 194 ? -31.322 1.214   -3.368  1.00 59.61 ? 194 GLY A CA  1 
ATOM   1543 C  C   . GLY A 1 194 ? -30.664 2.233   -4.281  1.00 61.58 ? 194 GLY A C   1 
ATOM   1544 O  O   . GLY A 1 194 ? -30.723 2.117   -5.507  1.00 62.36 ? 194 GLY A O   1 
ATOM   1545 N  N   . ASN A 1 195 ? -30.035 3.229   -3.661  1.00 62.71 ? 195 ASN A N   1 
ATOM   1546 C  CA  . ASN A 1 195 ? -29.327 4.324   -4.329  1.00 63.75 ? 195 ASN A CA  1 
ATOM   1547 C  C   . ASN A 1 195 ? -29.975 4.840   -5.610  1.00 63.61 ? 195 ASN A C   1 
ATOM   1548 O  O   . ASN A 1 195 ? -31.144 4.485   -5.868  1.00 63.11 ? 195 ASN A O   1 
ATOM   1549 C  CB  . ASN A 1 195 ? -27.868 3.925   -4.602  1.00 64.45 ? 195 ASN A CB  1 
ATOM   1550 C  CG  . ASN A 1 195 ? -27.725 2.945   -5.752  1.00 65.07 ? 195 ASN A CG  1 
ATOM   1551 O  OD1 . ASN A 1 195 ? -28.379 1.907   -5.788  1.00 65.72 ? 195 ASN A OD1 1 
ATOM   1552 N  ND2 . ASN A 1 195 ? -26.850 3.272   -6.698  1.00 65.80 ? 195 ASN A ND2 1 
HETATM 1553 O  O   . HOH B 2 .   ? 5.971   -3.747  -6.880  1.00 22.53 ? 207 HOH A O   1 
HETATM 1554 O  O   . HOH B 2 .   ? -2.353  -11.873 6.289   1.00 26.54 ? 208 HOH A O   1 
HETATM 1555 O  O   . HOH B 2 .   ? -23.949 -7.074  -7.726  1.00 19.31 ? 209 HOH A O   1 
HETATM 1556 O  O   . HOH B 2 .   ? 0.081   -2.392  9.861   1.00 18.62 ? 210 HOH A O   1 
HETATM 1557 O  O   . HOH B 2 .   ? -7.297  14.345  -8.687  1.00 28.44 ? 211 HOH A O   1 
HETATM 1558 O  O   . HOH B 2 .   ? 7.436   -6.195  -7.497  1.00 21.68 ? 212 HOH A O   1 
HETATM 1559 O  O   . HOH B 2 .   ? 2.590   5.890   -14.083 1.00 16.38 ? 213 HOH A O   1 
HETATM 1560 O  O   . HOH B 2 .   ? 7.353   -0.470  13.331  1.00 31.19 ? 214 HOH A O   1 
HETATM 1561 O  O   . HOH B 2 .   ? 8.554   -9.890  -3.835  1.00 25.22 ? 215 HOH A O   1 
HETATM 1562 O  O   . HOH B 2 .   ? -15.340 -3.727  -8.654  1.00 22.01 ? 216 HOH A O   1 
HETATM 1563 O  O   . HOH B 2 .   ? 1.656   -15.951 8.460   1.00 26.06 ? 217 HOH A O   1 
HETATM 1564 O  O   . HOH B 2 .   ? -10.175 -7.624  -1.256  1.00 24.47 ? 218 HOH A O   1 
HETATM 1565 O  O   . HOH B 2 .   ? -9.377  -11.461 7.760   1.00 21.36 ? 219 HOH A O   1 
HETATM 1566 O  O   . HOH B 2 .   ? 5.408   -12.955 3.494   1.00 25.58 ? 220 HOH A O   1 
HETATM 1567 O  O   . HOH B 2 .   ? -6.600  -0.790  -4.058  1.00 23.19 ? 221 HOH A O   1 
HETATM 1568 O  O   . HOH B 2 .   ? 8.725   -10.438 -1.313  1.00 28.36 ? 222 HOH A O   1 
HETATM 1569 O  O   . HOH B 2 .   ? 10.485  -5.325  10.790  1.00 33.47 ? 223 HOH A O   1 
HETATM 1570 O  O   . HOH B 2 .   ? -12.575 2.573   -4.711  1.00 24.31 ? 224 HOH A O   1 
HETATM 1571 O  O   . HOH B 2 .   ? -1.547  -14.336 3.167   1.00 26.73 ? 225 HOH A O   1 
HETATM 1572 O  O   . HOH B 2 .   ? 13.925  -15.578 7.193   1.00 30.75 ? 226 HOH A O   1 
HETATM 1573 O  O   . HOH B 2 .   ? 3.075   -23.657 12.759  1.00 40.94 ? 227 HOH A O   1 
HETATM 1574 O  O   . HOH B 2 .   ? -10.522 -5.504  -9.103  1.00 21.08 ? 228 HOH A O   1 
HETATM 1575 O  O   . HOH B 2 .   ? 4.836   -9.360  -16.764 1.00 24.73 ? 229 HOH A O   1 
HETATM 1576 O  O   . HOH B 2 .   ? -4.282  -13.236 14.551  1.00 26.93 ? 230 HOH A O   1 
HETATM 1577 O  O   . HOH B 2 .   ? -6.929  17.054  -8.477  1.00 34.41 ? 231 HOH A O   1 
HETATM 1578 O  O   . HOH B 2 .   ? -18.131 -10.083 -2.983  1.00 32.30 ? 232 HOH A O   1 
HETATM 1579 O  O   . HOH B 2 .   ? 5.786   -4.807  16.083  1.00 29.23 ? 233 HOH A O   1 
HETATM 1580 O  O   . HOH B 2 .   ? -16.140 -4.563  1.444   1.00 39.90 ? 234 HOH A O   1 
HETATM 1581 O  O   . HOH B 2 .   ? 2.374   5.444   12.756  1.00 28.15 ? 235 HOH A O   1 
HETATM 1582 O  O   . HOH B 2 .   ? -10.331 -10.751 -1.532  1.00 28.97 ? 236 HOH A O   1 
HETATM 1583 O  O   . HOH B 2 .   ? 12.148  -10.407 -4.853  1.00 37.68 ? 237 HOH A O   1 
HETATM 1584 O  O   . HOH B 2 .   ? 18.636  -13.800 11.713  1.00 38.68 ? 238 HOH A O   1 
HETATM 1585 O  O   . HOH B 2 .   ? -13.404 9.029   -5.283  1.00 24.70 ? 239 HOH A O   1 
HETATM 1586 O  O   . HOH B 2 .   ? 19.754  10.239  -4.812  1.00 46.97 ? 240 HOH A O   1 
HETATM 1587 O  O   . HOH B 2 .   ? 10.628  9.737   1.246   1.00 37.35 ? 241 HOH A O   1 
HETATM 1588 O  O   . HOH B 2 .   ? -21.765 -10.182 -5.478  1.00 33.51 ? 242 HOH A O   1 
HETATM 1589 O  O   . HOH B 2 .   ? 11.854  -18.716 6.077   1.00 31.24 ? 243 HOH A O   1 
HETATM 1590 O  O   . HOH B 2 .   ? -13.216 -6.894  -6.877  1.00 29.83 ? 244 HOH A O   1 
HETATM 1591 O  O   . HOH B 2 .   ? 2.516   -4.263  -21.815 1.00 38.53 ? 245 HOH A O   1 
HETATM 1592 O  O   . HOH B 2 .   ? -10.290 14.093  2.863   1.00 32.41 ? 246 HOH A O   1 
HETATM 1593 O  O   . HOH B 2 .   ? -27.371 -6.469  -0.913  1.00 47.97 ? 247 HOH A O   1 
HETATM 1594 O  O   . HOH B 2 .   ? -28.403 -2.110  -15.337 1.00 31.21 ? 248 HOH A O   1 
HETATM 1595 O  O   . HOH B 2 .   ? -0.955  -1.677  -14.559 1.00 38.80 ? 249 HOH A O   1 
HETATM 1596 O  O   . HOH B 2 .   ? 10.502  11.468  -0.946  1.00 27.87 ? 250 HOH A O   1 
HETATM 1597 O  O   . HOH B 2 .   ? 19.352  2.096   7.088   1.00 34.58 ? 251 HOH A O   1 
HETATM 1598 O  O   . HOH B 2 .   ? 16.512  -8.720  8.261   1.00 37.18 ? 252 HOH A O   1 
HETATM 1599 O  O   . HOH B 2 .   ? -13.086 -12.786 12.235  1.00 40.32 ? 253 HOH A O   1 
HETATM 1600 O  O   . HOH B 2 .   ? 5.543   -12.534 0.105   1.00 30.75 ? 254 HOH A O   1 
HETATM 1601 O  O   . HOH B 2 .   ? -15.090 11.047  -1.524  1.00 40.17 ? 255 HOH A O   1 
HETATM 1602 O  O   . HOH B 2 .   ? 12.647  0.335   -17.173 1.00 34.42 ? 256 HOH A O   1 
HETATM 1603 O  O   . HOH B 2 .   ? -7.092  -2.987  11.866  1.00 24.36 ? 257 HOH A O   1 
HETATM 1604 O  O   . HOH B 2 .   ? -16.085 2.839   -4.913  1.00 41.35 ? 258 HOH A O   1 
HETATM 1605 O  O   . HOH B 2 .   ? 4.979   6.239   8.549   1.00 43.21 ? 259 HOH A O   1 
HETATM 1606 O  O   . HOH B 2 .   ? 11.964  -2.447  -10.002 1.00 32.05 ? 260 HOH A O   1 
HETATM 1607 O  O   . HOH B 2 .   ? -6.940  -13.115 13.489  1.00 35.77 ? 261 HOH A O   1 
HETATM 1608 O  O   . HOH B 2 .   ? -2.102  12.120  -11.133 1.00 36.61 ? 262 HOH A O   1 
HETATM 1609 O  O   . HOH B 2 .   ? 10.184  15.688  -7.835  1.00 31.10 ? 263 HOH A O   1 
HETATM 1610 O  O   . HOH B 2 .   ? 9.688   -3.589  -17.779 1.00 45.53 ? 264 HOH A O   1 
HETATM 1611 O  O   . HOH B 2 .   ? 16.899  -2.031  0.027   1.00 41.28 ? 265 HOH A O   1 
HETATM 1612 O  O   . HOH B 2 .   ? -4.565  3.181   15.351  1.00 43.61 ? 266 HOH A O   1 
HETATM 1613 O  O   . HOH B 2 .   ? -2.479  7.492   12.489  1.00 43.99 ? 267 HOH A O   1 
HETATM 1614 O  O   . HOH B 2 .   ? 12.489  -10.034 1.439   1.00 40.44 ? 268 HOH A O   1 
HETATM 1615 O  O   . HOH B 2 .   ? 16.855  1.294   -13.965 1.00 48.88 ? 269 HOH A O   1 
HETATM 1616 O  O   . HOH B 2 .   ? -4.723  -15.698 15.184  1.00 34.23 ? 270 HOH A O   1 
HETATM 1617 O  O   . HOH B 2 .   ? -12.550 13.093  -11.351 1.00 33.01 ? 271 HOH A O   1 
HETATM 1618 O  O   . HOH B 2 .   ? 1.353   -0.728  18.700  1.00 44.09 ? 272 HOH A O   1 
HETATM 1619 O  O   . HOH B 2 .   ? -10.719 -11.846 12.026  1.00 39.71 ? 273 HOH A O   1 
HETATM 1620 O  O   . HOH B 2 .   ? -2.338  -1.405  -10.328 1.00 40.45 ? 274 HOH A O   1 
HETATM 1621 O  O   . HOH B 2 .   ? 17.403  -6.925  -5.968  1.00 42.72 ? 275 HOH A O   1 
HETATM 1622 O  O   . HOH B 2 .   ? 5.416   20.802  0.003   1.00 48.14 ? 276 HOH A O   1 
HETATM 1623 O  O   . HOH B 2 .   ? 14.193  -18.035 5.868   1.00 41.96 ? 277 HOH A O   1 
HETATM 1624 O  O   . HOH B 2 .   ? 4.278   8.638   -19.168 1.00 43.87 ? 278 HOH A O   1 
HETATM 1625 O  O   . HOH B 2 .   ? 17.684  3.045   -9.906  1.00 44.25 ? 279 HOH A O   1 
HETATM 1626 O  O   . HOH B 2 .   ? 15.132  0.324   10.432  1.00 38.92 ? 280 HOH A O   1 
HETATM 1627 O  O   . HOH B 2 .   ? 21.934  0.958   -3.970  1.00 43.85 ? 281 HOH A O   1 
HETATM 1628 O  O   . HOH B 2 .   ? 1.592   -8.551  20.035  1.00 54.97 ? 282 HOH A O   1 
HETATM 1629 O  O   . HOH B 2 .   ? 11.615  -9.865  -10.703 1.00 42.16 ? 283 HOH A O   1 
HETATM 1630 O  O   . HOH B 2 .   ? 14.465  -6.562  -8.150  1.00 44.68 ? 284 HOH A O   1 
HETATM 1631 O  O   . HOH B 2 .   ? -1.558  -2.587  -8.082  1.00 17.15 ? 285 HOH A O   1 
HETATM 1632 O  O   . HOH B 2 .   ? -11.953 -10.183 0.669   1.00 23.64 ? 286 HOH A O   1 
HETATM 1633 O  O   . HOH B 2 .   ? -11.077 -12.519 6.011   1.00 26.56 ? 287 HOH A O   1 
HETATM 1634 O  O   . HOH B 2 .   ? 18.249  -10.891 7.294   1.00 32.11 ? 288 HOH A O   1 
HETATM 1635 O  O   . HOH B 2 .   ? -13.627 -3.990  3.174   1.00 35.85 ? 289 HOH A O   1 
HETATM 1636 O  O   . HOH B 2 .   ? -31.205 6.518   -8.406  1.00 42.34 ? 290 HOH A O   1 
HETATM 1637 O  O   . HOH B 2 .   ? 18.082  0.293   -10.549 1.00 43.92 ? 291 HOH A O   1 
HETATM 1638 O  O   . HOH B 2 .   ? 11.245  -10.493 -0.500  1.00 44.29 ? 292 HOH A O   1 
HETATM 1639 O  O   . HOH B 2 .   ? 5.644   -14.884 1.186   1.00 37.01 ? 293 HOH A O   1 
HETATM 1640 O  O   . HOH B 2 .   ? 9.370   1.420   12.586  1.00 39.39 ? 294 HOH A O   1 
HETATM 1641 O  O   . HOH B 2 .   ? -5.081  -1.122  15.805  1.00 37.08 ? 295 HOH A O   1 
HETATM 1642 O  O   . HOH B 2 .   ? -9.143  15.368  -10.134 1.00 45.05 ? 296 HOH A O   1 
HETATM 1643 O  O   . HOH B 2 .   ? 3.679   -18.057 7.802   1.00 33.57 ? 297 HOH A O   1 
HETATM 1644 O  O   . HOH B 2 .   ? 13.487  -7.243  1.116   1.00 37.21 ? 298 HOH A O   1 
HETATM 1645 O  O   . HOH B 2 .   ? 4.406   12.275  -15.109 1.00 53.43 ? 299 HOH A O   1 
HETATM 1646 O  O   . HOH B 2 .   ? 15.698  -5.732  1.610   1.00 31.84 ? 300 HOH A O   1 
HETATM 1647 O  O   . HOH B 2 .   ? -8.109  12.829  2.460   1.00 44.27 ? 301 HOH A O   1 
HETATM 1648 O  O   . HOH B 2 .   ? 3.777   -12.581 -15.391 1.00 36.64 ? 302 HOH A O   1 
HETATM 1649 O  O   . HOH B 2 .   ? 12.830  -13.705 1.941   1.00 40.89 ? 303 HOH A O   1 
HETATM 1650 O  O   . HOH B 2 .   ? 5.862   -12.064 14.880  1.00 44.88 ? 304 HOH A O   1 
HETATM 1651 O  O   . HOH B 2 .   ? -14.762 0.944   -8.274  1.00 43.95 ? 305 HOH A O   1 
HETATM 1652 O  O   . HOH B 2 .   ? 16.479  -15.161 5.589   1.00 44.70 ? 306 HOH A O   1 
HETATM 1653 O  O   . HOH B 2 .   ? 12.844  -13.014 12.579  1.00 37.38 ? 307 HOH A O   1 
HETATM 1654 O  O   . HOH B 2 .   ? 18.557  5.015   -12.282 1.00 43.03 ? 308 HOH A O   1 
HETATM 1655 O  O   . HOH B 2 .   ? 16.669  7.584   -2.164  1.00 33.87 ? 309 HOH A O   1 
HETATM 1656 O  O   . HOH B 2 .   ? 17.500  5.174   -8.366  1.00 51.18 ? 310 HOH A O   1 
HETATM 1657 O  O   . HOH B 2 .   ? 7.483   6.052   -21.129 1.00 45.05 ? 311 HOH A O   1 
HETATM 1658 O  O   . HOH B 2 .   ? -7.086  -2.967  14.828  1.00 38.88 ? 312 HOH A O   1 
HETATM 1659 O  O   . HOH B 2 .   ? 9.077   6.875   -16.835 1.00 42.05 ? 313 HOH A O   1 
HETATM 1660 O  O   . HOH B 2 .   ? 4.789   5.349   10.891  1.00 45.68 ? 314 HOH A O   1 
HETATM 1661 O  O   . HOH B 2 .   ? -1.892  -15.504 0.658   1.00 41.15 ? 315 HOH A O   1 
HETATM 1662 O  O   . HOH B 2 .   ? 16.097  -15.296 13.856  1.00 44.49 ? 316 HOH A O   1 
HETATM 1663 O  O   . HOH B 2 .   ? -31.689 6.997   -4.626  1.00 50.83 ? 317 HOH A O   1 
HETATM 1664 O  O   . HOH B 2 .   ? 19.326  -10.114 15.023  1.00 43.52 ? 318 HOH A O   1 
HETATM 1665 O  O   . HOH B 2 .   ? -12.467 11.147  8.057   1.00 58.97 ? 319 HOH A O   1 
HETATM 1666 O  O   . HOH B 2 .   ? -1.134  7.935   15.020  1.00 41.56 ? 320 HOH A O   1 
HETATM 1667 O  O   . HOH B 2 .   ? -14.189 -10.436 13.591  1.00 41.77 ? 321 HOH A O   1 
HETATM 1668 O  O   . HOH B 2 .   ? -0.322  -7.064  17.044  1.00 36.80 ? 322 HOH A O   1 
HETATM 1669 O  O   . HOH B 2 .   ? -1.836  14.018  4.538   1.00 56.64 ? 323 HOH A O   1 
HETATM 1670 O  O   . HOH B 2 .   ? 19.175  -7.435  -4.199  1.00 53.01 ? 324 HOH A O   1 
HETATM 1671 O  O   . HOH B 2 .   ? 9.545   17.734  -10.133 1.00 40.49 ? 325 HOH A O   1 
HETATM 1672 O  O   . HOH B 2 .   ? 17.351  -17.221 12.715  1.00 39.46 ? 326 HOH A O   1 
HETATM 1673 O  O   . HOH B 2 .   ? -8.726  7.038   11.657  1.00 44.89 ? 327 HOH A O   1 
HETATM 1674 O  O   . HOH B 2 .   ? 14.777  -11.127 0.808   1.00 40.76 ? 328 HOH A O   1 
HETATM 1675 O  O   . HOH B 2 .   ? 12.368  -4.366  18.583  1.00 38.42 ? 329 HOH A O   1 
HETATM 1676 O  O   . HOH B 2 .   ? 11.765  10.855  -12.680 1.00 43.54 ? 330 HOH A O   1 
HETATM 1677 O  O   . HOH B 2 .   ? -3.025  9.589   9.128   1.00 42.16 ? 331 HOH A O   1 
HETATM 1678 O  O   . HOH B 2 .   ? -14.527 8.685   -13.637 1.00 57.68 ? 332 HOH A O   1 
HETATM 1679 O  O   . HOH B 2 .   ? 18.182  -2.171  6.584   1.00 33.68 ? 333 HOH A O   1 
# 
